data_9DOS
#
_entry.id   9DOS
#
_cell.length_a   72.903
_cell.length_b   91.375
_cell.length_c   90.157
_cell.angle_alpha   114.902
_cell.angle_beta   90.144
_cell.angle_gamma   93.424
#
_symmetry.space_group_name_H-M   'P 1'
#
loop_
_entity.id
_entity.type
_entity.pdbx_description
1 polymer '8-amino-7-oxononanoate synthase'
2 non-polymer GLYCEROL
3 non-polymer '(2Z)-2-[({3-hydroxy-2-methyl-5-[(phosphonooxy)methyl]pyridin-4-yl}methyl)imino]butanoic acid'
4 water water
#
_entity_poly.entity_id   1
_entity_poly.type   'polypeptide(L)'
_entity_poly.pdbx_seq_one_letter_code
;MGSSHHHHHHENLYFQSNAANGKVVSEMIAWIKSQKLIAPRMKDAPTFYRNLEEALDVRRSTQSLMTRGQSTWKTGDAID
FCSNDLLSLGLTGELRREFLAELARHPDFSLHSGGSRVMGGNYDYIEAVEQEIADFLGAETALMFNSGSNGNIAIYTAIP
RPGDAIVYDELVHFSTHTGMAASLATTKVAFRHNDLDAFREAMSSTMDSHPMLQDGSRSILVSVESVYSMDGDVCPLVEM
LEIAREICPKGNFAFIADEAHATGVVGPRGVGLVKLLGLENEVAIRLNTCGKALACTGSVVLGNATVRNMLLNYAGSLVN
TTAPSFPSVAVIRAAYNLMRTGATQKAQDNIQHLVKYFFESITSSNIWDKATDLGILSIPVAEDYESLDFVTHIVPIWTR
QKYNWWLFFHLQLAKIAVVPIDYPQVPKGKSRVRVMIHAGNTEEQVDYLVATLCDFANEMIDIEEGGEKGKIPKAAQEIY
ALMAAHA
;
_entity_poly.pdbx_strand_id   A,B,C,D
#
# COMPACT_ATOMS: atom_id res chain seq x y z
N VAL A 24 -4.68 -27.31 31.17
CA VAL A 24 -4.37 -28.29 30.14
C VAL A 24 -4.67 -27.75 28.74
N VAL A 25 -3.95 -28.27 27.75
CA VAL A 25 -4.24 -27.94 26.35
C VAL A 25 -5.60 -28.48 25.97
N SER A 26 -6.03 -29.56 26.62
CA SER A 26 -7.30 -30.21 26.26
C SER A 26 -8.49 -29.33 26.60
N GLU A 27 -8.47 -28.67 27.77
CA GLU A 27 -9.56 -27.77 28.12
C GLU A 27 -9.61 -26.60 27.15
N MET A 28 -8.45 -26.07 26.76
CA MET A 28 -8.46 -24.96 25.81
C MET A 28 -8.83 -25.43 24.42
N ILE A 29 -8.43 -26.65 24.03
CA ILE A 29 -8.81 -27.17 22.72
C ILE A 29 -10.32 -27.36 22.64
N ALA A 30 -10.92 -27.96 23.67
CA ALA A 30 -12.38 -28.14 23.69
C ALA A 30 -13.08 -26.79 23.59
N TRP A 31 -12.61 -25.81 24.37
CA TRP A 31 -13.14 -24.45 24.27
C TRP A 31 -12.99 -23.90 22.86
N ILE A 32 -11.84 -24.16 22.22
CA ILE A 32 -11.62 -23.68 20.86
C ILE A 32 -12.63 -24.29 19.90
N LYS A 33 -12.89 -25.58 20.04
CA LYS A 33 -13.83 -26.26 19.14
C LYS A 33 -15.26 -25.75 19.36
N SER A 34 -15.64 -25.48 20.60
CA SER A 34 -17.00 -25.04 20.89
C SER A 34 -17.35 -23.70 20.25
N GLN A 35 -16.36 -22.99 19.72
CA GLN A 35 -16.61 -21.70 19.08
C GLN A 35 -16.79 -21.82 17.57
N LYS A 36 -16.57 -22.99 16.99
CA LYS A 36 -16.82 -23.19 15.57
C LYS A 36 -18.32 -23.10 15.29
N LEU A 37 -18.69 -22.22 14.36
CA LEU A 37 -20.10 -21.99 14.07
C LEU A 37 -20.76 -23.28 13.58
N ILE A 38 -22.07 -23.35 13.77
CA ILE A 38 -22.83 -24.56 13.45
C ILE A 38 -24.06 -24.30 12.60
N ALA A 39 -24.58 -23.07 12.56
CA ALA A 39 -25.70 -22.69 11.69
C ALA A 39 -25.54 -23.14 10.24
N PRO A 40 -24.32 -23.13 9.66
CA PRO A 40 -24.17 -23.70 8.31
C PRO A 40 -24.74 -25.10 8.15
N ARG A 41 -24.40 -26.03 9.05
CA ARG A 41 -24.88 -27.40 8.96
C ARG A 41 -26.37 -27.51 9.22
N MET A 42 -27.00 -26.46 9.73
CA MET A 42 -28.42 -26.47 10.10
C MET A 42 -29.22 -25.87 8.94
N LYS A 43 -29.77 -26.74 8.10
CA LYS A 43 -30.71 -26.33 7.05
C LYS A 43 -31.96 -27.18 7.14
N ASP A 44 -31.84 -28.44 6.74
CA ASP A 44 -32.88 -29.43 6.99
C ASP A 44 -33.01 -29.77 8.46
N ALA A 45 -32.18 -29.19 9.31
CA ALA A 45 -32.42 -29.24 10.75
C ALA A 45 -33.74 -28.56 11.05
N PRO A 46 -34.59 -29.14 11.90
CA PRO A 46 -35.88 -28.52 12.21
C PRO A 46 -35.73 -27.09 12.71
N THR A 47 -36.80 -26.31 12.51
CA THR A 47 -36.81 -24.89 12.88
C THR A 47 -36.33 -24.68 14.30
N PHE A 48 -36.83 -25.49 15.23
CA PHE A 48 -36.59 -25.25 16.65
C PHE A 48 -35.12 -25.39 17.00
N TYR A 49 -34.45 -26.42 16.47
CA TYR A 49 -33.03 -26.58 16.77
C TYR A 49 -32.17 -25.61 15.98
N ARG A 50 -32.61 -25.20 14.79
CA ARG A 50 -31.84 -24.23 14.01
C ARG A 50 -31.85 -22.86 14.68
N ASN A 51 -33.01 -22.38 15.10
CA ASN A 51 -33.08 -21.09 15.80
C ASN A 51 -32.33 -21.14 17.13
N LEU A 52 -32.37 -22.30 17.81
CA LEU A 52 -31.64 -22.44 19.06
C LEU A 52 -30.13 -22.37 18.83
N GLU A 53 -29.64 -23.10 17.83
CA GLU A 53 -28.23 -23.09 17.50
C GLU A 53 -27.81 -21.79 16.83
N GLU A 54 -28.77 -21.06 16.25
CA GLU A 54 -28.48 -19.74 15.70
C GLU A 54 -28.21 -18.73 16.83
N ALA A 55 -28.92 -18.88 17.95
CA ALA A 55 -28.68 -18.03 19.10
C ALA A 55 -27.33 -18.35 19.75
N LEU A 56 -26.98 -19.65 19.80
CA LEU A 56 -25.67 -20.05 20.31
C LEU A 56 -24.55 -19.48 19.47
N ASP A 57 -24.75 -19.40 18.15
CA ASP A 57 -23.72 -18.88 17.26
C ASP A 57 -23.40 -17.42 17.56
N VAL A 58 -24.38 -16.66 18.08
CA VAL A 58 -24.13 -15.28 18.45
C VAL A 58 -23.00 -15.19 19.48
N ARG A 59 -22.97 -16.16 20.41
CA ARG A 59 -21.90 -16.20 21.40
C ARG A 59 -20.59 -16.71 20.80
N ARG A 60 -20.66 -17.71 19.92
CA ARG A 60 -19.45 -18.23 19.31
C ARG A 60 -18.75 -17.17 18.47
N SER A 61 -19.52 -16.44 17.64
CA SER A 61 -18.95 -15.42 16.78
C SER A 61 -18.29 -14.29 17.58
N THR A 62 -18.49 -14.23 18.89
CA THR A 62 -17.72 -13.36 19.77
C THR A 62 -16.79 -14.17 20.67
N GLN A 63 -16.70 -15.48 20.44
CA GLN A 63 -15.75 -16.37 21.12
C GLN A 63 -15.99 -16.42 22.63
N SER A 64 -17.25 -16.27 23.04
CA SER A 64 -17.59 -16.25 24.46
C SER A 64 -18.66 -17.28 24.81
N LEU A 65 -18.84 -18.30 23.98
CA LEU A 65 -19.69 -19.42 24.35
C LEU A 65 -19.09 -20.12 25.56
N MET A 66 -19.95 -20.54 26.49
CA MET A 66 -19.53 -21.26 27.68
C MET A 66 -20.03 -22.69 27.62
N THR A 67 -19.18 -23.63 27.99
CA THR A 67 -19.53 -25.05 27.91
C THR A 67 -19.23 -25.78 29.22
N ARG A 68 -17.94 -25.96 29.51
CA ARG A 68 -17.50 -26.76 30.64
C ARG A 68 -16.77 -25.95 31.70
N GLY A 69 -16.53 -24.67 31.49
CA GLY A 69 -15.93 -23.82 32.51
C GLY A 69 -14.42 -23.94 32.58
N GLN A 70 -13.89 -23.49 33.72
CA GLN A 70 -12.46 -23.52 34.02
C GLN A 70 -12.26 -24.46 35.19
N SER A 71 -12.00 -25.72 34.90
CA SER A 71 -11.72 -26.74 35.92
C SER A 71 -10.27 -27.20 35.88
N THR A 72 -9.40 -26.44 35.21
CA THR A 72 -8.01 -26.84 35.08
C THR A 72 -7.31 -26.94 36.44
N TRP A 73 -7.73 -26.13 37.41
CA TRP A 73 -7.14 -26.16 38.73
C TRP A 73 -7.54 -27.41 39.51
N LYS A 74 -8.73 -27.95 39.25
CA LYS A 74 -9.32 -28.95 40.13
C LYS A 74 -8.48 -30.23 40.20
N THR A 75 -7.83 -30.60 39.12
CA THR A 75 -7.03 -31.83 39.12
C THR A 75 -5.66 -31.62 39.74
N GLY A 76 -5.07 -30.44 39.57
CA GLY A 76 -3.71 -30.18 40.00
C GLY A 76 -2.79 -29.70 38.89
N ASP A 77 -3.28 -29.55 37.67
CA ASP A 77 -2.48 -29.09 36.55
C ASP A 77 -2.47 -27.57 36.42
N ALA A 78 -2.98 -26.85 37.43
CA ALA A 78 -2.99 -25.40 37.41
C ALA A 78 -3.26 -24.88 38.82
N ILE A 79 -2.69 -23.71 39.10
CA ILE A 79 -2.90 -23.05 40.39
C ILE A 79 -4.34 -22.52 40.47
N ASP A 80 -4.94 -22.61 41.65
CA ASP A 80 -6.32 -22.15 41.82
C ASP A 80 -6.31 -20.70 42.28
N PHE A 81 -6.43 -19.78 41.32
CA PHE A 81 -6.76 -18.39 41.58
C PHE A 81 -8.14 -18.04 41.03
N CYS A 82 -9.07 -18.99 40.98
CA CYS A 82 -10.33 -18.75 40.30
C CYS A 82 -11.57 -19.24 41.05
N SER A 83 -11.43 -20.27 41.87
CA SER A 83 -12.60 -20.89 42.48
C SER A 83 -13.16 -19.99 43.59
N ASN A 84 -14.37 -20.35 44.04
CA ASN A 84 -15.05 -19.67 45.14
C ASN A 84 -14.82 -20.37 46.48
N ASP A 85 -13.86 -21.29 46.56
CA ASP A 85 -13.55 -22.00 47.80
C ASP A 85 -12.56 -21.18 48.63
N LEU A 86 -13.10 -20.13 49.25
CA LEU A 86 -12.26 -19.06 49.78
C LEU A 86 -11.42 -19.51 50.97
N LEU A 87 -12.00 -20.30 51.88
CA LEU A 87 -11.31 -20.76 53.07
C LEU A 87 -10.64 -22.12 52.90
N SER A 88 -10.63 -22.65 51.68
CA SER A 88 -10.10 -23.98 51.37
C SER A 88 -10.77 -25.08 52.18
N LEU A 89 -12.00 -24.84 52.62
CA LEU A 89 -12.75 -25.88 53.32
C LEU A 89 -13.02 -27.06 52.39
N GLY A 90 -13.25 -26.79 51.11
CA GLY A 90 -13.42 -27.87 50.16
C GLY A 90 -12.11 -28.59 49.86
N LEU A 91 -11.04 -27.83 49.63
CA LEU A 91 -9.76 -28.41 49.27
C LEU A 91 -9.23 -29.33 50.36
N THR A 92 -9.35 -28.92 51.63
CA THR A 92 -8.76 -29.65 52.74
C THR A 92 -9.62 -30.81 53.23
N GLY A 93 -10.89 -30.89 52.82
CA GLY A 93 -11.77 -31.88 53.37
C GLY A 93 -12.21 -31.62 54.78
N GLU A 94 -11.98 -30.40 55.29
CA GLU A 94 -12.43 -30.05 56.63
C GLU A 94 -13.95 -30.10 56.73
N LEU A 95 -14.64 -29.44 55.79
CA LEU A 95 -16.09 -29.44 55.82
C LEU A 95 -16.65 -30.85 55.60
N ARG A 96 -16.02 -31.62 54.72
CA ARG A 96 -16.47 -33.00 54.49
C ARG A 96 -16.43 -33.80 55.78
N ARG A 97 -15.30 -33.73 56.50
CA ARG A 97 -15.16 -34.51 57.73
C ARG A 97 -16.21 -34.11 58.77
N GLU A 98 -16.45 -32.80 58.92
CA GLU A 98 -17.47 -32.36 59.87
C GLU A 98 -18.87 -32.71 59.37
N PHE A 99 -19.08 -32.66 58.06
CA PHE A 99 -20.39 -33.00 57.49
C PHE A 99 -20.74 -34.46 57.78
N LEU A 100 -19.78 -35.37 57.55
CA LEU A 100 -20.04 -36.79 57.77
C LEU A 100 -20.21 -37.12 59.25
N ALA A 101 -19.51 -36.39 60.13
CA ALA A 101 -19.72 -36.59 61.56
C ALA A 101 -21.08 -36.08 62.01
N GLU A 102 -21.57 -35.01 61.40
CA GLU A 102 -22.92 -34.53 61.70
C GLU A 102 -23.98 -35.54 61.25
N LEU A 103 -23.79 -36.13 60.07
CA LEU A 103 -24.70 -37.19 59.64
C LEU A 103 -24.64 -38.38 60.57
N ALA A 104 -23.45 -38.70 61.07
CA ALA A 104 -23.28 -39.86 61.93
C ALA A 104 -23.89 -39.64 63.30
N ARG A 105 -23.91 -38.39 63.79
CA ARG A 105 -24.55 -38.11 65.07
C ARG A 105 -26.07 -38.13 64.98
N HIS A 106 -26.63 -38.26 63.77
CA HIS A 106 -28.06 -38.42 63.54
C HIS A 106 -28.28 -39.69 62.72
N PRO A 107 -28.09 -40.88 63.31
CA PRO A 107 -28.07 -42.11 62.50
C PRO A 107 -29.37 -42.43 61.80
N ASP A 108 -30.51 -41.88 62.25
CA ASP A 108 -31.81 -42.22 61.67
C ASP A 108 -32.49 -41.00 61.05
N PHE A 109 -31.72 -40.11 60.44
CA PHE A 109 -32.31 -38.87 59.94
C PHE A 109 -33.29 -39.15 58.81
N SER A 110 -34.42 -38.43 58.84
CA SER A 110 -35.37 -38.47 57.74
C SER A 110 -34.81 -37.65 56.59
N LEU A 111 -34.36 -38.32 55.53
CA LEU A 111 -33.75 -37.62 54.41
C LEU A 111 -34.73 -36.63 53.78
N HIS A 112 -35.93 -37.11 53.45
CA HIS A 112 -36.86 -36.32 52.68
C HIS A 112 -37.63 -35.35 53.57
N SER A 113 -37.77 -34.11 53.10
CA SER A 113 -38.49 -33.10 53.87
C SER A 113 -39.99 -33.39 53.91
N GLY A 114 -40.53 -33.97 52.85
CA GLY A 114 -41.94 -34.30 52.76
C GLY A 114 -42.72 -33.42 51.80
N GLY A 115 -42.21 -32.24 51.49
CA GLY A 115 -42.90 -31.33 50.58
C GLY A 115 -42.38 -29.92 50.75
N SER A 116 -43.23 -28.96 50.40
CA SER A 116 -42.87 -27.56 50.54
C SER A 116 -42.86 -27.15 52.01
N ARG A 117 -42.08 -26.11 52.31
CA ARG A 117 -41.84 -25.71 53.69
C ARG A 117 -43.12 -25.32 54.42
N VAL A 118 -44.18 -24.95 53.71
CA VAL A 118 -45.43 -24.53 54.31
C VAL A 118 -46.54 -25.57 54.17
N MET A 119 -46.26 -26.71 53.55
CA MET A 119 -47.27 -27.71 53.28
C MET A 119 -46.96 -29.09 53.87
N GLY A 120 -45.91 -29.20 54.68
CA GLY A 120 -45.55 -30.48 55.27
C GLY A 120 -44.09 -30.82 55.07
N GLY A 121 -43.30 -29.84 54.64
CA GLY A 121 -41.87 -29.98 54.53
C GLY A 121 -41.09 -29.41 55.70
N ASN A 122 -41.78 -28.93 56.73
CA ASN A 122 -41.12 -28.39 57.91
C ASN A 122 -40.72 -29.50 58.85
N TYR A 123 -39.60 -29.30 59.55
CA TYR A 123 -39.20 -30.25 60.57
C TYR A 123 -38.32 -29.57 61.62
N ASP A 124 -38.13 -30.28 62.74
CA ASP A 124 -37.47 -29.68 63.90
C ASP A 124 -36.00 -29.37 63.62
N TYR A 125 -35.33 -30.25 62.88
CA TYR A 125 -33.89 -30.09 62.65
C TYR A 125 -33.60 -28.80 61.90
N ILE A 126 -34.37 -28.50 60.87
CA ILE A 126 -34.06 -27.34 60.04
C ILE A 126 -34.39 -26.04 60.79
N GLU A 127 -35.47 -26.05 61.58
CA GLU A 127 -35.78 -24.89 62.40
C GLU A 127 -34.69 -24.63 63.43
N ALA A 128 -34.24 -25.68 64.11
CA ALA A 128 -33.18 -25.54 65.11
C ALA A 128 -31.88 -25.05 64.48
N VAL A 129 -31.52 -25.60 63.31
CA VAL A 129 -30.34 -25.12 62.60
C VAL A 129 -30.50 -23.65 62.24
N GLU A 130 -31.68 -23.27 61.74
CA GLU A 130 -31.93 -21.89 61.38
C GLU A 130 -31.66 -20.94 62.56
N GLN A 131 -32.13 -21.31 63.74
CA GLN A 131 -31.96 -20.43 64.88
C GLN A 131 -30.52 -20.39 65.36
N GLU A 132 -29.77 -21.48 65.18
CA GLU A 132 -28.34 -21.46 65.49
C GLU A 132 -27.61 -20.47 64.59
N ILE A 133 -27.97 -20.42 63.30
CA ILE A 133 -27.33 -19.49 62.37
C ILE A 133 -27.75 -18.06 62.67
N ALA A 134 -29.04 -17.85 62.96
CA ALA A 134 -29.52 -16.52 63.32
C ALA A 134 -28.78 -16.00 64.55
N ASP A 135 -28.64 -16.84 65.57
CA ASP A 135 -28.00 -16.40 66.82
C ASP A 135 -26.50 -16.19 66.63
N PHE A 136 -25.85 -17.01 65.80
CA PHE A 136 -24.45 -16.79 65.51
C PHE A 136 -24.25 -15.48 64.74
N LEU A 137 -25.18 -15.16 63.85
CA LEU A 137 -25.10 -13.94 63.06
C LEU A 137 -25.75 -12.73 63.74
N GLY A 138 -26.33 -12.91 64.91
CA GLY A 138 -26.92 -11.80 65.63
C GLY A 138 -28.25 -11.33 65.08
N ALA A 139 -29.05 -12.24 64.53
CA ALA A 139 -30.36 -11.93 64.00
C ALA A 139 -31.43 -12.67 64.79
N GLU A 140 -32.65 -12.14 64.71
CA GLU A 140 -33.75 -12.70 65.50
C GLU A 140 -34.22 -14.04 64.94
N THR A 141 -34.34 -14.14 63.62
CA THR A 141 -34.69 -15.41 62.98
C THR A 141 -33.90 -15.57 61.68
N ALA A 142 -33.95 -16.78 61.14
CA ALA A 142 -33.36 -17.10 59.85
C ALA A 142 -34.29 -18.02 59.08
N LEU A 143 -34.23 -17.95 57.76
CA LEU A 143 -35.01 -18.79 56.87
C LEU A 143 -34.11 -19.32 55.75
N MET A 144 -34.10 -20.64 55.58
CA MET A 144 -33.13 -21.32 54.73
C MET A 144 -33.69 -21.56 53.34
N PHE A 145 -32.85 -21.34 52.33
CA PHE A 145 -33.19 -21.54 50.92
C PHE A 145 -32.18 -22.49 50.28
N ASN A 146 -32.52 -22.91 49.05
CA ASN A 146 -31.61 -23.74 48.27
C ASN A 146 -30.36 -23.00 47.82
N SER A 147 -30.43 -21.68 47.71
CA SER A 147 -29.33 -20.91 47.14
C SER A 147 -29.47 -19.46 47.54
N GLY A 148 -28.37 -18.72 47.40
CA GLY A 148 -28.44 -17.28 47.56
C GLY A 148 -29.34 -16.64 46.54
N SER A 149 -29.32 -17.16 45.30
CA SER A 149 -30.18 -16.62 44.25
C SER A 149 -31.65 -16.76 44.61
N ASN A 150 -32.05 -17.94 45.08
CA ASN A 150 -33.43 -18.13 45.52
C ASN A 150 -33.78 -17.22 46.69
N GLY A 151 -32.82 -16.91 47.55
CA GLY A 151 -33.08 -15.99 48.65
C GLY A 151 -33.40 -14.59 48.17
N ASN A 152 -32.58 -14.07 47.24
CA ASN A 152 -32.83 -12.75 46.68
C ASN A 152 -34.15 -12.73 45.93
N ILE A 153 -34.45 -13.78 45.16
CA ILE A 153 -35.74 -13.88 44.48
C ILE A 153 -36.88 -13.71 45.48
N ALA A 154 -36.78 -14.43 46.61
CA ALA A 154 -37.84 -14.38 47.61
C ALA A 154 -37.94 -13.01 48.26
N ILE A 155 -36.79 -12.38 48.55
CA ILE A 155 -36.79 -11.09 49.22
C ILE A 155 -37.53 -10.05 48.40
N TYR A 156 -37.17 -9.92 47.13
CA TYR A 156 -37.67 -8.82 46.32
C TYR A 156 -39.02 -9.08 45.69
N THR A 157 -39.52 -10.32 45.71
CA THR A 157 -40.90 -10.53 45.26
C THR A 157 -41.89 -10.48 46.43
N ALA A 158 -41.46 -10.85 47.62
CA ALA A 158 -42.36 -10.94 48.77
C ALA A 158 -42.41 -9.67 49.59
N ILE A 159 -41.30 -8.94 49.70
CA ILE A 159 -41.16 -7.87 50.70
C ILE A 159 -41.64 -6.51 50.20
N PRO A 160 -41.25 -6.03 49.02
CA PRO A 160 -41.74 -4.71 48.59
C PRO A 160 -43.26 -4.69 48.46
N ARG A 161 -43.88 -3.66 49.07
CA ARG A 161 -45.30 -3.36 49.04
C ARG A 161 -45.62 -2.41 47.90
N PRO A 162 -46.86 -2.41 47.39
CA PRO A 162 -47.25 -1.38 46.42
C PRO A 162 -47.14 0.00 47.06
N GLY A 163 -46.44 0.90 46.37
CA GLY A 163 -46.16 2.22 46.87
C GLY A 163 -44.74 2.41 47.37
N ASP A 164 -44.04 1.33 47.71
CA ASP A 164 -42.66 1.43 48.15
C ASP A 164 -41.75 1.80 46.97
N ALA A 165 -40.55 2.27 47.30
CA ALA A 165 -39.50 2.51 46.33
C ALA A 165 -38.28 1.68 46.70
N ILE A 166 -37.58 1.19 45.68
CA ILE A 166 -36.35 0.43 45.85
C ILE A 166 -35.20 1.24 45.27
N VAL A 167 -34.26 1.63 46.13
CA VAL A 167 -33.03 2.30 45.71
C VAL A 167 -31.91 1.28 45.83
N TYR A 168 -31.29 0.93 44.70
CA TYR A 168 -30.34 -0.17 44.69
C TYR A 168 -29.05 0.23 43.98
N ASP A 169 -27.95 -0.31 44.49
CA ASP A 169 -26.66 -0.21 43.82
C ASP A 169 -26.73 -0.92 42.47
N GLU A 170 -26.20 -0.26 41.44
CA GLU A 170 -26.32 -0.77 40.08
C GLU A 170 -25.71 -2.17 39.92
N LEU A 171 -24.77 -2.55 40.79
CA LEU A 171 -24.05 -3.80 40.65
C LEU A 171 -24.59 -4.91 41.54
N VAL A 172 -25.81 -4.78 42.08
CA VAL A 172 -26.38 -5.88 42.85
C VAL A 172 -26.55 -7.10 41.95
N HIS A 173 -26.70 -8.26 42.59
CA HIS A 173 -26.58 -9.53 41.89
C HIS A 173 -27.71 -9.72 40.88
N PHE A 174 -27.46 -10.61 39.91
CA PHE A 174 -28.45 -10.93 38.89
C PHE A 174 -29.78 -11.31 39.50
N SER A 175 -29.76 -12.16 40.53
CA SER A 175 -30.99 -12.60 41.17
C SER A 175 -31.74 -11.44 41.83
N THR A 176 -31.00 -10.44 42.32
CA THR A 176 -31.66 -9.25 42.84
C THR A 176 -32.34 -8.47 41.72
N HIS A 177 -31.73 -8.46 40.54
CA HIS A 177 -32.37 -7.79 39.40
C HIS A 177 -33.62 -8.54 38.95
N THR A 178 -33.55 -9.86 38.92
CA THR A 178 -34.73 -10.66 38.57
C THR A 178 -35.85 -10.47 39.60
N GLY A 179 -35.48 -10.47 40.89
CA GLY A 179 -36.50 -10.30 41.93
C GLY A 179 -37.18 -8.95 41.87
N MET A 180 -36.39 -7.89 41.65
CA MET A 180 -36.95 -6.55 41.58
C MET A 180 -37.88 -6.39 40.38
N ALA A 181 -37.55 -7.03 39.25
CA ALA A 181 -38.39 -6.91 38.07
C ALA A 181 -39.73 -7.63 38.26
N ALA A 182 -39.76 -8.66 39.10
CA ALA A 182 -41.00 -9.33 39.45
C ALA A 182 -41.63 -8.76 40.72
N SER A 183 -41.15 -7.62 41.19
CA SER A 183 -41.61 -7.03 42.44
C SER A 183 -42.90 -6.26 42.22
N LEU A 184 -43.57 -5.94 43.32
CA LEU A 184 -44.77 -5.12 43.30
C LEU A 184 -44.48 -3.65 43.54
N ALA A 185 -43.23 -3.30 43.78
CA ALA A 185 -42.84 -1.90 43.88
C ALA A 185 -42.74 -1.29 42.49
N THR A 186 -43.18 -0.04 42.36
CA THR A 186 -43.29 0.62 41.06
C THR A 186 -42.24 1.70 40.85
N THR A 187 -41.37 1.95 41.82
CA THR A 187 -40.25 2.86 41.67
C THR A 187 -38.98 2.11 42.04
N LYS A 188 -38.16 1.81 41.03
CA LYS A 188 -36.88 1.15 41.23
C LYS A 188 -35.81 2.04 40.63
N VAL A 189 -34.90 2.53 41.48
CA VAL A 189 -33.94 3.56 41.11
C VAL A 189 -32.53 3.03 41.38
N ALA A 190 -31.73 2.93 40.34
CA ALA A 190 -30.33 2.52 40.48
C ALA A 190 -29.43 3.72 40.72
N PHE A 191 -28.30 3.49 41.39
CA PHE A 191 -27.33 4.55 41.61
C PHE A 191 -25.92 4.03 41.35
N ARG A 192 -25.05 4.95 40.93
CA ARG A 192 -23.67 4.65 40.61
C ARG A 192 -22.99 3.87 41.73
N HIS A 193 -22.23 2.85 41.35
CA HIS A 193 -21.71 1.87 42.30
C HIS A 193 -20.91 2.52 43.42
N ASN A 194 -21.22 2.15 44.65
CA ASN A 194 -20.45 2.49 45.86
C ASN A 194 -20.25 3.99 46.03
N ASP A 195 -21.03 4.80 45.32
CA ASP A 195 -20.89 6.26 45.31
C ASP A 195 -21.91 6.86 46.26
N LEU A 196 -21.41 7.52 47.32
CA LEU A 196 -22.31 8.06 48.34
C LEU A 196 -23.08 9.27 47.86
N ASP A 197 -22.48 10.08 46.96
CA ASP A 197 -23.20 11.24 46.43
C ASP A 197 -24.30 10.80 45.47
N ALA A 198 -24.01 9.81 44.62
CA ALA A 198 -25.04 9.28 43.74
C ALA A 198 -26.18 8.66 44.54
N PHE A 199 -25.85 7.95 45.61
CA PHE A 199 -26.88 7.37 46.47
C PHE A 199 -27.70 8.47 47.16
N ARG A 200 -27.02 9.46 47.72
CA ARG A 200 -27.71 10.61 48.30
C ARG A 200 -28.67 11.25 47.31
N GLU A 201 -28.27 11.33 46.04
CA GLU A 201 -29.12 11.96 45.02
C GLU A 201 -30.30 11.06 44.67
N ALA A 202 -30.09 9.74 44.67
CA ALA A 202 -31.20 8.83 44.42
C ALA A 202 -32.21 8.87 45.55
N MET A 203 -31.73 8.86 46.80
CA MET A 203 -32.63 8.91 47.95
C MET A 203 -33.45 10.20 47.96
N SER A 204 -32.80 11.34 47.73
CA SER A 204 -33.49 12.61 47.89
C SER A 204 -34.45 12.89 46.73
N SER A 205 -34.04 12.58 45.51
CA SER A 205 -34.92 12.78 44.36
C SER A 205 -36.09 11.79 44.36
N THR A 206 -35.88 10.59 44.91
CA THR A 206 -36.99 9.66 45.11
C THR A 206 -37.93 10.16 46.19
N MET A 207 -37.38 10.69 47.28
CA MET A 207 -38.18 11.22 48.38
C MET A 207 -39.00 12.43 47.93
N ASP A 208 -38.42 13.30 47.10
CA ASP A 208 -39.05 14.56 46.74
C ASP A 208 -40.18 14.40 45.72
N SER A 209 -40.31 13.23 45.08
CA SER A 209 -41.34 13.03 44.07
C SER A 209 -42.43 12.06 44.50
N HIS A 210 -42.41 11.61 45.75
CA HIS A 210 -43.39 10.63 46.24
C HIS A 210 -44.02 11.15 47.51
N PRO A 211 -45.27 11.63 47.46
CA PRO A 211 -45.91 12.13 48.68
C PRO A 211 -46.03 11.07 49.77
N MET A 212 -46.11 9.80 49.40
CA MET A 212 -46.25 8.73 50.39
C MET A 212 -44.93 8.27 50.98
N LEU A 213 -43.80 8.71 50.41
CA LEU A 213 -42.53 8.60 51.11
C LEU A 213 -42.28 9.82 51.99
N GLN A 214 -42.73 11.00 51.52
CA GLN A 214 -42.57 12.23 52.31
C GLN A 214 -43.35 12.16 53.61
N ASP A 215 -44.53 11.54 53.60
CA ASP A 215 -45.37 11.51 54.79
C ASP A 215 -45.14 10.27 55.64
N GLY A 216 -44.25 9.37 55.22
CA GLY A 216 -43.86 8.25 56.05
C GLY A 216 -44.77 7.04 56.00
N SER A 217 -45.68 6.98 55.03
CA SER A 217 -46.64 5.88 54.95
C SER A 217 -46.14 4.74 54.07
N ARG A 218 -45.23 5.00 53.14
CA ARG A 218 -44.53 3.97 52.40
C ARG A 218 -43.04 4.09 52.69
N SER A 219 -42.28 3.05 52.34
CA SER A 219 -40.88 2.99 52.70
C SER A 219 -39.99 2.93 51.47
N ILE A 220 -38.75 3.37 51.64
CA ILE A 220 -37.68 3.17 50.67
C ILE A 220 -36.90 1.95 51.11
N LEU A 221 -36.77 0.97 50.21
CA LEU A 221 -35.90 -0.18 50.46
C LEU A 221 -34.56 0.09 49.79
N VAL A 222 -33.48 -0.16 50.52
CA VAL A 222 -32.13 0.07 50.04
C VAL A 222 -31.43 -1.28 49.91
N SER A 223 -30.94 -1.58 48.71
CA SER A 223 -30.42 -2.90 48.36
C SER A 223 -28.95 -2.78 48.00
N VAL A 224 -28.10 -3.48 48.74
CA VAL A 224 -26.65 -3.43 48.55
C VAL A 224 -26.05 -4.80 48.78
N GLU A 225 -24.85 -4.99 48.23
CA GLU A 225 -23.98 -6.10 48.58
C GLU A 225 -22.91 -5.58 49.54
N SER A 226 -22.61 -6.37 50.58
CA SER A 226 -21.53 -5.96 51.48
C SER A 226 -20.17 -6.08 50.81
N VAL A 227 -19.98 -7.13 50.02
CA VAL A 227 -18.77 -7.30 49.21
C VAL A 227 -19.22 -7.65 47.79
N TYR A 228 -18.75 -6.88 46.82
CA TYR A 228 -19.26 -6.95 45.46
C TYR A 228 -18.46 -7.98 44.64
N SER A 229 -19.18 -8.91 44.03
CA SER A 229 -18.59 -10.16 43.54
C SER A 229 -17.61 -9.95 42.39
N MET A 230 -17.71 -8.86 41.64
CA MET A 230 -16.87 -8.66 40.47
C MET A 230 -16.03 -7.39 40.51
N ASP A 231 -16.23 -6.52 41.50
CA ASP A 231 -15.33 -5.41 41.71
C ASP A 231 -14.58 -5.52 43.03
N GLY A 232 -14.99 -6.42 43.91
CA GLY A 232 -14.25 -6.72 45.12
C GLY A 232 -14.24 -5.63 46.16
N ASP A 233 -15.00 -4.55 45.98
CA ASP A 233 -15.00 -3.48 46.97
C ASP A 233 -16.14 -3.68 47.95
N VAL A 234 -16.19 -2.80 48.95
CA VAL A 234 -16.96 -2.99 50.17
C VAL A 234 -17.95 -1.85 50.29
N CYS A 235 -19.21 -2.18 50.57
CA CYS A 235 -20.24 -1.16 50.71
C CYS A 235 -19.99 -0.33 51.96
N PRO A 236 -19.96 1.00 51.84
CA PRO A 236 -19.75 1.86 53.02
C PRO A 236 -21.05 1.98 53.81
N LEU A 237 -21.37 0.92 54.55
CA LEU A 237 -22.72 0.73 55.07
C LEU A 237 -23.06 1.73 56.16
N VAL A 238 -22.09 2.06 57.03
CA VAL A 238 -22.36 3.05 58.07
C VAL A 238 -22.64 4.41 57.46
N GLU A 239 -21.98 4.74 56.34
CA GLU A 239 -22.20 6.04 55.71
C GLU A 239 -23.59 6.13 55.08
N MET A 240 -24.05 5.05 54.44
CA MET A 240 -25.35 5.09 53.78
C MET A 240 -26.48 5.12 54.80
N LEU A 241 -26.31 4.46 55.95
CA LEU A 241 -27.32 4.53 57.00
C LEU A 241 -27.46 5.96 57.52
N GLU A 242 -26.34 6.65 57.70
CA GLU A 242 -26.38 8.05 58.09
C GLU A 242 -27.12 8.90 57.06
N ILE A 243 -26.86 8.66 55.78
CA ILE A 243 -27.50 9.43 54.73
C ILE A 243 -28.99 9.09 54.66
N ALA A 244 -29.33 7.81 54.81
CA ALA A 244 -30.73 7.41 54.77
C ALA A 244 -31.52 8.08 55.89
N ARG A 245 -31.00 8.03 57.12
CA ARG A 245 -31.67 8.68 58.24
C ARG A 245 -31.79 10.18 58.03
N GLU A 246 -30.80 10.78 57.37
CA GLU A 246 -30.88 12.20 57.07
C GLU A 246 -32.03 12.51 56.11
N ILE A 247 -32.11 11.76 55.01
CA ILE A 247 -33.12 12.02 53.99
C ILE A 247 -34.49 11.44 54.38
N CYS A 248 -34.54 10.48 55.30
CA CYS A 248 -35.79 9.88 55.75
C CYS A 248 -35.95 10.09 57.25
N PRO A 249 -36.20 11.33 57.69
CA PRO A 249 -36.26 11.60 59.14
C PRO A 249 -37.36 10.84 59.86
N LYS A 250 -38.41 10.42 59.17
CA LYS A 250 -39.43 9.56 59.77
C LYS A 250 -38.98 8.13 59.91
N GLY A 251 -37.81 7.78 59.39
CA GLY A 251 -37.29 6.43 59.47
C GLY A 251 -37.96 5.45 58.55
N ASN A 252 -38.65 5.93 57.51
CA ASN A 252 -39.39 5.05 56.60
C ASN A 252 -38.45 4.50 55.54
N PHE A 253 -37.48 3.71 55.99
CA PHE A 253 -36.53 3.05 55.11
C PHE A 253 -36.10 1.73 55.72
N ALA A 254 -35.57 0.86 54.87
CA ALA A 254 -35.06 -0.43 55.32
C ALA A 254 -33.95 -0.89 54.40
N PHE A 255 -32.85 -1.37 54.98
CA PHE A 255 -31.71 -1.83 54.20
C PHE A 255 -31.75 -3.34 54.00
N ILE A 256 -31.26 -3.79 52.86
CA ILE A 256 -31.15 -5.20 52.52
C ILE A 256 -29.72 -5.46 52.08
N ALA A 257 -28.98 -6.22 52.88
CA ALA A 257 -27.55 -6.45 52.64
C ALA A 257 -27.35 -7.89 52.19
N ASP A 258 -26.86 -8.05 50.95
CA ASP A 258 -26.48 -9.35 50.41
C ASP A 258 -25.02 -9.59 50.78
N GLU A 259 -24.77 -10.61 51.60
CA GLU A 259 -23.46 -10.85 52.18
C GLU A 259 -22.76 -12.07 51.58
N ALA A 260 -23.05 -12.39 50.33
CA ALA A 260 -22.56 -13.64 49.76
C ALA A 260 -21.04 -13.76 49.88
N HIS A 261 -20.32 -12.68 49.58
CA HIS A 261 -18.87 -12.70 49.59
C HIS A 261 -18.28 -12.11 50.86
N ALA A 262 -19.05 -12.05 51.94
CA ALA A 262 -18.55 -11.60 53.24
C ALA A 262 -18.56 -12.68 54.29
N THR A 263 -19.57 -13.55 54.30
CA THR A 263 -19.68 -14.59 55.32
C THR A 263 -18.48 -15.52 55.24
N GLY A 264 -17.83 -15.73 56.40
CA GLY A 264 -16.65 -16.54 56.48
C GLY A 264 -15.35 -15.80 56.23
N VAL A 265 -15.42 -14.66 55.55
CA VAL A 265 -14.22 -13.95 55.11
C VAL A 265 -14.10 -12.56 55.73
N VAL A 266 -15.19 -11.99 56.23
CA VAL A 266 -15.19 -10.68 56.88
C VAL A 266 -15.72 -10.84 58.30
N GLY A 267 -15.18 -10.03 59.21
CA GLY A 267 -15.64 -10.03 60.58
C GLY A 267 -15.01 -11.13 61.40
N PRO A 268 -15.04 -10.99 62.73
CA PRO A 268 -14.42 -12.01 63.59
C PRO A 268 -15.19 -13.33 63.52
N ARG A 269 -14.45 -14.41 63.31
CA ARG A 269 -15.00 -15.74 63.10
C ARG A 269 -15.93 -15.80 61.89
N GLY A 270 -15.82 -14.84 60.99
CA GLY A 270 -16.53 -14.90 59.72
C GLY A 270 -17.95 -14.40 59.74
N VAL A 271 -18.34 -13.66 60.78
CA VAL A 271 -19.73 -13.26 60.96
C VAL A 271 -20.25 -12.33 59.87
N GLY A 272 -19.36 -11.74 59.06
CA GLY A 272 -19.79 -10.91 57.96
C GLY A 272 -19.71 -9.42 58.30
N LEU A 273 -20.08 -8.60 57.31
CA LEU A 273 -19.85 -7.16 57.43
C LEU A 273 -20.85 -6.49 58.37
N VAL A 274 -22.12 -6.91 58.31
CA VAL A 274 -23.14 -6.25 59.12
C VAL A 274 -22.83 -6.42 60.60
N LYS A 275 -22.52 -7.65 61.02
CA LYS A 275 -22.22 -7.88 62.43
C LYS A 275 -20.87 -7.29 62.82
N LEU A 276 -19.91 -7.25 61.88
CA LEU A 276 -18.63 -6.63 62.18
C LEU A 276 -18.80 -5.17 62.56
N LEU A 277 -19.61 -4.42 61.80
CA LEU A 277 -19.93 -3.05 62.14
C LEU A 277 -20.98 -2.94 63.24
N GLY A 278 -21.55 -4.05 63.67
CA GLY A 278 -22.55 -4.03 64.72
C GLY A 278 -23.88 -3.43 64.30
N LEU A 279 -24.28 -3.65 63.06
CA LEU A 279 -25.49 -3.06 62.50
C LEU A 279 -26.61 -4.08 62.32
N GLU A 280 -26.57 -5.19 63.07
CA GLU A 280 -27.58 -6.23 62.89
C GLU A 280 -28.98 -5.71 63.21
N ASN A 281 -29.07 -4.67 64.05
CA ASN A 281 -30.36 -4.04 64.32
C ASN A 281 -30.71 -2.94 63.34
N GLU A 282 -29.76 -2.45 62.55
CA GLU A 282 -30.02 -1.38 61.60
C GLU A 282 -30.23 -1.87 60.18
N VAL A 283 -30.03 -3.16 59.92
CA VAL A 283 -30.18 -3.74 58.60
C VAL A 283 -31.32 -4.75 58.69
N ALA A 284 -32.47 -4.38 58.12
CA ALA A 284 -33.69 -5.16 58.38
C ALA A 284 -33.59 -6.56 57.80
N ILE A 285 -33.01 -6.71 56.61
CA ILE A 285 -32.94 -7.98 55.92
C ILE A 285 -31.49 -8.25 55.54
N ARG A 286 -31.03 -9.47 55.77
CA ARG A 286 -29.67 -9.89 55.42
C ARG A 286 -29.72 -11.23 54.72
N LEU A 287 -28.91 -11.38 53.68
CA LEU A 287 -28.74 -12.65 52.98
C LEU A 287 -27.30 -13.12 53.18
N ASN A 288 -27.15 -14.30 53.79
CA ASN A 288 -25.85 -14.94 53.95
C ASN A 288 -25.88 -16.27 53.22
N THR A 289 -24.89 -16.50 52.36
CA THR A 289 -24.90 -17.62 51.43
C THR A 289 -23.76 -18.58 51.72
N CYS A 290 -23.98 -19.85 51.39
CA CYS A 290 -23.04 -20.92 51.67
C CYS A 290 -22.28 -21.40 50.43
N GLY A 291 -22.43 -20.71 49.30
CA GLY A 291 -21.78 -21.12 48.07
C GLY A 291 -20.33 -20.70 47.91
N LYS A 292 -19.84 -19.80 48.77
CA LYS A 292 -18.47 -19.31 48.63
C LYS A 292 -17.58 -19.86 49.73
N ALA A 293 -17.22 -19.02 50.70
CA ALA A 293 -16.32 -19.43 51.77
C ALA A 293 -16.85 -20.61 52.57
N LEU A 294 -18.17 -20.78 52.62
CA LEU A 294 -18.74 -21.88 53.39
C LEU A 294 -18.78 -23.20 52.62
N ALA A 295 -18.39 -23.18 51.34
CA ALA A 295 -17.96 -24.37 50.60
C ALA A 295 -19.05 -25.40 50.37
N CYS A 296 -20.33 -25.02 50.39
CA CYS A 296 -21.38 -25.92 49.96
C CYS A 296 -22.40 -25.18 49.10
N THR A 297 -23.67 -25.32 49.43
CA THR A 297 -24.73 -24.55 48.76
C THR A 297 -25.80 -24.17 49.79
N GLY A 298 -26.62 -23.20 49.43
CA GLY A 298 -27.70 -22.74 50.26
C GLY A 298 -27.53 -21.29 50.68
N SER A 299 -28.52 -20.81 51.40
CA SER A 299 -28.49 -19.46 51.97
C SER A 299 -29.46 -19.38 53.12
N VAL A 300 -29.33 -18.31 53.90
CA VAL A 300 -30.33 -17.94 54.90
C VAL A 300 -30.64 -16.47 54.74
N VAL A 301 -31.92 -16.12 54.89
CA VAL A 301 -32.36 -14.74 55.00
C VAL A 301 -32.59 -14.44 56.47
N LEU A 302 -32.01 -13.35 56.95
CA LEU A 302 -32.09 -12.98 58.36
C LEU A 302 -32.99 -11.76 58.53
N GLY A 303 -33.72 -11.74 59.64
CA GLY A 303 -34.64 -10.67 59.93
C GLY A 303 -35.53 -11.08 61.08
N ASN A 304 -36.42 -10.15 61.47
CA ASN A 304 -37.35 -10.48 62.53
C ASN A 304 -38.44 -11.42 61.98
N ALA A 305 -39.35 -11.82 62.86
CA ALA A 305 -40.35 -12.81 62.49
C ALA A 305 -41.40 -12.24 61.53
N THR A 306 -41.50 -10.92 61.42
CA THR A 306 -42.40 -10.34 60.42
C THR A 306 -41.84 -10.53 59.01
N VAL A 307 -40.53 -10.36 58.85
CA VAL A 307 -39.90 -10.61 57.56
C VAL A 307 -40.00 -12.08 57.19
N ARG A 308 -39.77 -12.97 58.16
CA ARG A 308 -39.79 -14.40 57.88
C ARG A 308 -41.16 -14.87 57.45
N ASN A 309 -42.21 -14.43 58.17
CA ASN A 309 -43.57 -14.77 57.76
C ASN A 309 -43.90 -14.19 56.38
N MET A 310 -43.37 -13.00 56.08
CA MET A 310 -43.61 -12.39 54.78
C MET A 310 -43.05 -13.26 53.66
N LEU A 311 -41.85 -13.82 53.87
CA LEU A 311 -41.26 -14.70 52.88
C LEU A 311 -42.03 -16.01 52.75
N LEU A 312 -42.53 -16.54 53.87
CA LEU A 312 -43.25 -17.81 53.84
C LEU A 312 -44.60 -17.71 53.15
N ASN A 313 -45.16 -16.50 53.04
CA ASN A 313 -46.50 -16.33 52.49
C ASN A 313 -46.52 -15.67 51.12
N TYR A 314 -45.59 -14.75 50.82
CA TYR A 314 -45.63 -14.01 49.57
C TYR A 314 -44.51 -14.34 48.61
N ALA A 315 -43.50 -15.09 49.02
CA ALA A 315 -42.45 -15.58 48.12
C ALA A 315 -42.98 -16.85 47.49
N GLY A 316 -43.68 -16.70 46.36
CA GLY A 316 -44.28 -17.85 45.69
C GLY A 316 -43.25 -18.84 45.17
N SER A 317 -42.04 -18.36 44.88
CA SER A 317 -40.95 -19.27 44.53
C SER A 317 -40.66 -20.25 45.66
N LEU A 318 -40.74 -19.77 46.91
CA LEU A 318 -40.49 -20.63 48.06
C LEU A 318 -41.68 -21.52 48.37
N VAL A 319 -42.89 -20.98 48.25
CA VAL A 319 -44.10 -21.74 48.55
C VAL A 319 -44.18 -22.99 47.68
N ASN A 320 -43.79 -22.87 46.41
CA ASN A 320 -44.01 -23.91 45.42
C ASN A 320 -42.76 -24.72 45.11
N THR A 321 -41.87 -24.90 46.08
CA THR A 321 -40.70 -25.75 45.87
C THR A 321 -40.46 -26.62 47.10
N THR A 322 -39.83 -27.77 46.88
CA THR A 322 -39.59 -28.71 47.95
C THR A 322 -38.64 -28.14 48.99
N ALA A 323 -38.89 -28.45 50.27
CA ALA A 323 -38.07 -27.98 51.38
C ALA A 323 -36.76 -28.76 51.45
N PRO A 324 -35.69 -28.14 51.97
CA PRO A 324 -34.37 -28.77 51.95
C PRO A 324 -34.34 -30.09 52.71
N SER A 325 -33.74 -31.09 52.08
CA SER A 325 -33.55 -32.40 52.70
C SER A 325 -32.55 -32.31 53.85
N PHE A 326 -32.54 -33.35 54.69
CA PHE A 326 -31.69 -33.33 55.88
C PHE A 326 -30.20 -33.17 55.56
N PRO A 327 -29.61 -33.92 54.62
CA PRO A 327 -28.18 -33.72 54.35
C PRO A 327 -27.84 -32.32 53.88
N SER A 328 -28.74 -31.66 53.15
CA SER A 328 -28.50 -30.29 52.72
C SER A 328 -28.47 -29.34 53.91
N VAL A 329 -29.33 -29.57 54.90
CA VAL A 329 -29.30 -28.75 56.10
C VAL A 329 -28.05 -29.04 56.93
N ALA A 330 -27.63 -30.30 56.97
CA ALA A 330 -26.56 -30.70 57.88
C ALA A 330 -25.21 -30.17 57.45
N VAL A 331 -24.98 -30.02 56.14
CA VAL A 331 -23.69 -29.49 55.71
C VAL A 331 -23.60 -27.99 55.99
N ILE A 332 -24.73 -27.28 55.91
CA ILE A 332 -24.74 -25.87 56.30
C ILE A 332 -24.44 -25.74 57.78
N ARG A 333 -25.06 -26.61 58.60
CA ARG A 333 -24.78 -26.59 60.03
C ARG A 333 -23.29 -26.86 60.30
N ALA A 334 -22.72 -27.85 59.60
CA ALA A 334 -21.30 -28.17 59.79
C ALA A 334 -20.41 -26.99 59.43
N ALA A 335 -20.77 -26.26 58.37
CA ALA A 335 -19.98 -25.09 57.99
C ALA A 335 -20.00 -24.04 59.09
N TYR A 336 -21.19 -23.70 59.59
CA TYR A 336 -21.29 -22.70 60.65
C TYR A 336 -20.63 -23.19 61.93
N ASN A 337 -20.78 -24.48 62.24
CA ASN A 337 -20.10 -25.04 63.41
C ASN A 337 -18.59 -24.89 63.30
N LEU A 338 -18.04 -25.10 62.10
CA LEU A 338 -16.62 -24.84 61.89
C LEU A 338 -16.26 -23.40 62.22
N MET A 339 -17.13 -22.46 61.85
CA MET A 339 -16.86 -21.05 62.11
C MET A 339 -17.01 -20.72 63.59
N ARG A 340 -17.94 -21.37 64.30
CA ARG A 340 -18.16 -21.02 65.69
C ARG A 340 -17.14 -21.65 66.62
N THR A 341 -16.47 -22.73 66.20
CA THR A 341 -15.38 -23.32 66.97
C THR A 341 -14.04 -22.68 66.67
N GLY A 342 -14.00 -21.63 65.84
CA GLY A 342 -12.76 -20.98 65.52
C GLY A 342 -11.87 -21.77 64.61
N ALA A 343 -12.43 -22.73 63.87
CA ALA A 343 -11.66 -23.57 62.97
C ALA A 343 -11.50 -22.97 61.58
N THR A 344 -11.96 -21.73 61.38
CA THR A 344 -11.74 -21.01 60.13
C THR A 344 -10.98 -19.71 60.33
N GLN A 345 -10.65 -19.35 61.57
CA GLN A 345 -10.00 -18.06 61.82
C GLN A 345 -8.61 -18.00 61.22
N LYS A 346 -7.85 -19.10 61.28
CA LYS A 346 -6.52 -19.09 60.70
C LYS A 346 -6.59 -19.07 59.17
N ALA A 347 -7.53 -19.84 58.60
CA ALA A 347 -7.78 -19.72 57.17
C ALA A 347 -8.15 -18.30 56.79
N GLN A 348 -8.96 -17.64 57.63
CA GLN A 348 -9.40 -16.30 57.32
C GLN A 348 -8.26 -15.29 57.44
N ASP A 349 -7.37 -15.46 58.42
CA ASP A 349 -6.22 -14.58 58.51
C ASP A 349 -5.23 -14.82 57.37
N ASN A 350 -5.21 -16.04 56.83
CA ASN A 350 -4.33 -16.33 55.69
C ASN A 350 -4.77 -15.55 54.46
N ILE A 351 -6.08 -15.46 54.22
CA ILE A 351 -6.59 -14.68 53.09
C ILE A 351 -6.09 -13.24 53.17
N GLN A 352 -6.27 -12.60 54.33
CA GLN A 352 -5.80 -11.23 54.51
C GLN A 352 -4.31 -11.12 54.23
N HIS A 353 -3.52 -12.07 54.72
CA HIS A 353 -2.07 -12.02 54.50
C HIS A 353 -1.74 -12.14 53.02
N LEU A 354 -2.38 -13.07 52.32
CA LEU A 354 -2.03 -13.34 50.93
C LEU A 354 -2.47 -12.23 50.00
N VAL A 355 -3.56 -11.53 50.33
CA VAL A 355 -4.02 -10.43 49.48
C VAL A 355 -3.16 -9.20 49.67
N LYS A 356 -2.86 -8.86 50.93
CA LYS A 356 -1.90 -7.79 51.19
C LYS A 356 -0.55 -8.09 50.57
N TYR A 357 -0.16 -9.38 50.56
CA TYR A 357 1.12 -9.77 49.97
C TYR A 357 1.10 -9.61 48.46
N PHE A 358 -0.03 -9.95 47.81
CA PHE A 358 -0.14 -9.71 46.38
C PHE A 358 -0.10 -8.22 46.07
N PHE A 359 -0.75 -7.41 46.92
CA PHE A 359 -0.86 -5.98 46.62
C PHE A 359 0.48 -5.27 46.75
N GLU A 360 1.24 -5.54 47.81
CA GLU A 360 2.58 -4.98 47.90
C GLU A 360 3.46 -5.48 46.76
N SER A 361 3.36 -6.77 46.42
CA SER A 361 4.22 -7.34 45.40
C SER A 361 3.98 -6.69 44.04
N ILE A 362 2.72 -6.58 43.64
CA ILE A 362 2.43 -6.13 42.28
C ILE A 362 2.68 -4.63 42.13
N THR A 363 2.34 -3.84 43.15
CA THR A 363 2.57 -2.41 43.06
C THR A 363 4.01 -2.01 43.32
N SER A 364 4.84 -2.94 43.79
CA SER A 364 6.28 -2.73 43.90
C SER A 364 7.04 -3.10 42.64
N SER A 365 6.40 -3.83 41.72
CA SER A 365 7.08 -4.27 40.51
C SER A 365 7.61 -3.08 39.71
N ASN A 366 8.63 -3.34 38.89
CA ASN A 366 9.24 -2.28 38.11
C ASN A 366 8.26 -1.67 37.12
N ILE A 367 7.56 -2.52 36.36
CA ILE A 367 6.70 -2.05 35.27
C ILE A 367 5.35 -1.54 35.74
N TRP A 368 5.05 -1.62 37.04
CA TRP A 368 3.70 -1.28 37.51
C TRP A 368 3.33 0.16 37.19
N ASP A 369 4.23 1.10 37.47
CA ASP A 369 3.93 2.51 37.20
C ASP A 369 3.63 2.75 35.73
N LYS A 370 4.44 2.17 34.84
CA LYS A 370 4.26 2.41 33.42
C LYS A 370 3.01 1.68 32.89
N ALA A 371 2.85 0.41 33.28
CA ALA A 371 1.72 -0.36 32.78
C ALA A 371 0.38 0.24 33.22
N THR A 372 0.33 0.85 34.41
CA THR A 372 -0.92 1.40 34.90
C THR A 372 -1.20 2.78 34.34
N ASP A 373 -0.15 3.56 34.03
CA ASP A 373 -0.36 4.84 33.35
C ASP A 373 -0.90 4.63 31.94
N LEU A 374 -0.39 3.62 31.24
CA LEU A 374 -0.80 3.31 29.89
C LEU A 374 -2.12 2.55 29.82
N GLY A 375 -2.72 2.19 30.96
CA GLY A 375 -3.90 1.36 30.93
C GLY A 375 -3.63 -0.06 30.48
N ILE A 376 -2.37 -0.47 30.44
CA ILE A 376 -2.04 -1.86 30.10
C ILE A 376 -2.50 -2.80 31.20
N LEU A 377 -2.27 -2.43 32.46
CA LEU A 377 -2.80 -3.14 33.61
C LEU A 377 -3.54 -2.17 34.51
N SER A 378 -4.56 -2.68 35.19
CA SER A 378 -5.33 -1.87 36.13
C SER A 378 -5.94 -2.78 37.17
N ILE A 379 -5.62 -2.54 38.44
CA ILE A 379 -6.18 -3.30 39.55
C ILE A 379 -6.64 -2.29 40.60
N PRO A 380 -7.88 -1.83 40.54
CA PRO A 380 -8.30 -0.71 41.41
C PRO A 380 -8.30 -1.07 42.89
N VAL A 381 -8.60 -2.32 43.23
CA VAL A 381 -8.57 -2.73 44.64
C VAL A 381 -7.17 -2.77 45.21
N ALA A 382 -6.14 -2.68 44.35
CA ALA A 382 -4.77 -2.55 44.84
C ALA A 382 -4.40 -1.12 45.18
N GLU A 383 -5.26 -0.16 44.93
CA GLU A 383 -4.98 1.24 45.22
C GLU A 383 -5.49 1.59 46.61
N ASP A 384 -4.59 2.10 47.45
CA ASP A 384 -4.90 2.53 48.81
C ASP A 384 -5.45 1.37 49.66
N TYR A 385 -5.00 0.15 49.38
CA TYR A 385 -5.44 -0.99 50.17
C TYR A 385 -5.00 -0.90 51.62
N GLU A 386 -3.97 -0.09 51.91
CA GLU A 386 -3.46 0.05 53.26
C GLU A 386 -4.35 0.93 54.13
N SER A 387 -5.22 1.73 53.53
CA SER A 387 -6.10 2.62 54.27
C SER A 387 -7.42 1.98 54.66
N LEU A 388 -7.55 0.67 54.47
CA LEU A 388 -8.75 -0.07 54.83
C LEU A 388 -8.50 -0.83 56.13
N ASP A 389 -9.60 -1.25 56.77
CA ASP A 389 -9.50 -2.11 57.94
C ASP A 389 -9.27 -3.56 57.57
N PHE A 390 -9.56 -3.93 56.32
CA PHE A 390 -9.34 -5.28 55.82
C PHE A 390 -9.38 -5.21 54.30
N VAL A 391 -9.03 -6.34 53.67
CA VAL A 391 -9.14 -6.48 52.23
C VAL A 391 -10.07 -7.65 51.94
N THR A 392 -10.41 -7.81 50.67
CA THR A 392 -11.26 -8.91 50.24
C THR A 392 -10.46 -9.83 49.32
N HIS A 393 -11.06 -10.99 49.06
CA HIS A 393 -10.46 -12.06 48.26
C HIS A 393 -10.62 -11.85 46.77
N ILE A 394 -11.38 -10.85 46.35
CA ILE A 394 -11.69 -10.62 44.95
C ILE A 394 -10.72 -9.60 44.39
N VAL A 395 -9.91 -10.02 43.42
CA VAL A 395 -8.98 -9.14 42.72
C VAL A 395 -9.34 -9.10 41.25
N PRO A 396 -10.21 -8.20 40.81
CA PRO A 396 -10.48 -8.07 39.37
C PRO A 396 -9.35 -7.34 38.68
N ILE A 397 -8.78 -7.97 37.65
CA ILE A 397 -7.64 -7.43 36.93
C ILE A 397 -8.10 -6.99 35.55
N TRP A 398 -7.91 -5.70 35.26
CA TRP A 398 -8.26 -5.13 33.98
C TRP A 398 -7.02 -4.93 33.12
N THR A 399 -7.20 -5.10 31.82
CA THR A 399 -6.22 -4.63 30.84
C THR A 399 -7.02 -3.82 29.82
N ARG A 400 -6.45 -3.63 28.63
CA ARG A 400 -7.25 -3.04 27.57
C ARG A 400 -8.25 -4.08 27.07
N GLN A 401 -9.44 -3.61 26.70
CA GLN A 401 -10.54 -4.52 26.38
C GLN A 401 -10.15 -5.49 25.26
N LYS A 402 -9.33 -5.04 24.31
CA LYS A 402 -8.94 -5.91 23.21
C LYS A 402 -7.89 -6.93 23.62
N TYR A 403 -7.23 -6.73 24.74
CA TYR A 403 -6.22 -7.66 25.24
C TYR A 403 -6.78 -8.65 26.27
N ASN A 404 -8.08 -8.60 26.56
CA ASN A 404 -8.57 -9.30 27.74
C ASN A 404 -8.48 -10.82 27.57
N TRP A 405 -8.97 -11.34 26.44
CA TRP A 405 -8.78 -12.77 26.18
C TRP A 405 -7.30 -13.12 26.04
N TRP A 406 -6.49 -12.19 25.53
CA TRP A 406 -5.05 -12.40 25.49
C TRP A 406 -4.48 -12.53 26.89
N LEU A 407 -4.94 -11.70 27.83
CA LEU A 407 -4.52 -11.84 29.22
C LEU A 407 -4.95 -13.20 29.79
N PHE A 408 -6.18 -13.60 29.50
CA PHE A 408 -6.66 -14.91 29.98
C PHE A 408 -5.82 -16.03 29.40
N PHE A 409 -5.64 -16.06 28.07
CA PHE A 409 -4.80 -17.07 27.44
C PHE A 409 -3.41 -17.08 28.08
N HIS A 410 -2.84 -15.90 28.30
CA HIS A 410 -1.51 -15.80 28.89
C HIS A 410 -1.48 -16.44 30.28
N LEU A 411 -2.45 -16.09 31.12
CA LEU A 411 -2.52 -16.66 32.47
C LEU A 411 -2.72 -18.17 32.42
N GLN A 412 -3.65 -18.63 31.57
CA GLN A 412 -3.96 -20.05 31.50
C GLN A 412 -2.77 -20.87 31.03
N LEU A 413 -2.08 -20.41 29.99
CA LEU A 413 -0.95 -21.16 29.47
C LEU A 413 0.20 -21.19 30.47
N ALA A 414 0.29 -20.16 31.32
CA ALA A 414 1.23 -20.17 32.43
C ALA A 414 0.74 -20.99 33.62
N LYS A 415 -0.30 -21.81 33.42
CA LYS A 415 -0.81 -22.72 34.44
C LYS A 415 -1.33 -21.96 35.66
N ILE A 416 -2.03 -20.87 35.41
CA ILE A 416 -2.71 -20.11 36.45
C ILE A 416 -4.18 -20.02 36.07
N ALA A 417 -5.03 -20.63 36.88
CA ALA A 417 -6.46 -20.68 36.61
C ALA A 417 -7.13 -19.42 37.14
N VAL A 418 -7.71 -18.64 36.24
CA VAL A 418 -8.52 -17.48 36.57
C VAL A 418 -9.83 -17.62 35.80
N VAL A 419 -10.82 -16.82 36.19
CA VAL A 419 -12.13 -16.85 35.53
C VAL A 419 -12.26 -15.60 34.67
N PRO A 420 -12.44 -15.73 33.36
CA PRO A 420 -12.65 -14.55 32.53
C PRO A 420 -14.08 -14.07 32.59
N ILE A 421 -14.26 -12.75 32.57
CA ILE A 421 -15.55 -12.12 32.80
C ILE A 421 -15.88 -11.24 31.60
N ASP A 422 -16.86 -11.66 30.80
CA ASP A 422 -17.26 -10.93 29.60
C ASP A 422 -18.78 -10.90 29.54
N TYR A 423 -19.32 -10.04 28.65
CA TYR A 423 -20.74 -9.99 28.33
C TYR A 423 -21.23 -11.44 28.17
N PRO A 424 -22.38 -11.81 28.76
CA PRO A 424 -23.35 -10.99 29.50
C PRO A 424 -23.14 -10.83 31.00
N GLN A 425 -22.07 -11.37 31.58
CA GLN A 425 -21.86 -11.22 33.02
C GLN A 425 -21.64 -9.77 33.41
N VAL A 426 -21.15 -8.95 32.49
CA VAL A 426 -20.84 -7.55 32.74
C VAL A 426 -21.23 -6.75 31.50
N PRO A 427 -21.25 -5.42 31.55
CA PRO A 427 -21.54 -4.64 30.33
C PRO A 427 -20.56 -4.94 29.21
N LYS A 428 -20.90 -4.41 28.02
CA LYS A 428 -20.18 -4.75 26.81
C LYS A 428 -18.70 -4.41 26.92
N GLY A 429 -18.39 -3.16 27.30
CA GLY A 429 -17.01 -2.70 27.30
C GLY A 429 -16.34 -2.74 28.66
N LYS A 430 -16.77 -3.67 29.51
CA LYS A 430 -16.24 -3.78 30.86
C LYS A 430 -15.72 -5.19 31.15
N SER A 431 -15.14 -5.83 30.13
CA SER A 431 -14.60 -7.18 30.29
C SER A 431 -13.33 -7.14 31.12
N ARG A 432 -13.10 -8.22 31.88
CA ARG A 432 -11.96 -8.27 32.78
C ARG A 432 -11.63 -9.73 33.09
N VAL A 433 -10.76 -9.93 34.07
CA VAL A 433 -10.36 -11.24 34.57
C VAL A 433 -10.42 -11.20 36.09
N ARG A 434 -10.99 -12.23 36.70
CA ARG A 434 -11.17 -12.25 38.15
C ARG A 434 -10.24 -13.27 38.79
N VAL A 435 -9.35 -12.78 39.64
CA VAL A 435 -8.51 -13.62 40.50
C VAL A 435 -9.18 -13.71 41.86
N MET A 436 -9.25 -14.92 42.40
CA MET A 436 -9.69 -15.15 43.77
C MET A 436 -8.52 -15.68 44.58
N ILE A 437 -8.22 -15.03 45.69
CA ILE A 437 -7.17 -15.47 46.60
C ILE A 437 -7.83 -16.33 47.67
N HIS A 438 -7.37 -17.56 47.80
CA HIS A 438 -7.91 -18.49 48.78
C HIS A 438 -6.90 -18.73 49.89
N ALA A 439 -7.39 -19.22 51.02
CA ALA A 439 -6.52 -19.49 52.15
C ALA A 439 -5.49 -20.55 51.82
N GLY A 440 -5.83 -21.52 50.97
CA GLY A 440 -4.91 -22.58 50.63
C GLY A 440 -3.86 -22.20 49.61
N ASN A 441 -3.90 -20.99 49.08
CA ASN A 441 -2.85 -20.52 48.21
C ASN A 441 -1.58 -20.24 49.02
N THR A 442 -0.48 -20.00 48.32
CA THR A 442 0.83 -19.83 48.93
C THR A 442 1.47 -18.54 48.45
N GLU A 443 2.48 -18.09 49.19
CA GLU A 443 3.23 -16.90 48.79
C GLU A 443 4.00 -17.13 47.50
N GLU A 444 4.45 -18.37 47.26
CA GLU A 444 5.15 -18.68 46.03
C GLU A 444 4.21 -18.62 44.83
N GLN A 445 2.97 -19.11 45.00
CA GLN A 445 1.98 -18.99 43.92
C GLN A 445 1.70 -17.53 43.61
N VAL A 446 1.63 -16.67 44.63
CA VAL A 446 1.44 -15.24 44.41
C VAL A 446 2.64 -14.65 43.67
N ASP A 447 3.85 -15.07 44.03
CA ASP A 447 5.05 -14.59 43.34
C ASP A 447 4.99 -14.92 41.85
N TYR A 448 4.53 -16.13 41.52
CA TYR A 448 4.46 -16.55 40.12
C TYR A 448 3.39 -15.77 39.37
N LEU A 449 2.25 -15.49 40.02
CA LEU A 449 1.21 -14.67 39.41
C LEU A 449 1.73 -13.28 39.07
N VAL A 450 2.43 -12.64 40.02
CA VAL A 450 2.98 -11.31 39.76
C VAL A 450 3.97 -11.35 38.60
N ALA A 451 4.87 -12.34 38.62
CA ALA A 451 5.84 -12.50 37.53
C ALA A 451 5.14 -12.67 36.19
N THR A 452 4.07 -13.48 36.16
CA THR A 452 3.32 -13.68 34.93
C THR A 452 2.63 -12.40 34.48
N LEU A 453 2.01 -11.67 35.43
CA LEU A 453 1.36 -10.42 35.08
C LEU A 453 2.37 -9.41 34.52
N CYS A 454 3.57 -9.37 35.09
CA CYS A 454 4.58 -8.41 34.63
C CYS A 454 5.11 -8.78 33.26
N ASP A 455 5.20 -10.08 32.96
CA ASP A 455 5.58 -10.52 31.62
C ASP A 455 4.56 -10.03 30.60
N PHE A 456 3.27 -10.27 30.85
CA PHE A 456 2.21 -9.86 29.93
C PHE A 456 2.25 -8.36 29.70
N ALA A 457 2.36 -7.57 30.78
CA ALA A 457 2.44 -6.12 30.65
C ALA A 457 3.64 -5.71 29.82
N ASN A 458 4.79 -6.34 30.05
CA ASN A 458 5.98 -6.02 29.26
C ASN A 458 5.80 -6.38 27.80
N GLU A 459 5.19 -7.54 27.53
CA GLU A 459 4.97 -7.94 26.14
C GLU A 459 4.03 -6.97 25.44
N MET A 460 3.00 -6.48 26.15
CA MET A 460 2.05 -5.56 25.55
C MET A 460 2.66 -4.18 25.32
N ILE A 461 3.50 -3.72 26.24
CA ILE A 461 4.14 -2.42 26.06
C ILE A 461 5.09 -2.46 24.87
N ASP A 462 5.77 -3.59 24.67
CA ASP A 462 6.65 -3.75 23.53
C ASP A 462 5.88 -3.70 22.22
N ILE A 463 4.82 -4.52 22.10
CA ILE A 463 4.03 -4.59 20.88
C ILE A 463 3.52 -3.21 20.48
N GLU A 464 3.11 -2.41 21.46
CA GLU A 464 2.51 -1.12 21.16
C GLU A 464 3.53 -0.06 20.76
N GLU A 465 4.74 -0.16 21.27
CA GLU A 465 5.79 0.78 20.89
C GLU A 465 6.56 0.32 19.65
N GLY A 466 6.42 -0.94 19.26
CA GLY A 466 7.01 -1.43 18.02
C GLY A 466 6.31 -0.93 16.77
N GLY A 467 5.06 -0.50 16.88
CA GLY A 467 4.38 0.10 15.74
C GLY A 467 3.90 -0.87 14.69
N GLU A 468 3.64 -2.13 15.07
CA GLU A 468 3.13 -3.15 14.16
C GLU A 468 1.79 -3.61 14.70
N LYS A 469 0.70 -3.03 14.20
CA LYS A 469 -0.62 -3.24 14.79
C LYS A 469 -1.11 -4.67 14.64
N GLY A 470 -0.46 -5.48 13.80
CA GLY A 470 -0.78 -6.88 13.65
C GLY A 470 0.01 -7.82 14.53
N LYS A 471 0.88 -7.30 15.40
CA LYS A 471 1.72 -8.16 16.21
C LYS A 471 0.90 -8.80 17.33
N ILE A 472 0.93 -10.12 17.39
CA ILE A 472 0.16 -10.91 18.35
C ILE A 472 1.10 -11.42 19.44
N PRO A 473 0.68 -11.37 20.71
CA PRO A 473 1.54 -11.87 21.78
C PRO A 473 1.71 -13.39 21.74
N LYS A 474 2.72 -13.85 22.49
CA LYS A 474 3.15 -15.24 22.42
C LYS A 474 2.04 -16.21 22.79
N ALA A 475 1.38 -15.98 23.93
CA ALA A 475 0.34 -16.92 24.37
C ALA A 475 -0.86 -16.93 23.45
N ALA A 476 -1.15 -15.80 22.80
CA ALA A 476 -2.23 -15.78 21.83
C ALA A 476 -1.84 -16.48 20.53
N GLN A 477 -0.55 -16.41 20.17
CA GLN A 477 -0.07 -17.14 18.99
C GLN A 477 -0.32 -18.63 19.12
N GLU A 478 -0.10 -19.18 20.32
CA GLU A 478 -0.32 -20.60 20.54
C GLU A 478 -1.80 -20.96 20.42
N ILE A 479 -2.68 -20.15 21.00
CA ILE A 479 -4.12 -20.40 20.89
C ILE A 479 -4.55 -20.29 19.44
N TYR A 480 -4.06 -19.28 18.73
CA TYR A 480 -4.40 -19.10 17.32
C TYR A 480 -3.80 -20.22 16.47
N ALA A 481 -2.73 -20.85 16.94
CA ALA A 481 -2.20 -22.02 16.25
C ALA A 481 -3.16 -23.19 16.36
N LEU A 482 -3.53 -23.57 17.60
CA LEU A 482 -4.44 -24.69 17.80
C LEU A 482 -5.78 -24.47 17.09
N MET A 483 -6.25 -23.23 17.03
CA MET A 483 -7.45 -22.93 16.25
C MET A 483 -7.26 -23.29 14.78
N ALA A 484 -6.05 -23.12 14.26
CA ALA A 484 -5.78 -23.50 12.87
C ALA A 484 -5.69 -25.01 12.74
N ALA A 485 -4.95 -25.66 13.63
CA ALA A 485 -4.87 -27.12 13.61
C ALA A 485 -6.24 -27.75 13.82
N HIS A 486 -6.93 -27.34 14.89
CA HIS A 486 -8.23 -27.91 15.22
C HIS A 486 -9.37 -27.01 14.77
N LYS B 23 -17.60 22.38 14.58
CA LYS B 23 -16.78 22.08 13.41
C LYS B 23 -17.50 21.12 12.47
N VAL B 24 -18.02 20.03 13.03
CA VAL B 24 -18.72 19.06 12.19
C VAL B 24 -20.07 19.62 11.75
N VAL B 25 -20.81 20.28 12.65
CA VAL B 25 -22.05 20.92 12.23
C VAL B 25 -21.76 22.23 11.51
N SER B 26 -20.65 22.88 11.84
CA SER B 26 -20.26 24.11 11.15
C SER B 26 -19.97 23.81 9.68
N GLU B 27 -19.30 22.69 9.41
CA GLU B 27 -19.08 22.29 8.02
C GLU B 27 -20.41 21.93 7.35
N MET B 28 -21.31 21.28 8.09
CA MET B 28 -22.60 20.88 7.54
C MET B 28 -23.47 22.09 7.24
N ILE B 29 -23.54 23.04 8.17
CA ILE B 29 -24.29 24.27 7.94
C ILE B 29 -23.82 24.94 6.64
N ALA B 30 -22.50 25.07 6.49
CA ALA B 30 -21.95 25.67 5.27
C ALA B 30 -22.36 24.86 4.04
N TRP B 31 -22.25 23.54 4.11
CA TRP B 31 -22.66 22.70 2.99
C TRP B 31 -24.14 22.85 2.69
N ILE B 32 -24.98 22.76 3.73
CA ILE B 32 -26.43 22.96 3.56
C ILE B 32 -26.71 24.30 2.89
N LYS B 33 -26.10 25.36 3.40
CA LYS B 33 -26.35 26.69 2.85
C LYS B 33 -25.96 26.78 1.38
N SER B 34 -24.88 26.08 1.00
CA SER B 34 -24.42 26.14 -0.38
C SER B 34 -25.44 25.56 -1.36
N GLN B 35 -26.41 24.79 -0.86
CA GLN B 35 -27.40 24.16 -1.73
C GLN B 35 -28.66 25.00 -1.92
N LYS B 36 -28.73 26.19 -1.32
CA LYS B 36 -29.87 27.06 -1.54
C LYS B 36 -29.79 27.67 -2.93
N LEU B 37 -30.89 27.58 -3.68
CA LEU B 37 -30.92 28.04 -5.06
C LEU B 37 -30.62 29.54 -5.13
N ILE B 38 -30.04 29.95 -6.26
CA ILE B 38 -29.57 31.32 -6.40
C ILE B 38 -30.16 31.97 -7.65
N ALA B 39 -30.43 31.17 -8.69
CA ALA B 39 -31.05 31.68 -9.92
C ALA B 39 -32.25 32.57 -9.63
N PRO B 40 -33.08 32.27 -8.59
CA PRO B 40 -34.10 33.23 -8.16
C PRO B 40 -33.64 34.69 -8.06
N ARG B 41 -32.63 34.96 -7.24
CA ARG B 41 -32.17 36.33 -7.01
C ARG B 41 -31.26 36.85 -8.13
N MET B 42 -31.19 36.15 -9.26
CA MET B 42 -30.23 36.47 -10.32
C MET B 42 -30.91 36.97 -11.58
N LYS B 43 -31.73 38.01 -11.50
CA LYS B 43 -32.43 38.50 -12.69
C LYS B 43 -31.82 39.77 -13.26
N ASP B 44 -31.70 40.82 -12.45
CA ASP B 44 -30.98 42.00 -12.91
C ASP B 44 -29.49 41.73 -13.07
N ALA B 45 -29.04 40.49 -12.82
CA ALA B 45 -27.67 40.05 -12.99
C ALA B 45 -27.35 39.87 -14.48
N PRO B 46 -26.12 40.18 -14.89
CA PRO B 46 -25.73 40.01 -16.29
C PRO B 46 -25.92 38.58 -16.76
N THR B 47 -26.13 38.44 -18.08
CA THR B 47 -26.34 37.12 -18.69
C THR B 47 -25.25 36.14 -18.28
N PHE B 48 -23.99 36.59 -18.29
CA PHE B 48 -22.86 35.71 -18.03
C PHE B 48 -22.98 35.05 -16.66
N TYR B 49 -23.05 35.87 -15.60
CA TYR B 49 -23.12 35.31 -14.26
C TYR B 49 -24.46 34.63 -13.99
N ARG B 50 -25.53 35.09 -14.65
CA ARG B 50 -26.80 34.41 -14.52
C ARG B 50 -26.66 32.95 -14.96
N ASN B 51 -26.24 32.73 -16.21
CA ASN B 51 -26.12 31.37 -16.75
C ASN B 51 -25.22 30.50 -15.89
N LEU B 52 -24.06 31.04 -15.48
CA LEU B 52 -23.17 30.30 -14.60
C LEU B 52 -23.89 29.80 -13.35
N GLU B 53 -24.70 30.68 -12.75
CA GLU B 53 -25.38 30.32 -11.52
C GLU B 53 -26.54 29.36 -11.77
N GLU B 54 -27.13 29.38 -12.97
CA GLU B 54 -28.16 28.40 -13.29
C GLU B 54 -27.55 27.01 -13.46
N ALA B 55 -26.33 26.93 -14.00
CA ALA B 55 -25.64 25.65 -14.09
C ALA B 55 -25.25 25.14 -12.71
N LEU B 56 -24.83 26.05 -11.83
CA LEU B 56 -24.58 25.68 -10.45
C LEU B 56 -25.84 25.16 -9.78
N ASP B 57 -26.99 25.78 -10.07
CA ASP B 57 -28.24 25.37 -9.46
C ASP B 57 -28.62 23.95 -9.84
N VAL B 58 -28.22 23.49 -11.03
CA VAL B 58 -28.43 22.10 -11.42
C VAL B 58 -27.85 21.17 -10.36
N ARG B 59 -26.69 21.54 -9.80
CA ARG B 59 -26.08 20.75 -8.74
C ARG B 59 -26.80 20.95 -7.40
N ARG B 60 -27.17 22.20 -7.08
CA ARG B 60 -27.80 22.47 -5.79
C ARG B 60 -29.13 21.75 -5.64
N SER B 61 -29.85 21.53 -6.74
CA SER B 61 -31.16 20.90 -6.66
C SER B 61 -31.06 19.40 -6.37
N THR B 62 -30.03 18.74 -6.91
CA THR B 62 -29.64 17.41 -6.46
C THR B 62 -28.88 17.46 -5.14
N GLN B 63 -28.61 18.67 -4.64
CA GLN B 63 -27.82 18.87 -3.42
C GLN B 63 -26.43 18.27 -3.59
N SER B 64 -25.84 18.53 -4.77
CA SER B 64 -24.53 17.99 -5.12
C SER B 64 -23.48 19.08 -5.32
N LEU B 65 -23.77 20.32 -4.95
CA LEU B 65 -22.77 21.38 -5.06
C LEU B 65 -21.60 21.08 -4.13
N MET B 66 -20.39 21.29 -4.64
CA MET B 66 -19.17 21.11 -3.88
C MET B 66 -18.50 22.47 -3.68
N THR B 67 -17.99 22.69 -2.47
CA THR B 67 -17.37 23.96 -2.11
C THR B 67 -16.04 23.76 -1.40
N ARG B 68 -16.09 23.24 -0.16
CA ARG B 68 -14.91 23.13 0.67
C ARG B 68 -14.60 21.69 1.10
N GLY B 69 -15.34 20.70 0.59
CA GLY B 69 -15.00 19.30 0.82
C GLY B 69 -15.23 18.84 2.25
N GLN B 70 -14.59 17.72 2.58
CA GLN B 70 -14.62 17.13 3.92
C GLN B 70 -13.23 17.32 4.54
N SER B 71 -13.09 18.39 5.32
CA SER B 71 -11.89 18.65 6.11
C SER B 71 -12.12 18.45 7.59
N THR B 72 -13.26 17.83 7.94
CA THR B 72 -13.62 17.64 9.35
C THR B 72 -12.54 16.87 10.11
N TRP B 73 -11.91 15.90 9.45
CA TRP B 73 -10.85 15.11 10.07
C TRP B 73 -9.56 15.89 10.27
N LYS B 74 -9.34 16.94 9.47
CA LYS B 74 -8.03 17.59 9.45
C LYS B 74 -7.67 18.19 10.81
N THR B 75 -8.66 18.73 11.52
CA THR B 75 -8.43 19.34 12.83
C THR B 75 -8.77 18.39 13.99
N GLY B 76 -9.03 17.12 13.70
CA GLY B 76 -9.21 16.11 14.74
C GLY B 76 -10.61 16.00 15.30
N ASP B 77 -11.60 16.61 14.66
CA ASP B 77 -12.98 16.55 15.14
C ASP B 77 -13.73 15.34 14.60
N ALA B 78 -13.06 14.49 13.82
CA ALA B 78 -13.66 13.27 13.32
C ALA B 78 -12.54 12.32 12.93
N ILE B 79 -12.90 11.05 12.80
CA ILE B 79 -11.93 10.02 12.43
C ILE B 79 -11.66 10.13 10.93
N ASP B 80 -10.38 9.99 10.56
CA ASP B 80 -9.98 10.08 9.16
C ASP B 80 -10.15 8.72 8.51
N PHE B 81 -11.32 8.52 7.88
CA PHE B 81 -11.55 7.41 6.96
C PHE B 81 -11.80 7.90 5.54
N CYS B 82 -11.27 9.07 5.19
CA CYS B 82 -11.62 9.69 3.91
C CYS B 82 -10.44 10.18 3.10
N SER B 83 -9.34 10.54 3.76
CA SER B 83 -8.23 11.17 3.04
C SER B 83 -7.42 10.15 2.25
N ASN B 84 -6.56 10.66 1.37
CA ASN B 84 -5.67 9.85 0.57
C ASN B 84 -4.28 9.71 1.17
N ASP B 85 -4.09 10.13 2.43
CA ASP B 85 -2.81 10.00 3.12
C ASP B 85 -2.68 8.56 3.64
N LEU B 86 -2.42 7.65 2.70
CA LEU B 86 -2.62 6.22 2.95
C LEU B 86 -1.65 5.68 3.99
N LEU B 87 -0.36 6.01 3.88
CA LEU B 87 0.64 5.54 4.83
C LEU B 87 0.80 6.48 6.01
N SER B 88 -0.02 7.54 6.09
CA SER B 88 0.07 8.55 7.15
C SER B 88 1.43 9.23 7.18
N LEU B 89 2.11 9.27 6.04
CA LEU B 89 3.35 10.03 5.94
C LEU B 89 3.12 11.51 6.18
N GLY B 90 1.93 12.01 5.82
CA GLY B 90 1.61 13.40 6.10
C GLY B 90 1.29 13.65 7.57
N LEU B 91 0.47 12.77 8.15
CA LEU B 91 0.02 12.97 9.53
C LEU B 91 1.19 12.95 10.51
N THR B 92 2.14 12.03 10.32
CA THR B 92 3.23 11.89 11.26
C THR B 92 4.28 12.98 11.10
N GLY B 93 4.27 13.69 9.98
CA GLY B 93 5.38 14.57 9.67
C GLY B 93 6.64 13.87 9.21
N GLU B 94 6.55 12.57 8.89
CA GLU B 94 7.73 11.84 8.45
C GLU B 94 8.22 12.33 7.09
N LEU B 95 7.30 12.54 6.14
CA LEU B 95 7.69 13.07 4.85
C LEU B 95 8.22 14.50 4.97
N ARG B 96 7.61 15.30 5.83
CA ARG B 96 8.08 16.67 6.01
C ARG B 96 9.52 16.69 6.51
N ARG B 97 9.86 15.81 7.46
CA ARG B 97 11.21 15.84 8.02
C ARG B 97 12.26 15.45 6.98
N GLU B 98 11.99 14.39 6.21
CA GLU B 98 12.95 14.00 5.17
C GLU B 98 13.00 15.03 4.06
N PHE B 99 11.88 15.69 3.77
CA PHE B 99 11.86 16.72 2.73
C PHE B 99 12.73 17.91 3.12
N LEU B 100 12.61 18.38 4.36
CA LEU B 100 13.41 19.52 4.80
C LEU B 100 14.89 19.14 4.93
N ALA B 101 15.17 17.90 5.35
CA ALA B 101 16.55 17.44 5.38
C ALA B 101 17.14 17.38 3.98
N GLU B 102 16.34 16.97 2.99
CA GLU B 102 16.80 16.95 1.61
C GLU B 102 17.15 18.36 1.13
N LEU B 103 16.32 19.34 1.49
CA LEU B 103 16.62 20.72 1.14
C LEU B 103 17.90 21.19 1.83
N ALA B 104 18.10 20.78 3.08
CA ALA B 104 19.26 21.23 3.84
C ALA B 104 20.56 20.73 3.20
N ARG B 105 20.53 19.54 2.62
CA ARG B 105 21.70 19.00 1.93
C ARG B 105 21.97 19.68 0.58
N HIS B 106 21.11 20.60 0.16
CA HIS B 106 21.31 21.39 -1.06
C HIS B 106 21.14 22.88 -0.73
N PRO B 107 22.04 23.44 0.09
CA PRO B 107 21.77 24.80 0.63
C PRO B 107 21.69 25.89 -0.42
N ASP B 108 22.17 25.67 -1.65
CA ASP B 108 22.20 26.70 -2.68
C ASP B 108 21.38 26.29 -3.89
N PHE B 109 20.25 25.62 -3.67
CA PHE B 109 19.51 25.03 -4.78
C PHE B 109 18.84 26.10 -5.64
N SER B 110 18.83 25.85 -6.95
CA SER B 110 18.13 26.71 -7.91
C SER B 110 16.66 26.36 -7.86
N LEU B 111 15.86 27.20 -7.21
CA LEU B 111 14.44 26.89 -7.04
C LEU B 111 13.75 26.80 -8.40
N HIS B 112 13.93 27.83 -9.24
CA HIS B 112 13.24 27.90 -10.51
C HIS B 112 13.90 27.00 -11.54
N SER B 113 13.08 26.33 -12.35
CA SER B 113 13.59 25.44 -13.38
C SER B 113 14.10 26.21 -14.58
N GLY B 114 13.53 27.38 -14.87
CA GLY B 114 13.95 28.22 -15.97
C GLY B 114 12.97 28.24 -17.12
N GLY B 115 12.06 27.28 -17.19
CA GLY B 115 11.07 27.26 -18.26
C GLY B 115 10.55 25.85 -18.49
N SER B 116 10.19 25.60 -19.74
CA SER B 116 9.67 24.29 -20.13
C SER B 116 10.79 23.25 -20.19
N ARG B 117 10.41 21.98 -20.03
CA ARG B 117 11.40 20.92 -19.86
C ARG B 117 12.28 20.76 -21.09
N VAL B 118 11.78 21.13 -22.27
CA VAL B 118 12.53 21.00 -23.50
C VAL B 118 13.08 22.35 -23.98
N MET B 119 13.01 23.38 -23.15
CA MET B 119 13.35 24.75 -23.56
C MET B 119 14.00 25.51 -22.41
N GLY B 120 15.03 24.92 -21.81
CA GLY B 120 15.80 25.59 -20.78
C GLY B 120 15.39 25.29 -19.36
N GLY B 121 14.34 24.49 -19.16
CA GLY B 121 13.90 24.08 -17.85
C GLY B 121 14.43 22.76 -17.37
N ASN B 122 15.40 22.17 -18.07
CA ASN B 122 16.02 20.92 -17.65
C ASN B 122 17.17 21.20 -16.68
N TYR B 123 17.43 20.25 -15.78
CA TYR B 123 18.59 20.39 -14.91
C TYR B 123 19.01 19.02 -14.36
N ASP B 124 20.23 18.98 -13.85
CA ASP B 124 20.84 17.71 -13.46
C ASP B 124 20.04 17.03 -12.34
N TYR B 125 19.55 17.81 -11.37
CA TYR B 125 18.94 17.21 -10.19
C TYR B 125 17.67 16.43 -10.54
N ILE B 126 16.88 16.95 -11.48
CA ILE B 126 15.61 16.29 -11.78
C ILE B 126 15.84 15.03 -12.62
N GLU B 127 16.83 15.07 -13.52
CA GLU B 127 17.16 13.87 -14.29
C GLU B 127 17.68 12.78 -13.38
N ALA B 128 18.42 13.15 -12.32
CA ALA B 128 18.97 12.16 -11.41
C ALA B 128 17.89 11.57 -10.50
N VAL B 129 16.95 12.40 -10.05
CA VAL B 129 15.82 11.88 -9.29
C VAL B 129 14.98 10.96 -10.16
N GLU B 130 14.73 11.37 -11.41
CA GLU B 130 13.96 10.52 -12.32
C GLU B 130 14.59 9.14 -12.46
N GLN B 131 15.92 9.08 -12.59
CA GLN B 131 16.56 7.78 -12.76
C GLN B 131 16.52 6.96 -11.48
N GLU B 132 16.67 7.61 -10.33
CA GLU B 132 16.56 6.91 -9.05
C GLU B 132 15.19 6.26 -8.90
N ILE B 133 14.13 6.97 -9.27
CA ILE B 133 12.79 6.41 -9.23
C ILE B 133 12.65 5.26 -10.22
N ALA B 134 13.22 5.41 -11.41
CA ALA B 134 13.16 4.34 -12.40
C ALA B 134 13.88 3.10 -11.90
N ASP B 135 15.08 3.29 -11.33
CA ASP B 135 15.83 2.16 -10.76
C ASP B 135 15.00 1.42 -9.71
N PHE B 136 14.34 2.17 -8.82
CA PHE B 136 13.59 1.57 -7.73
C PHE B 136 12.39 0.79 -8.24
N LEU B 137 11.72 1.32 -9.27
CA LEU B 137 10.54 0.68 -9.84
C LEU B 137 10.87 -0.36 -10.92
N GLY B 138 12.15 -0.52 -11.25
CA GLY B 138 12.53 -1.52 -12.23
C GLY B 138 12.26 -1.14 -13.67
N ALA B 139 12.38 0.14 -14.00
CA ALA B 139 12.13 0.62 -15.35
C ALA B 139 13.39 1.25 -15.92
N GLU B 140 13.40 1.41 -17.24
CA GLU B 140 14.57 1.93 -17.93
C GLU B 140 14.75 3.43 -17.72
N THR B 141 13.67 4.20 -17.84
CA THR B 141 13.72 5.65 -17.62
C THR B 141 12.44 6.12 -16.93
N ALA B 142 12.46 7.37 -16.48
CA ALA B 142 11.30 8.02 -15.88
C ALA B 142 11.24 9.46 -16.33
N LEU B 143 10.00 9.98 -16.45
CA LEU B 143 9.74 11.37 -16.80
C LEU B 143 8.75 11.95 -15.80
N MET B 144 9.12 13.06 -15.17
CA MET B 144 8.37 13.59 -14.04
C MET B 144 7.34 14.62 -14.50
N PHE B 145 6.17 14.60 -13.86
CA PHE B 145 5.08 15.51 -14.17
C PHE B 145 4.55 16.16 -12.90
N ASN B 146 3.75 17.21 -13.10
CA ASN B 146 3.14 17.93 -11.98
C ASN B 146 2.13 17.08 -11.23
N SER B 147 1.57 16.05 -11.87
CA SER B 147 0.45 15.29 -11.33
C SER B 147 0.26 14.05 -12.18
N GLY B 148 -0.35 13.03 -11.56
CA GLY B 148 -0.73 11.85 -12.33
C GLY B 148 -1.71 12.17 -13.44
N SER B 149 -2.56 13.18 -13.23
CA SER B 149 -3.46 13.63 -14.29
C SER B 149 -2.68 14.12 -15.50
N ASN B 150 -1.68 14.98 -15.28
CA ASN B 150 -0.85 15.46 -16.37
C ASN B 150 -0.14 14.31 -17.08
N GLY B 151 0.32 13.32 -16.31
CA GLY B 151 0.98 12.17 -16.91
C GLY B 151 0.06 11.40 -17.85
N ASN B 152 -1.18 11.16 -17.42
CA ASN B 152 -2.14 10.48 -18.26
C ASN B 152 -2.46 11.29 -19.51
N ILE B 153 -2.63 12.60 -19.36
CA ILE B 153 -2.84 13.48 -20.51
C ILE B 153 -1.71 13.29 -21.51
N ALA B 154 -0.47 13.31 -21.03
CA ALA B 154 0.68 13.19 -21.91
C ALA B 154 0.75 11.82 -22.57
N ILE B 155 0.52 10.76 -21.80
CA ILE B 155 0.56 9.40 -22.35
C ILE B 155 -0.41 9.27 -23.51
N TYR B 156 -1.64 9.73 -23.32
CA TYR B 156 -2.68 9.43 -24.29
C TYR B 156 -2.77 10.47 -25.40
N THR B 157 -2.17 11.65 -25.25
CA THR B 157 -2.08 12.53 -26.41
C THR B 157 -0.85 12.22 -27.25
N ALA B 158 0.24 11.77 -26.63
CA ALA B 158 1.50 11.63 -27.33
C ALA B 158 1.69 10.24 -27.94
N ILE B 159 1.30 9.19 -27.24
CA ILE B 159 1.70 7.82 -27.59
C ILE B 159 0.87 7.23 -28.72
N PRO B 160 -0.48 7.25 -28.68
CA PRO B 160 -1.23 6.57 -29.75
C PRO B 160 -1.03 7.24 -31.10
N ARG B 161 -0.77 6.38 -32.14
CA ARG B 161 -0.53 6.74 -33.53
C ARG B 161 -1.80 6.57 -34.36
N PRO B 162 -1.94 7.32 -35.45
CA PRO B 162 -3.06 7.06 -36.37
C PRO B 162 -3.01 5.63 -36.88
N GLY B 163 -4.13 4.93 -36.75
CA GLY B 163 -4.19 3.52 -37.06
C GLY B 163 -4.22 2.63 -35.84
N ASP B 164 -3.72 3.10 -34.70
CA ASP B 164 -3.74 2.33 -33.48
C ASP B 164 -5.14 2.25 -32.90
N ALA B 165 -5.35 1.25 -32.06
CA ALA B 165 -6.58 1.08 -31.29
C ALA B 165 -6.26 1.15 -29.81
N ILE B 166 -7.20 1.71 -29.03
CA ILE B 166 -7.09 1.75 -27.58
C ILE B 166 -8.23 0.91 -27.00
N VAL B 167 -7.88 -0.12 -26.24
CA VAL B 167 -8.83 -0.93 -25.50
C VAL B 167 -8.63 -0.62 -24.02
N TYR B 168 -9.65 -0.08 -23.38
CA TYR B 168 -9.51 0.44 -22.02
C TYR B 168 -10.63 -0.05 -21.12
N ASP B 169 -10.28 -0.36 -19.88
CA ASP B 169 -11.27 -0.62 -18.85
C ASP B 169 -12.15 0.61 -18.68
N GLU B 170 -13.47 0.39 -18.61
CA GLU B 170 -14.40 1.51 -18.60
C GLU B 170 -14.15 2.48 -17.46
N LEU B 171 -13.58 1.99 -16.35
CA LEU B 171 -13.40 2.78 -15.15
C LEU B 171 -12.01 3.38 -15.03
N VAL B 172 -11.31 3.57 -16.14
CA VAL B 172 -10.04 4.31 -16.08
C VAL B 172 -10.32 5.76 -15.67
N HIS B 173 -9.26 6.46 -15.29
CA HIS B 173 -9.40 7.75 -14.64
C HIS B 173 -9.91 8.82 -15.61
N PHE B 174 -10.47 9.89 -15.03
CA PHE B 174 -10.99 11.01 -15.82
C PHE B 174 -9.93 11.55 -16.77
N SER B 175 -8.70 11.69 -16.28
CA SER B 175 -7.60 12.19 -17.10
C SER B 175 -7.27 11.26 -18.25
N THR B 176 -7.51 9.94 -18.09
CA THR B 176 -7.32 9.02 -19.20
C THR B 176 -8.41 9.20 -20.25
N HIS B 177 -9.65 9.42 -19.82
CA HIS B 177 -10.72 9.70 -20.77
C HIS B 177 -10.46 11.00 -21.51
N THR B 178 -10.06 12.05 -20.79
CA THR B 178 -9.70 13.30 -21.45
C THR B 178 -8.55 13.10 -22.43
N GLY B 179 -7.53 12.34 -22.01
CA GLY B 179 -6.40 12.10 -22.89
C GLY B 179 -6.79 11.35 -24.15
N MET B 180 -7.57 10.27 -24.00
CA MET B 180 -7.92 9.46 -25.16
C MET B 180 -8.77 10.24 -26.16
N ALA B 181 -9.67 11.10 -25.67
CA ALA B 181 -10.52 11.88 -26.55
C ALA B 181 -9.74 12.92 -27.34
N ALA B 182 -8.53 13.26 -26.90
CA ALA B 182 -7.67 14.21 -27.59
C ALA B 182 -6.53 13.54 -28.34
N SER B 183 -6.59 12.22 -28.52
CA SER B 183 -5.51 11.47 -29.15
C SER B 183 -5.73 11.37 -30.64
N LEU B 184 -4.68 10.90 -31.33
CA LEU B 184 -4.76 10.59 -32.75
C LEU B 184 -5.33 9.21 -33.02
N ALA B 185 -5.67 8.45 -31.97
CA ALA B 185 -6.14 7.08 -32.13
C ALA B 185 -7.52 7.05 -32.78
N THR B 186 -7.69 6.13 -33.72
CA THR B 186 -8.86 6.12 -34.58
C THR B 186 -10.06 5.42 -33.92
N THR B 187 -9.82 4.30 -33.24
CA THR B 187 -10.88 3.54 -32.58
C THR B 187 -10.55 3.39 -31.11
N LYS B 188 -11.58 3.57 -30.28
CA LYS B 188 -11.44 3.48 -28.83
C LYS B 188 -12.57 2.62 -28.30
N VAL B 189 -12.22 1.53 -27.60
CA VAL B 189 -13.17 0.51 -27.18
C VAL B 189 -13.05 0.30 -25.68
N ALA B 190 -14.14 0.54 -24.96
CA ALA B 190 -14.22 0.23 -23.55
C ALA B 190 -14.72 -1.20 -23.35
N PHE B 191 -14.36 -1.78 -22.21
CA PHE B 191 -14.87 -3.09 -21.83
C PHE B 191 -15.30 -3.07 -20.37
N ARG B 192 -16.26 -3.93 -20.05
CA ARG B 192 -16.84 -3.98 -18.72
C ARG B 192 -15.76 -4.20 -17.67
N HIS B 193 -15.95 -3.60 -16.49
CA HIS B 193 -14.87 -3.43 -15.53
C HIS B 193 -14.32 -4.76 -15.06
N ASN B 194 -12.98 -4.89 -15.12
CA ASN B 194 -12.22 -6.02 -14.58
C ASN B 194 -12.77 -7.36 -15.05
N ASP B 195 -13.43 -7.38 -16.19
CA ASP B 195 -14.06 -8.58 -16.73
C ASP B 195 -13.17 -9.15 -17.82
N LEU B 196 -12.61 -10.34 -17.56
CA LEU B 196 -11.69 -10.95 -18.51
C LEU B 196 -12.40 -11.33 -19.80
N ASP B 197 -13.64 -11.80 -19.70
CA ASP B 197 -14.38 -12.21 -20.90
C ASP B 197 -14.73 -10.99 -21.76
N ALA B 198 -15.17 -9.90 -21.15
CA ALA B 198 -15.43 -8.68 -21.91
C ALA B 198 -14.16 -8.13 -22.53
N PHE B 199 -13.01 -8.32 -21.88
CA PHE B 199 -11.75 -7.85 -22.42
C PHE B 199 -11.34 -8.69 -23.63
N ARG B 200 -11.51 -10.01 -23.54
CA ARG B 200 -11.22 -10.88 -24.67
C ARG B 200 -12.08 -10.54 -25.87
N GLU B 201 -13.34 -10.19 -25.64
CA GLU B 201 -14.24 -9.88 -26.75
C GLU B 201 -13.92 -8.52 -27.35
N ALA B 202 -13.52 -7.56 -26.52
CA ALA B 202 -13.06 -6.28 -27.05
C ALA B 202 -11.80 -6.47 -27.89
N MET B 203 -10.84 -7.24 -27.37
CA MET B 203 -9.60 -7.50 -28.10
C MET B 203 -9.86 -8.23 -29.41
N SER B 204 -10.76 -9.22 -29.39
CA SER B 204 -10.97 -10.06 -30.57
C SER B 204 -11.77 -9.33 -31.64
N SER B 205 -12.83 -8.60 -31.25
CA SER B 205 -13.62 -7.88 -32.25
C SER B 205 -12.83 -6.72 -32.85
N THR B 206 -12.00 -6.05 -32.04
CA THR B 206 -11.16 -4.99 -32.56
C THR B 206 -10.13 -5.53 -33.54
N MET B 207 -9.55 -6.70 -33.23
CA MET B 207 -8.59 -7.31 -34.13
C MET B 207 -9.24 -7.76 -35.43
N ASP B 208 -10.47 -8.27 -35.36
CA ASP B 208 -11.10 -8.83 -36.55
C ASP B 208 -11.51 -7.76 -37.55
N SER B 209 -11.73 -6.52 -37.09
CA SER B 209 -12.26 -5.47 -37.95
C SER B 209 -11.20 -4.50 -38.46
N HIS B 210 -9.94 -4.71 -38.09
CA HIS B 210 -8.86 -3.81 -38.47
C HIS B 210 -7.80 -4.59 -39.24
N PRO B 211 -7.65 -4.39 -40.55
CA PRO B 211 -6.60 -5.13 -41.28
C PRO B 211 -5.20 -4.81 -40.78
N MET B 212 -4.97 -3.59 -40.27
CA MET B 212 -3.64 -3.19 -39.86
C MET B 212 -3.29 -3.62 -38.44
N LEU B 213 -4.25 -4.15 -37.68
CA LEU B 213 -3.93 -4.90 -36.48
C LEU B 213 -3.74 -6.37 -36.79
N GLN B 214 -4.47 -6.87 -37.79
CA GLN B 214 -4.30 -8.25 -38.22
C GLN B 214 -2.91 -8.50 -38.78
N ASP B 215 -2.40 -7.58 -39.59
CA ASP B 215 -1.08 -7.76 -40.18
C ASP B 215 0.05 -7.27 -39.28
N GLY B 216 -0.25 -6.72 -38.13
CA GLY B 216 0.77 -6.36 -37.16
C GLY B 216 1.47 -5.05 -37.40
N SER B 217 0.94 -4.20 -38.27
CA SER B 217 1.57 -2.92 -38.59
C SER B 217 1.10 -1.78 -37.70
N ARG B 218 0.01 -1.96 -36.95
CA ARG B 218 -0.42 -1.01 -35.94
C ARG B 218 -0.66 -1.76 -34.65
N SER B 219 -0.88 -1.01 -33.56
CA SER B 219 -0.89 -1.59 -32.22
C SER B 219 -2.26 -1.42 -31.56
N ILE B 220 -2.53 -2.30 -30.61
CA ILE B 220 -3.60 -2.12 -29.63
C ILE B 220 -2.95 -1.72 -28.32
N LEU B 221 -3.31 -0.55 -27.81
CA LEU B 221 -2.88 -0.11 -26.49
C LEU B 221 -3.95 -0.48 -25.48
N VAL B 222 -3.56 -1.24 -24.45
CA VAL B 222 -4.46 -1.62 -23.37
C VAL B 222 -4.20 -0.72 -22.18
N SER B 223 -5.26 -0.12 -21.63
CA SER B 223 -5.19 0.90 -20.59
C SER B 223 -5.95 0.40 -19.35
N VAL B 224 -5.23 0.28 -18.23
CA VAL B 224 -5.78 -0.26 -17.00
C VAL B 224 -5.25 0.55 -15.82
N GLU B 225 -6.02 0.54 -14.73
CA GLU B 225 -5.54 0.92 -13.42
C GLU B 225 -5.22 -0.36 -12.65
N SER B 226 -4.08 -0.38 -11.94
CA SER B 226 -3.78 -1.56 -11.15
C SER B 226 -4.65 -1.64 -9.91
N VAL B 227 -4.95 -0.50 -9.30
CA VAL B 227 -5.93 -0.41 -8.21
C VAL B 227 -6.90 0.70 -8.56
N TYR B 228 -8.19 0.35 -8.64
CA TYR B 228 -9.25 1.29 -9.07
C TYR B 228 -9.71 2.20 -7.92
N SER B 229 -9.71 3.51 -8.17
CA SER B 229 -9.97 4.54 -7.13
C SER B 229 -11.34 4.45 -6.46
N MET B 230 -12.39 4.09 -7.18
CA MET B 230 -13.75 4.14 -6.59
C MET B 230 -14.32 2.71 -6.43
N ASP B 231 -13.58 1.68 -6.82
CA ASP B 231 -14.06 0.33 -6.58
C ASP B 231 -13.09 -0.53 -5.80
N GLY B 232 -11.82 -0.13 -5.69
CA GLY B 232 -10.86 -0.78 -4.82
C GLY B 232 -10.40 -2.15 -5.28
N ASP B 233 -10.89 -2.67 -6.39
CA ASP B 233 -10.42 -3.97 -6.84
C ASP B 233 -9.19 -3.82 -7.72
N VAL B 234 -8.58 -4.96 -8.04
CA VAL B 234 -7.23 -5.02 -8.60
C VAL B 234 -7.28 -5.60 -10.00
N CYS B 235 -6.50 -5.02 -10.90
CA CYS B 235 -6.46 -5.49 -12.28
C CYS B 235 -5.81 -6.87 -12.36
N PRO B 236 -6.47 -7.87 -12.94
CA PRO B 236 -5.81 -9.18 -13.14
C PRO B 236 -4.82 -9.09 -14.30
N LEU B 237 -3.67 -8.48 -14.00
CA LEU B 237 -2.74 -8.05 -15.05
C LEU B 237 -2.10 -9.24 -15.77
N VAL B 238 -1.78 -10.29 -15.03
CA VAL B 238 -1.13 -11.45 -15.65
C VAL B 238 -2.10 -12.14 -16.61
N GLU B 239 -3.37 -12.27 -16.21
CA GLU B 239 -4.35 -12.93 -17.08
C GLU B 239 -4.61 -12.12 -18.34
N MET B 240 -4.66 -10.79 -18.22
CA MET B 240 -4.89 -9.96 -19.41
C MET B 240 -3.74 -10.09 -20.39
N LEU B 241 -2.50 -10.16 -19.89
CA LEU B 241 -1.33 -10.28 -20.76
C LEU B 241 -1.40 -11.55 -21.58
N GLU B 242 -1.72 -12.67 -20.94
CA GLU B 242 -1.85 -13.93 -21.66
C GLU B 242 -2.93 -13.85 -22.73
N ILE B 243 -4.04 -13.18 -22.42
CA ILE B 243 -5.12 -13.04 -23.39
C ILE B 243 -4.67 -12.17 -24.56
N ALA B 244 -3.99 -11.06 -24.26
CA ALA B 244 -3.46 -10.20 -25.32
C ALA B 244 -2.48 -10.95 -26.21
N ARG B 245 -1.57 -11.73 -25.61
CA ARG B 245 -0.64 -12.52 -26.40
C ARG B 245 -1.37 -13.54 -27.26
N GLU B 246 -2.44 -14.13 -26.74
CA GLU B 246 -3.20 -15.11 -27.53
C GLU B 246 -3.89 -14.44 -28.71
N ILE B 247 -4.50 -13.28 -28.50
CA ILE B 247 -5.26 -12.61 -29.55
C ILE B 247 -4.35 -11.82 -30.49
N CYS B 248 -3.16 -11.40 -30.03
CA CYS B 248 -2.20 -10.67 -30.85
C CYS B 248 -0.93 -11.51 -31.00
N PRO B 249 -0.98 -12.60 -31.77
CA PRO B 249 0.19 -13.49 -31.88
C PRO B 249 1.42 -12.79 -32.42
N LYS B 250 1.26 -11.72 -33.20
CA LYS B 250 2.40 -10.94 -33.66
C LYS B 250 2.94 -10.00 -32.60
N GLY B 251 2.24 -9.83 -31.48
CA GLY B 251 2.74 -9.04 -30.38
C GLY B 251 2.54 -7.55 -30.53
N ASN B 252 1.66 -7.11 -31.43
CA ASN B 252 1.42 -5.69 -31.65
C ASN B 252 0.43 -5.13 -30.64
N PHE B 253 0.82 -5.22 -29.37
CA PHE B 253 0.06 -4.64 -28.27
C PHE B 253 1.02 -4.04 -27.26
N ALA B 254 0.51 -3.12 -26.46
CA ALA B 254 1.29 -2.50 -25.40
C ALA B 254 0.38 -2.10 -24.25
N PHE B 255 0.74 -2.50 -23.04
CA PHE B 255 -0.07 -2.19 -21.86
C PHE B 255 0.37 -0.88 -21.22
N ILE B 256 -0.61 -0.14 -20.70
CA ILE B 256 -0.38 1.09 -19.95
C ILE B 256 -1.07 0.91 -18.60
N ALA B 257 -0.30 1.04 -17.52
CA ALA B 257 -0.77 0.73 -16.17
C ALA B 257 -0.73 1.98 -15.31
N ASP B 258 -1.91 2.43 -14.87
CA ASP B 258 -2.07 3.54 -13.95
C ASP B 258 -1.99 2.99 -12.52
N GLU B 259 -0.87 3.22 -11.85
CA GLU B 259 -0.60 2.66 -10.53
C GLU B 259 -0.85 3.64 -9.39
N ALA B 260 -1.68 4.66 -9.61
CA ALA B 260 -1.81 5.74 -8.64
C ALA B 260 -2.11 5.23 -7.24
N HIS B 261 -2.96 4.21 -7.13
CA HIS B 261 -3.37 3.69 -5.83
C HIS B 261 -2.61 2.41 -5.46
N ALA B 262 -1.49 2.14 -6.10
CA ALA B 262 -0.67 0.98 -5.79
C ALA B 262 0.68 1.33 -5.19
N THR B 263 1.33 2.38 -5.68
CA THR B 263 2.62 2.77 -5.15
C THR B 263 2.50 3.07 -3.66
N GLY B 264 3.44 2.52 -2.87
CA GLY B 264 3.44 2.67 -1.44
C GLY B 264 2.58 1.68 -0.69
N VAL B 265 1.63 1.03 -1.36
CA VAL B 265 0.60 0.25 -0.69
C VAL B 265 0.65 -1.19 -1.15
N VAL B 266 1.08 -1.41 -2.38
CA VAL B 266 1.15 -2.74 -2.98
C VAL B 266 2.61 -3.09 -3.24
N GLY B 267 2.96 -4.36 -3.03
CA GLY B 267 4.26 -4.87 -3.40
C GLY B 267 5.32 -4.64 -2.34
N PRO B 268 6.44 -5.35 -2.46
CA PRO B 268 7.53 -5.21 -1.48
C PRO B 268 8.07 -3.80 -1.47
N ARG B 269 8.09 -3.20 -0.27
CA ARG B 269 8.60 -1.86 -0.06
C ARG B 269 7.87 -0.80 -0.89
N GLY B 270 6.68 -1.13 -1.38
CA GLY B 270 5.81 -0.18 -2.04
C GLY B 270 5.99 -0.05 -3.54
N VAL B 271 6.68 -0.98 -4.19
CA VAL B 271 7.03 -0.85 -5.59
C VAL B 271 5.81 -0.85 -6.52
N GLY B 272 4.65 -1.27 -6.02
CA GLY B 272 3.44 -1.30 -6.83
C GLY B 272 3.17 -2.68 -7.38
N LEU B 273 2.11 -2.76 -8.20
CA LEU B 273 1.61 -4.05 -8.65
C LEU B 273 2.42 -4.63 -9.80
N VAL B 274 2.87 -3.79 -10.74
CA VAL B 274 3.59 -4.29 -11.90
C VAL B 274 4.89 -4.98 -11.47
N LYS B 275 5.64 -4.37 -10.55
CA LYS B 275 6.89 -4.99 -10.13
C LYS B 275 6.64 -6.13 -9.15
N LEU B 276 5.52 -6.11 -8.43
CA LEU B 276 5.17 -7.24 -7.58
C LEU B 276 4.98 -8.51 -8.42
N LEU B 277 4.32 -8.38 -9.57
CA LEU B 277 4.10 -9.52 -10.45
C LEU B 277 5.28 -9.83 -11.34
N GLY B 278 6.30 -8.98 -11.34
CA GLY B 278 7.45 -9.19 -12.20
C GLY B 278 7.23 -8.82 -13.65
N LEU B 279 6.34 -7.86 -13.92
CA LEU B 279 5.92 -7.55 -15.27
C LEU B 279 6.52 -6.25 -15.81
N GLU B 280 7.58 -5.73 -15.19
CA GLU B 280 8.11 -4.43 -15.60
C GLU B 280 8.56 -4.42 -17.06
N ASN B 281 8.90 -5.58 -17.63
CA ASN B 281 9.26 -5.66 -19.04
C ASN B 281 8.07 -5.94 -19.94
N GLU B 282 6.93 -6.30 -19.38
CA GLU B 282 5.74 -6.61 -20.15
C GLU B 282 4.75 -5.47 -20.24
N VAL B 283 4.91 -4.44 -19.41
CA VAL B 283 4.03 -3.28 -19.41
C VAL B 283 4.86 -2.12 -19.95
N ALA B 284 4.55 -1.71 -21.19
CA ALA B 284 5.40 -0.74 -21.87
C ALA B 284 5.42 0.60 -21.15
N ILE B 285 4.28 1.02 -20.61
CA ILE B 285 4.14 2.32 -19.96
C ILE B 285 3.50 2.14 -18.60
N ARG B 286 4.06 2.81 -17.59
CA ARG B 286 3.53 2.81 -16.24
C ARG B 286 3.49 4.23 -15.72
N LEU B 287 2.44 4.53 -14.97
CA LEU B 287 2.28 5.82 -14.31
C LEU B 287 2.23 5.59 -12.80
N ASN B 288 3.19 6.13 -12.07
CA ASN B 288 3.23 6.05 -10.62
C ASN B 288 3.13 7.46 -10.06
N THR B 289 2.07 7.71 -9.29
CA THR B 289 1.75 9.05 -8.82
C THR B 289 2.12 9.21 -7.35
N CYS B 290 2.21 10.46 -6.92
CA CYS B 290 2.66 10.80 -5.57
C CYS B 290 1.58 11.40 -4.70
N GLY B 291 0.35 11.52 -5.20
CA GLY B 291 -0.69 12.21 -4.46
C GLY B 291 -1.38 11.42 -3.38
N LYS B 292 -1.15 10.09 -3.31
CA LYS B 292 -1.85 9.27 -2.33
C LYS B 292 -0.84 8.77 -1.32
N ALA B 293 -0.31 7.55 -1.46
CA ALA B 293 0.53 6.98 -0.42
C ALA B 293 1.80 7.80 -0.19
N LEU B 294 2.27 8.49 -1.23
CA LEU B 294 3.51 9.26 -1.13
C LEU B 294 3.28 10.68 -0.63
N ALA B 295 2.03 11.08 -0.42
CA ALA B 295 1.67 12.19 0.46
C ALA B 295 2.18 13.55 -0.02
N CYS B 296 2.34 13.75 -1.32
CA CYS B 296 2.61 15.09 -1.83
C CYS B 296 1.84 15.32 -3.12
N THR B 297 2.55 15.71 -4.18
CA THR B 297 1.98 15.77 -5.53
C THR B 297 3.04 15.30 -6.51
N GLY B 298 2.62 15.11 -7.76
CA GLY B 298 3.52 14.77 -8.84
C GLY B 298 3.30 13.34 -9.31
N SER B 299 4.06 12.99 -10.35
CA SER B 299 4.01 11.65 -10.93
C SER B 299 5.23 11.44 -11.81
N VAL B 300 5.47 10.18 -12.14
CA VAL B 300 6.45 9.81 -13.15
C VAL B 300 5.80 8.82 -14.12
N VAL B 301 6.08 8.98 -15.40
CA VAL B 301 5.77 7.97 -16.41
C VAL B 301 7.03 7.17 -16.67
N LEU B 302 6.88 5.85 -16.69
CA LEU B 302 8.01 4.93 -16.83
C LEU B 302 7.94 4.22 -18.18
N GLY B 303 9.10 4.10 -18.82
CA GLY B 303 9.20 3.39 -20.07
C GLY B 303 10.63 3.39 -20.54
N ASN B 304 10.84 2.90 -21.76
CA ASN B 304 12.17 3.01 -22.32
C ASN B 304 12.40 4.42 -22.86
N ALA B 305 13.54 4.63 -23.52
CA ALA B 305 13.89 5.95 -24.00
C ALA B 305 13.04 6.39 -25.19
N THR B 306 12.47 5.44 -25.93
CA THR B 306 11.57 5.81 -27.03
C THR B 306 10.26 6.37 -26.49
N VAL B 307 9.72 5.77 -25.42
CA VAL B 307 8.51 6.29 -24.80
C VAL B 307 8.76 7.66 -24.19
N ARG B 308 9.94 7.85 -23.61
CA ARG B 308 10.26 9.11 -22.92
C ARG B 308 10.43 10.26 -23.90
N ASN B 309 11.09 10.00 -25.03
CA ASN B 309 11.24 11.04 -26.04
C ASN B 309 9.93 11.29 -26.79
N MET B 310 9.09 10.27 -26.88
CA MET B 310 7.75 10.44 -27.44
C MET B 310 6.94 11.44 -26.62
N LEU B 311 7.02 11.32 -25.28
CA LEU B 311 6.33 12.26 -24.40
C LEU B 311 6.90 13.67 -24.54
N LEU B 312 8.23 13.79 -24.53
CA LEU B 312 8.86 15.11 -24.58
C LEU B 312 8.60 15.82 -25.90
N ASN B 313 8.15 15.12 -26.94
CA ASN B 313 8.00 15.70 -28.26
C ASN B 313 6.56 15.81 -28.73
N TYR B 314 5.69 14.87 -28.37
CA TYR B 314 4.32 14.85 -28.88
C TYR B 314 3.26 15.13 -27.82
N ALA B 315 3.65 15.33 -26.57
CA ALA B 315 2.73 15.71 -25.50
C ALA B 315 2.80 17.23 -25.36
N GLY B 316 1.89 17.92 -26.05
CA GLY B 316 1.90 19.38 -26.03
C GLY B 316 1.65 19.97 -24.66
N SER B 317 0.90 19.26 -23.81
CA SER B 317 0.70 19.70 -22.44
C SER B 317 2.03 19.82 -21.71
N LEU B 318 2.95 18.88 -21.97
CA LEU B 318 4.27 18.94 -21.35
C LEU B 318 5.13 20.02 -21.98
N VAL B 319 5.12 20.11 -23.31
CA VAL B 319 6.00 21.06 -24.00
C VAL B 319 5.72 22.48 -23.54
N ASN B 320 4.45 22.82 -23.33
CA ASN B 320 4.03 24.20 -23.12
C ASN B 320 3.73 24.51 -21.66
N THR B 321 4.44 23.88 -20.72
CA THR B 321 4.28 24.21 -19.31
C THR B 321 5.63 24.27 -18.64
N THR B 322 5.70 25.02 -17.53
CA THR B 322 6.95 25.19 -16.80
C THR B 322 7.37 23.87 -16.15
N ALA B 323 8.66 23.55 -16.27
CA ALA B 323 9.20 22.34 -15.67
C ALA B 323 9.25 22.47 -14.15
N PRO B 324 9.24 21.34 -13.43
CA PRO B 324 9.03 21.40 -11.97
C PRO B 324 10.17 22.07 -11.23
N SER B 325 9.81 22.84 -10.21
CA SER B 325 10.76 23.51 -9.35
C SER B 325 11.53 22.51 -8.47
N PHE B 326 12.70 22.94 -8.01
CA PHE B 326 13.55 22.09 -7.18
C PHE B 326 12.85 21.52 -5.96
N PRO B 327 12.10 22.30 -5.17
CA PRO B 327 11.43 21.69 -4.00
C PRO B 327 10.37 20.68 -4.39
N SER B 328 9.66 20.89 -5.51
CA SER B 328 8.70 19.90 -5.97
C SER B 328 9.37 18.57 -6.27
N VAL B 329 10.55 18.63 -6.90
CA VAL B 329 11.32 17.41 -7.15
C VAL B 329 11.80 16.81 -5.84
N ALA B 330 12.26 17.67 -4.92
CA ALA B 330 12.90 17.19 -3.70
C ALA B 330 11.93 16.44 -2.80
N VAL B 331 10.67 16.88 -2.75
CA VAL B 331 9.71 16.18 -1.89
C VAL B 331 9.39 14.80 -2.49
N ILE B 332 9.40 14.69 -3.81
CA ILE B 332 9.20 13.38 -4.43
C ILE B 332 10.38 12.47 -4.13
N ARG B 333 11.61 13.00 -4.23
CA ARG B 333 12.78 12.19 -3.89
C ARG B 333 12.74 11.75 -2.44
N ALA B 334 12.40 12.67 -1.53
CA ALA B 334 12.28 12.31 -0.12
C ALA B 334 11.29 11.18 0.07
N ALA B 335 10.14 11.26 -0.63
CA ALA B 335 9.13 10.22 -0.52
C ALA B 335 9.68 8.87 -0.95
N TYR B 336 10.34 8.80 -2.10
CA TYR B 336 10.91 7.55 -2.56
C TYR B 336 12.06 7.10 -1.67
N ASN B 337 12.81 8.04 -1.09
CA ASN B 337 13.86 7.66 -0.16
C ASN B 337 13.31 7.02 1.10
N LEU B 338 12.10 7.40 1.53
CA LEU B 338 11.49 6.74 2.67
C LEU B 338 11.10 5.30 2.34
N MET B 339 10.67 5.05 1.11
CA MET B 339 10.29 3.70 0.73
C MET B 339 11.49 2.79 0.60
N ARG B 340 12.56 3.27 -0.05
CA ARG B 340 13.68 2.39 -0.34
C ARG B 340 14.50 2.05 0.91
N THR B 341 14.46 2.90 1.93
CA THR B 341 15.10 2.59 3.20
C THR B 341 14.21 1.79 4.14
N GLY B 342 13.11 1.23 3.63
CA GLY B 342 12.23 0.39 4.42
C GLY B 342 11.44 1.11 5.49
N ALA B 343 11.39 2.44 5.46
CA ALA B 343 10.72 3.22 6.49
C ALA B 343 9.23 3.38 6.27
N THR B 344 8.67 2.70 5.25
CA THR B 344 7.22 2.65 5.06
C THR B 344 6.68 1.23 5.13
N GLN B 345 7.52 0.24 5.49
CA GLN B 345 7.08 -1.14 5.46
C GLN B 345 6.15 -1.46 6.63
N LYS B 346 6.45 -0.94 7.82
CA LYS B 346 5.54 -1.12 8.95
C LYS B 346 4.18 -0.48 8.67
N ALA B 347 4.20 0.76 8.16
CA ALA B 347 2.94 1.43 7.80
C ALA B 347 2.20 0.66 6.71
N GLN B 348 2.92 0.13 5.73
CA GLN B 348 2.26 -0.63 4.66
C GLN B 348 1.64 -1.91 5.22
N ASP B 349 2.36 -2.61 6.10
CA ASP B 349 1.79 -3.79 6.73
C ASP B 349 0.58 -3.44 7.59
N ASN B 350 0.58 -2.27 8.21
CA ASN B 350 -0.54 -1.88 9.06
C ASN B 350 -1.83 -1.73 8.27
N ILE B 351 -1.73 -1.23 7.03
CA ILE B 351 -2.92 -1.10 6.18
C ILE B 351 -3.54 -2.47 5.96
N GLN B 352 -2.72 -3.45 5.54
CA GLN B 352 -3.21 -4.81 5.33
C GLN B 352 -3.94 -5.33 6.56
N HIS B 353 -3.39 -5.07 7.75
CA HIS B 353 -4.02 -5.54 8.97
C HIS B 353 -5.34 -4.83 9.24
N LEU B 354 -5.36 -3.50 9.12
CA LEU B 354 -6.58 -2.75 9.44
C LEU B 354 -7.71 -3.04 8.47
N VAL B 355 -7.40 -3.16 7.18
CA VAL B 355 -8.42 -3.52 6.20
C VAL B 355 -8.94 -4.93 6.48
N LYS B 356 -8.01 -5.88 6.67
CA LYS B 356 -8.41 -7.25 6.96
C LYS B 356 -9.18 -7.35 8.28
N TYR B 357 -8.89 -6.45 9.22
CA TYR B 357 -9.64 -6.43 10.48
C TYR B 357 -11.04 -5.87 10.28
N PHE B 358 -11.18 -4.81 9.46
CA PHE B 358 -12.50 -4.29 9.17
C PHE B 358 -13.35 -5.32 8.45
N PHE B 359 -12.74 -6.08 7.54
CA PHE B 359 -13.49 -7.03 6.73
C PHE B 359 -14.07 -8.14 7.59
N GLU B 360 -13.26 -8.74 8.45
CA GLU B 360 -13.80 -9.80 9.30
C GLU B 360 -14.76 -9.25 10.34
N SER B 361 -14.52 -8.04 10.84
CA SER B 361 -15.45 -7.44 11.79
C SER B 361 -16.81 -7.21 11.16
N ILE B 362 -16.84 -6.60 9.97
CA ILE B 362 -18.12 -6.20 9.38
C ILE B 362 -18.92 -7.43 8.93
N THR B 363 -18.24 -8.46 8.41
CA THR B 363 -18.95 -9.62 7.90
C THR B 363 -19.28 -10.65 8.98
N SER B 364 -18.77 -10.48 10.20
CA SER B 364 -19.17 -11.30 11.33
C SER B 364 -20.26 -10.64 12.16
N SER B 365 -20.76 -9.47 11.75
CA SER B 365 -21.82 -8.80 12.48
C SER B 365 -23.11 -9.59 12.40
N ASN B 366 -23.99 -9.37 13.40
CA ASN B 366 -25.27 -10.05 13.40
C ASN B 366 -26.12 -9.66 12.19
N ILE B 367 -26.13 -8.36 11.85
CA ILE B 367 -27.03 -7.85 10.82
C ILE B 367 -26.47 -7.98 9.41
N TRP B 368 -25.23 -8.43 9.26
CA TRP B 368 -24.57 -8.39 7.95
C TRP B 368 -25.32 -9.22 6.90
N ASP B 369 -25.71 -10.44 7.27
CA ASP B 369 -26.43 -11.29 6.31
C ASP B 369 -27.72 -10.63 5.85
N LYS B 370 -28.47 -10.05 6.78
CA LYS B 370 -29.77 -9.49 6.43
C LYS B 370 -29.62 -8.20 5.64
N ALA B 371 -28.73 -7.31 6.07
CA ALA B 371 -28.56 -6.03 5.38
C ALA B 371 -27.98 -6.24 3.98
N THR B 372 -27.06 -7.20 3.82
CA THR B 372 -26.48 -7.46 2.51
C THR B 372 -27.50 -8.10 1.57
N ASP B 373 -28.33 -9.01 2.09
CA ASP B 373 -29.32 -9.68 1.25
C ASP B 373 -30.36 -8.69 0.74
N LEU B 374 -30.78 -7.75 1.59
CA LEU B 374 -31.83 -6.80 1.23
C LEU B 374 -31.33 -5.64 0.37
N GLY B 375 -30.02 -5.49 0.23
CA GLY B 375 -29.46 -4.33 -0.46
C GLY B 375 -29.29 -3.11 0.40
N ILE B 376 -29.44 -3.24 1.72
CA ILE B 376 -29.28 -2.09 2.61
C ILE B 376 -27.82 -1.73 2.76
N LEU B 377 -26.95 -2.72 2.94
CA LEU B 377 -25.52 -2.53 2.84
C LEU B 377 -24.98 -3.42 1.73
N SER B 378 -23.86 -3.00 1.17
CA SER B 378 -23.17 -3.78 0.14
C SER B 378 -21.72 -3.33 0.12
N ILE B 379 -20.81 -4.22 0.47
CA ILE B 379 -19.38 -3.93 0.42
C ILE B 379 -18.72 -5.06 -0.37
N PRO B 380 -18.62 -4.92 -1.70
CA PRO B 380 -18.17 -6.06 -2.52
C PRO B 380 -16.74 -6.47 -2.26
N VAL B 381 -15.88 -5.55 -1.79
CA VAL B 381 -14.50 -5.91 -1.54
C VAL B 381 -14.35 -6.78 -0.30
N ALA B 382 -15.36 -6.80 0.57
CA ALA B 382 -15.33 -7.64 1.77
C ALA B 382 -15.76 -9.08 1.50
N GLU B 383 -15.93 -9.46 0.23
CA GLU B 383 -16.31 -10.81 -0.14
C GLU B 383 -15.09 -11.57 -0.61
N ASP B 384 -14.90 -12.78 -0.05
CA ASP B 384 -13.78 -13.66 -0.38
C ASP B 384 -12.47 -12.88 -0.40
N TYR B 385 -12.33 -11.90 0.49
CA TYR B 385 -11.09 -11.15 0.61
C TYR B 385 -9.92 -12.02 1.03
N GLU B 386 -10.19 -13.23 1.52
CA GLU B 386 -9.16 -14.17 1.92
C GLU B 386 -8.53 -14.90 0.74
N SER B 387 -9.15 -14.82 -0.45
CA SER B 387 -8.66 -15.50 -1.64
C SER B 387 -7.63 -14.69 -2.40
N LEU B 388 -7.14 -13.60 -1.82
CA LEU B 388 -6.19 -12.72 -2.48
C LEU B 388 -4.86 -12.77 -1.76
N ASP B 389 -3.80 -12.42 -2.49
CA ASP B 389 -2.49 -12.27 -1.86
C ASP B 389 -2.42 -11.00 -1.02
N PHE B 390 -3.34 -10.06 -1.24
CA PHE B 390 -3.36 -8.82 -0.47
C PHE B 390 -4.73 -8.16 -0.65
N VAL B 391 -4.95 -7.12 0.15
CA VAL B 391 -6.13 -6.28 0.05
C VAL B 391 -5.68 -4.86 -0.21
N THR B 392 -6.64 -4.00 -0.57
CA THR B 392 -6.35 -2.59 -0.75
C THR B 392 -7.04 -1.77 0.32
N HIS B 393 -6.65 -0.49 0.36
CA HIS B 393 -7.11 0.49 1.32
C HIS B 393 -8.46 1.09 0.96
N ILE B 394 -8.97 0.83 -0.24
CA ILE B 394 -10.19 1.47 -0.73
C ILE B 394 -11.37 0.58 -0.41
N VAL B 395 -12.32 1.10 0.37
CA VAL B 395 -13.50 0.34 0.77
C VAL B 395 -14.74 1.11 0.31
N PRO B 396 -15.24 0.88 -0.90
CA PRO B 396 -16.48 1.53 -1.30
C PRO B 396 -17.67 0.85 -0.65
N ILE B 397 -18.49 1.64 0.05
CA ILE B 397 -19.65 1.12 0.77
C ILE B 397 -20.90 1.63 0.09
N TRP B 398 -21.71 0.72 -0.43
CA TRP B 398 -22.96 1.01 -1.10
C TRP B 398 -24.13 0.78 -0.16
N THR B 399 -25.20 1.55 -0.36
CA THR B 399 -26.50 1.26 0.22
C THR B 399 -27.50 1.35 -0.93
N ARG B 400 -28.77 1.60 -0.60
CA ARG B 400 -29.69 1.96 -1.64
C ARG B 400 -29.40 3.39 -2.09
N GLN B 401 -29.62 3.67 -3.38
CA GLN B 401 -29.36 5.00 -3.90
C GLN B 401 -30.19 6.05 -3.17
N LYS B 402 -31.38 5.69 -2.72
CA LYS B 402 -32.20 6.61 -1.94
C LYS B 402 -31.55 6.96 -0.60
N TYR B 403 -30.76 6.04 -0.05
CA TYR B 403 -30.22 6.20 1.30
C TYR B 403 -28.79 6.73 1.33
N ASN B 404 -28.20 7.01 0.17
CA ASN B 404 -26.76 7.25 0.15
C ASN B 404 -26.38 8.52 0.89
N TRP B 405 -27.12 9.61 0.70
CA TRP B 405 -26.81 10.82 1.45
C TRP B 405 -27.14 10.63 2.93
N TRP B 406 -28.19 9.88 3.24
CA TRP B 406 -28.49 9.55 4.63
C TRP B 406 -27.33 8.76 5.25
N LEU B 407 -26.76 7.81 4.50
CA LEU B 407 -25.60 7.08 5.00
C LEU B 407 -24.43 8.02 5.26
N PHE B 408 -24.21 8.98 4.38
CA PHE B 408 -23.14 9.96 4.60
C PHE B 408 -23.45 10.82 5.82
N PHE B 409 -24.68 11.31 5.92
CA PHE B 409 -25.07 12.10 7.09
C PHE B 409 -24.85 11.31 8.37
N HIS B 410 -25.26 10.04 8.38
CA HIS B 410 -25.13 9.21 9.57
C HIS B 410 -23.69 9.06 10.01
N LEU B 411 -22.80 8.76 9.06
CA LEU B 411 -21.38 8.62 9.37
C LEU B 411 -20.79 9.95 9.84
N GLN B 412 -21.09 11.04 9.13
CA GLN B 412 -20.52 12.34 9.48
C GLN B 412 -20.95 12.79 10.87
N LEU B 413 -22.19 12.49 11.27
CA LEU B 413 -22.66 12.89 12.59
C LEU B 413 -22.07 12.03 13.70
N ALA B 414 -21.78 10.76 13.42
CA ALA B 414 -21.00 9.95 14.37
C ALA B 414 -19.54 10.37 14.41
N LYS B 415 -19.19 11.43 13.69
CA LYS B 415 -17.84 11.98 13.65
C LYS B 415 -16.86 11.01 12.99
N ILE B 416 -17.30 10.41 11.89
CA ILE B 416 -16.49 9.53 11.06
C ILE B 416 -16.47 10.15 9.67
N ALA B 417 -15.35 10.75 9.31
CA ALA B 417 -15.24 11.44 8.02
C ALA B 417 -15.03 10.44 6.89
N VAL B 418 -15.93 10.47 5.91
CA VAL B 418 -15.81 9.69 4.68
C VAL B 418 -16.07 10.63 3.52
N VAL B 419 -15.82 10.13 2.31
CA VAL B 419 -16.02 10.89 1.08
C VAL B 419 -17.28 10.39 0.40
N PRO B 420 -18.29 11.25 0.18
CA PRO B 420 -19.45 10.82 -0.58
C PRO B 420 -19.17 10.92 -2.07
N ILE B 421 -19.68 9.94 -2.81
CA ILE B 421 -19.35 9.76 -4.22
C ILE B 421 -20.66 9.67 -5.01
N ASP B 422 -20.95 10.71 -5.79
CA ASP B 422 -22.19 10.78 -6.55
C ASP B 422 -21.88 11.38 -7.92
N TYR B 423 -22.88 11.36 -8.78
CA TYR B 423 -22.77 11.99 -10.10
C TYR B 423 -22.29 13.44 -9.92
N PRO B 424 -21.37 13.93 -10.76
CA PRO B 424 -20.82 13.36 -12.00
C PRO B 424 -19.57 12.48 -11.87
N GLN B 425 -18.91 12.43 -10.71
CA GLN B 425 -17.70 11.63 -10.58
C GLN B 425 -17.95 10.15 -10.79
N VAL B 426 -19.20 9.71 -10.72
CA VAL B 426 -19.63 8.35 -11.02
C VAL B 426 -20.97 8.48 -11.74
N PRO B 427 -21.47 7.45 -12.43
CA PRO B 427 -22.74 7.59 -13.15
C PRO B 427 -23.91 7.84 -12.21
N LYS B 428 -25.05 8.19 -12.81
CA LYS B 428 -26.16 8.76 -12.05
C LYS B 428 -26.67 7.82 -10.97
N GLY B 429 -26.68 6.52 -11.25
CA GLY B 429 -27.26 5.57 -10.32
C GLY B 429 -26.25 4.72 -9.58
N LYS B 430 -24.97 5.09 -9.62
CA LYS B 430 -23.90 4.32 -9.00
C LYS B 430 -23.29 5.04 -7.81
N SER B 431 -24.07 5.84 -7.10
CA SER B 431 -23.52 6.63 -6.00
C SER B 431 -23.24 5.74 -4.78
N ARG B 432 -22.27 6.18 -3.98
CA ARG B 432 -21.75 5.41 -2.85
C ARG B 432 -21.05 6.37 -1.90
N VAL B 433 -20.43 5.83 -0.86
CA VAL B 433 -19.45 6.56 -0.06
C VAL B 433 -18.18 5.73 0.00
N ARG B 434 -17.04 6.42 0.05
CA ARG B 434 -15.74 5.77 -0.02
C ARG B 434 -15.07 5.90 1.35
N VAL B 435 -14.78 4.75 1.97
CA VAL B 435 -13.96 4.69 3.16
C VAL B 435 -12.52 4.42 2.74
N MET B 436 -11.60 5.26 3.18
CA MET B 436 -10.18 5.04 2.97
C MET B 436 -9.56 4.65 4.30
N ILE B 437 -8.90 3.49 4.33
CA ILE B 437 -8.25 2.97 5.53
C ILE B 437 -6.77 3.35 5.45
N HIS B 438 -6.30 4.12 6.42
CA HIS B 438 -4.92 4.57 6.47
C HIS B 438 -4.16 3.86 7.57
N ALA B 439 -2.83 3.83 7.41
CA ALA B 439 -1.98 3.14 8.37
C ALA B 439 -2.08 3.74 9.77
N GLY B 440 -2.35 5.04 9.86
CA GLY B 440 -2.49 5.74 11.11
C GLY B 440 -3.80 5.54 11.83
N ASN B 441 -4.70 4.73 11.27
CA ASN B 441 -5.94 4.42 11.94
C ASN B 441 -5.72 3.30 12.97
N THR B 442 -6.73 3.10 13.82
CA THR B 442 -6.65 2.15 14.91
C THR B 442 -7.79 1.14 14.82
N GLU B 443 -7.58 -0.01 15.47
CA GLU B 443 -8.62 -1.03 15.55
C GLU B 443 -9.88 -0.50 16.23
N GLU B 444 -9.71 0.33 17.26
CA GLU B 444 -10.88 0.91 17.93
C GLU B 444 -11.66 1.82 16.99
N GLN B 445 -10.95 2.57 16.14
CA GLN B 445 -11.64 3.37 15.13
C GLN B 445 -12.41 2.49 14.16
N VAL B 446 -11.85 1.33 13.81
CA VAL B 446 -12.56 0.40 12.94
C VAL B 446 -13.76 -0.19 13.66
N ASP B 447 -13.58 -0.58 14.93
CA ASP B 447 -14.70 -1.09 15.71
C ASP B 447 -15.86 -0.10 15.74
N TYR B 448 -15.54 1.19 15.87
CA TYR B 448 -16.57 2.22 15.90
C TYR B 448 -17.18 2.44 14.52
N LEU B 449 -16.41 2.19 13.46
CA LEU B 449 -16.99 2.24 12.12
C LEU B 449 -17.99 1.11 11.90
N VAL B 450 -17.65 -0.11 12.35
CA VAL B 450 -18.57 -1.23 12.21
C VAL B 450 -19.82 -1.03 13.06
N ALA B 451 -19.65 -0.51 14.28
CA ALA B 451 -20.79 -0.23 15.14
C ALA B 451 -21.71 0.81 14.50
N THR B 452 -21.14 1.88 13.95
CA THR B 452 -21.94 2.91 13.30
C THR B 452 -22.68 2.35 12.10
N LEU B 453 -21.99 1.56 11.27
CA LEU B 453 -22.61 1.00 10.07
C LEU B 453 -23.79 0.10 10.42
N CYS B 454 -23.63 -0.77 11.41
CA CYS B 454 -24.72 -1.66 11.79
C CYS B 454 -25.92 -0.89 12.33
N ASP B 455 -25.68 0.24 13.00
CA ASP B 455 -26.79 1.05 13.51
C ASP B 455 -27.59 1.66 12.36
N PHE B 456 -26.91 2.11 11.30
CA PHE B 456 -27.62 2.61 10.12
C PHE B 456 -28.41 1.48 9.46
N ALA B 457 -27.79 0.30 9.30
CA ALA B 457 -28.48 -0.83 8.69
C ALA B 457 -29.75 -1.16 9.46
N ASN B 458 -29.63 -1.38 10.78
CA ASN B 458 -30.79 -1.73 11.59
C ASN B 458 -31.88 -0.67 11.50
N GLU B 459 -31.48 0.61 11.55
CA GLU B 459 -32.48 1.68 11.45
C GLU B 459 -33.22 1.63 10.13
N MET B 460 -32.50 1.39 9.03
CA MET B 460 -33.16 1.31 7.72
C MET B 460 -34.01 0.06 7.60
N ILE B 461 -33.54 -1.06 8.15
CA ILE B 461 -34.36 -2.28 8.16
C ILE B 461 -35.69 -2.01 8.84
N ASP B 462 -35.65 -1.32 9.99
CA ASP B 462 -36.87 -1.06 10.75
C ASP B 462 -37.79 -0.11 10.01
N ILE B 463 -37.25 1.00 9.51
CA ILE B 463 -38.04 1.94 8.72
C ILE B 463 -38.72 1.24 7.54
N GLU B 464 -38.05 0.27 6.93
CA GLU B 464 -38.64 -0.39 5.77
C GLU B 464 -39.75 -1.35 6.17
N GLU B 465 -39.51 -2.15 7.21
CA GLU B 465 -40.53 -3.12 7.62
C GLU B 465 -41.72 -2.46 8.34
N GLY B 466 -41.65 -1.17 8.63
CA GLY B 466 -42.72 -0.49 9.34
C GLY B 466 -43.87 0.02 8.50
N GLY B 467 -43.66 0.16 7.19
CA GLY B 467 -44.71 0.53 6.28
C GLY B 467 -44.96 2.02 6.13
N GLU B 468 -44.35 2.85 6.97
CA GLU B 468 -44.48 4.30 6.85
C GLU B 468 -43.45 4.79 5.83
N LYS B 469 -43.94 5.12 4.63
CA LYS B 469 -43.04 5.44 3.52
C LYS B 469 -42.42 6.83 3.63
N GLY B 470 -42.85 7.64 4.59
CA GLY B 470 -42.24 8.93 4.85
C GLY B 470 -41.30 8.99 6.02
N LYS B 471 -41.02 7.87 6.68
CA LYS B 471 -40.23 7.88 7.91
C LYS B 471 -38.76 8.10 7.60
N ILE B 472 -38.10 8.91 8.42
CA ILE B 472 -36.81 9.49 8.11
C ILE B 472 -35.83 9.12 9.22
N PRO B 473 -34.62 8.67 8.90
CA PRO B 473 -33.66 8.27 9.94
C PRO B 473 -33.20 9.43 10.79
N LYS B 474 -32.61 9.09 11.94
CA LYS B 474 -32.24 10.08 12.95
C LYS B 474 -31.29 11.13 12.38
N ALA B 475 -30.24 10.69 11.68
CA ALA B 475 -29.25 11.62 11.18
C ALA B 475 -29.81 12.52 10.09
N ALA B 476 -30.63 11.96 9.20
CA ALA B 476 -31.32 12.79 8.22
C ALA B 476 -32.23 13.80 8.91
N GLN B 477 -32.97 13.36 9.93
CA GLN B 477 -33.82 14.26 10.69
C GLN B 477 -33.05 15.46 11.20
N GLU B 478 -31.85 15.24 11.77
CA GLU B 478 -31.05 16.33 12.27
C GLU B 478 -30.57 17.24 11.13
N ILE B 479 -30.12 16.65 10.03
CA ILE B 479 -29.71 17.46 8.88
C ILE B 479 -30.90 18.26 8.35
N TYR B 480 -32.06 17.60 8.21
CA TYR B 480 -33.24 18.29 7.70
C TYR B 480 -33.72 19.37 8.66
N ALA B 481 -33.41 19.24 9.95
CA ALA B 481 -33.70 20.32 10.89
C ALA B 481 -32.93 21.58 10.53
N LEU B 482 -31.61 21.45 10.36
CA LEU B 482 -30.78 22.60 10.01
C LEU B 482 -31.17 23.16 8.66
N MET B 483 -31.56 22.30 7.72
CA MET B 483 -32.03 22.77 6.42
C MET B 483 -33.27 23.66 6.55
N ALA B 484 -34.00 23.56 7.66
CA ALA B 484 -35.09 24.46 7.96
C ALA B 484 -34.68 25.59 8.90
N ALA B 485 -33.75 25.33 9.83
CA ALA B 485 -33.27 26.37 10.72
C ALA B 485 -32.34 27.36 10.01
N HIS B 486 -31.85 27.02 8.81
CA HIS B 486 -30.97 27.90 8.08
C HIS B 486 -31.45 28.11 6.65
N GLY C 22 33.36 25.10 -25.97
CA GLY C 22 33.24 24.65 -24.60
C GLY C 22 32.06 23.72 -24.39
N LYS C 23 31.31 23.95 -23.32
CA LYS C 23 30.11 23.16 -23.06
C LYS C 23 28.97 23.52 -24.00
N VAL C 24 29.09 24.63 -24.73
CA VAL C 24 28.14 24.90 -25.80
C VAL C 24 28.41 23.97 -26.98
N VAL C 25 29.66 23.54 -27.16
CA VAL C 25 29.99 22.65 -28.26
C VAL C 25 29.47 21.24 -28.00
N SER C 26 29.53 20.79 -26.75
CA SER C 26 29.06 19.44 -26.43
C SER C 26 27.53 19.35 -26.49
N GLU C 27 26.82 20.41 -26.15
CA GLU C 27 25.36 20.37 -26.24
C GLU C 27 24.90 20.42 -27.70
N MET C 28 25.63 21.15 -28.53
CA MET C 28 25.29 21.21 -29.96
C MET C 28 25.56 19.88 -30.65
N ILE C 29 26.58 19.15 -30.21
CA ILE C 29 26.88 17.84 -30.77
C ILE C 29 25.78 16.84 -30.40
N ALA C 30 25.42 16.79 -29.10
CA ALA C 30 24.31 15.93 -28.69
C ALA C 30 23.02 16.35 -29.37
N TRP C 31 22.89 17.63 -29.75
CA TRP C 31 21.73 18.06 -30.51
C TRP C 31 21.77 17.51 -31.93
N ILE C 32 22.95 17.49 -32.55
CA ILE C 32 23.08 16.99 -33.91
C ILE C 32 22.85 15.48 -33.95
N LYS C 33 23.47 14.75 -33.02
CA LYS C 33 23.34 13.30 -32.99
C LYS C 33 21.89 12.85 -32.86
N SER C 34 21.05 13.64 -32.17
CA SER C 34 19.69 13.21 -31.92
C SER C 34 18.75 13.47 -33.07
N GLN C 35 19.18 14.18 -34.11
CA GLN C 35 18.36 14.37 -35.30
C GLN C 35 18.58 13.29 -36.35
N LYS C 36 19.46 12.32 -36.08
CA LYS C 36 19.66 11.21 -37.01
C LYS C 36 18.45 10.30 -36.99
N LEU C 37 17.97 9.94 -38.18
CA LEU C 37 16.82 9.05 -38.29
C LEU C 37 17.10 7.73 -37.60
N ILE C 38 16.06 7.16 -36.98
CA ILE C 38 16.22 5.99 -36.13
C ILE C 38 15.46 4.80 -36.74
N ALA C 39 14.38 5.09 -37.47
CA ALA C 39 13.56 4.02 -38.04
C ALA C 39 14.34 2.99 -38.85
N PRO C 40 15.33 3.34 -39.69
CA PRO C 40 16.08 2.30 -40.41
C PRO C 40 16.76 1.29 -39.50
N ARG C 41 16.88 1.57 -38.22
CA ARG C 41 17.46 0.64 -37.25
C ARG C 41 16.40 -0.17 -36.51
N MET C 42 15.11 0.06 -36.79
CA MET C 42 14.03 -0.56 -36.04
C MET C 42 13.28 -1.61 -36.84
N LYS C 43 13.91 -2.21 -37.85
CA LYS C 43 13.20 -3.10 -38.75
C LYS C 43 12.65 -4.33 -38.02
N ASP C 44 13.43 -4.88 -37.10
CA ASP C 44 13.04 -6.11 -36.39
C ASP C 44 12.44 -5.84 -35.02
N ALA C 45 12.32 -4.59 -34.61
CA ALA C 45 11.80 -4.24 -33.30
C ALA C 45 10.30 -4.48 -33.24
N PRO C 46 9.72 -4.50 -32.04
CA PRO C 46 8.26 -4.61 -31.93
C PRO C 46 7.56 -3.46 -32.63
N THR C 47 6.40 -3.76 -33.21
CA THR C 47 5.64 -2.78 -33.97
C THR C 47 5.45 -1.48 -33.18
N PHE C 48 5.15 -1.62 -31.89
CA PHE C 48 4.84 -0.47 -31.04
C PHE C 48 5.99 0.53 -31.02
N TYR C 49 7.19 0.06 -30.72
CA TYR C 49 8.34 0.96 -30.66
C TYR C 49 8.78 1.41 -32.05
N ARG C 50 8.56 0.57 -33.07
CA ARG C 50 8.92 0.95 -34.43
C ARG C 50 8.11 2.15 -34.90
N ASN C 51 6.79 2.11 -34.66
CA ASN C 51 5.92 3.22 -35.06
C ASN C 51 6.23 4.48 -34.27
N LEU C 52 6.63 4.35 -33.00
CA LEU C 52 6.99 5.52 -32.23
C LEU C 52 8.27 6.17 -32.76
N GLU C 53 9.27 5.36 -33.11
CA GLU C 53 10.49 5.94 -33.66
C GLU C 53 10.29 6.46 -35.08
N GLU C 54 9.31 5.95 -35.81
CA GLU C 54 8.91 6.63 -37.05
C GLU C 54 8.36 8.01 -36.74
N ALA C 55 7.45 8.09 -35.77
CA ALA C 55 6.84 9.37 -35.42
C ALA C 55 7.88 10.36 -34.93
N LEU C 56 8.86 9.89 -34.15
CA LEU C 56 9.96 10.76 -33.76
C LEU C 56 10.79 11.20 -34.96
N ASP C 57 10.90 10.33 -35.98
CA ASP C 57 11.68 10.68 -37.16
C ASP C 57 11.05 11.84 -37.91
N VAL C 58 9.73 11.99 -37.83
CA VAL C 58 9.06 13.13 -38.46
C VAL C 58 9.69 14.44 -38.00
N ARG C 59 9.84 14.59 -36.68
CA ARG C 59 10.46 15.78 -36.12
C ARG C 59 11.96 15.84 -36.42
N ARG C 60 12.64 14.69 -36.37
CA ARG C 60 14.07 14.68 -36.67
C ARG C 60 14.34 15.14 -38.10
N SER C 61 13.49 14.72 -39.04
CA SER C 61 13.70 15.05 -40.46
C SER C 61 13.68 16.56 -40.71
N THR C 62 13.08 17.33 -39.82
CA THR C 62 13.11 18.79 -39.90
C THR C 62 13.97 19.39 -38.79
N GLN C 63 14.91 18.58 -38.28
CA GLN C 63 15.88 18.99 -37.26
C GLN C 63 15.21 19.62 -36.05
N SER C 64 14.00 19.13 -35.72
CA SER C 64 13.16 19.74 -34.69
C SER C 64 12.85 18.78 -33.54
N LEU C 65 13.66 17.73 -33.37
CA LEU C 65 13.45 16.81 -32.26
C LEU C 65 14.06 17.40 -30.99
N MET C 66 13.26 17.46 -29.93
CA MET C 66 13.66 18.04 -28.67
C MET C 66 14.12 16.95 -27.70
N THR C 67 15.16 17.25 -26.92
CA THR C 67 15.67 16.31 -25.93
C THR C 67 15.92 16.96 -24.58
N ARG C 68 17.06 17.63 -24.42
CA ARG C 68 17.48 18.13 -23.12
C ARG C 68 17.47 19.65 -23.00
N GLY C 69 17.03 20.38 -24.02
CA GLY C 69 16.81 21.81 -23.90
C GLY C 69 18.09 22.64 -23.96
N GLN C 70 17.93 23.91 -23.63
CA GLN C 70 19.00 24.90 -23.64
C GLN C 70 19.42 25.20 -22.22
N SER C 71 20.61 24.73 -21.82
CA SER C 71 21.05 24.89 -20.44
C SER C 71 22.47 25.41 -20.30
N THR C 72 23.09 25.89 -21.39
CA THR C 72 24.44 26.45 -21.27
C THR C 72 24.47 27.68 -20.37
N TRP C 73 23.34 28.37 -20.24
CA TRP C 73 23.29 29.52 -19.36
C TRP C 73 23.26 29.11 -17.89
N LYS C 74 22.73 27.92 -17.60
CA LYS C 74 22.70 27.43 -16.22
C LYS C 74 24.10 27.16 -15.68
N THR C 75 25.08 26.91 -16.54
CA THR C 75 26.44 26.60 -16.12
C THR C 75 27.39 27.77 -16.37
N GLY C 76 26.87 28.98 -16.56
CA GLY C 76 27.69 30.16 -16.70
C GLY C 76 28.52 30.21 -17.95
N ASP C 77 28.36 29.21 -18.82
CA ASP C 77 29.08 29.18 -20.09
C ASP C 77 28.43 30.03 -21.16
N ALA C 78 27.36 30.75 -20.84
CA ALA C 78 26.67 31.57 -21.81
C ALA C 78 25.82 32.59 -21.07
N ILE C 79 25.57 33.72 -21.73
CA ILE C 79 24.72 34.76 -21.16
C ILE C 79 23.27 34.30 -21.22
N ASP C 80 22.59 34.34 -20.09
CA ASP C 80 21.17 33.98 -20.06
C ASP C 80 20.37 35.10 -20.71
N PHE C 81 20.02 34.90 -21.97
CA PHE C 81 19.04 35.73 -22.66
C PHE C 81 17.86 34.89 -23.13
N CYS C 82 17.54 33.82 -22.41
CA CYS C 82 16.49 32.89 -22.85
C CYS C 82 15.58 32.37 -21.76
N SER C 83 15.98 32.39 -20.49
CA SER C 83 15.18 31.79 -19.44
C SER C 83 13.96 32.65 -19.11
N ASN C 84 13.01 32.04 -18.38
CA ASN C 84 11.83 32.73 -17.90
C ASN C 84 12.00 33.27 -16.49
N ASP C 85 13.23 33.38 -16.00
CA ASP C 85 13.49 33.94 -14.68
C ASP C 85 13.59 35.46 -14.81
N LEU C 86 12.42 36.08 -15.00
CA LEU C 86 12.38 37.46 -15.49
C LEU C 86 12.96 38.44 -14.49
N LEU C 87 12.68 38.25 -13.21
CA LEU C 87 13.15 39.16 -12.17
C LEU C 87 14.44 38.68 -11.50
N SER C 88 14.97 37.53 -11.92
CA SER C 88 16.14 36.89 -11.32
C SER C 88 15.93 36.52 -9.86
N LEU C 89 14.67 36.32 -9.46
CA LEU C 89 14.38 35.82 -8.13
C LEU C 89 14.91 34.41 -7.93
N GLY C 90 15.03 33.62 -8.99
CA GLY C 90 15.66 32.32 -8.89
C GLY C 90 17.17 32.41 -8.90
N LEU C 91 17.71 33.31 -9.73
CA LEU C 91 19.16 33.43 -9.87
C LEU C 91 19.80 33.87 -8.56
N THR C 92 19.24 34.92 -7.94
CA THR C 92 19.83 35.45 -6.71
C THR C 92 19.55 34.57 -5.49
N GLY C 93 18.59 33.67 -5.58
CA GLY C 93 18.12 32.97 -4.41
C GLY C 93 17.20 33.78 -3.52
N GLU C 94 16.71 34.93 -3.99
CA GLU C 94 15.86 35.76 -3.15
C GLU C 94 14.54 35.06 -2.84
N LEU C 95 13.95 34.39 -3.84
CA LEU C 95 12.72 33.64 -3.58
C LEU C 95 12.99 32.47 -2.65
N ARG C 96 14.12 31.77 -2.84
CA ARG C 96 14.44 30.62 -2.00
C ARG C 96 14.50 31.01 -0.53
N ARG C 97 15.09 32.17 -0.22
CA ARG C 97 15.24 32.57 1.18
C ARG C 97 13.90 32.97 1.79
N GLU C 98 13.04 33.65 1.03
CA GLU C 98 11.70 33.92 1.53
C GLU C 98 10.86 32.65 1.61
N PHE C 99 11.17 31.66 0.76
CA PHE C 99 10.44 30.40 0.81
C PHE C 99 10.76 29.61 2.07
N LEU C 100 12.02 29.60 2.50
CA LEU C 100 12.39 28.89 3.72
C LEU C 100 12.03 29.67 4.97
N ALA C 101 12.05 31.01 4.90
CA ALA C 101 11.50 31.81 5.98
C ALA C 101 10.02 31.51 6.17
N GLU C 102 9.29 31.29 5.08
CA GLU C 102 7.87 30.98 5.19
C GLU C 102 7.65 29.59 5.77
N LEU C 103 8.49 28.63 5.40
CA LEU C 103 8.38 27.29 5.98
C LEU C 103 8.75 27.28 7.45
N ALA C 104 9.65 28.17 7.87
CA ALA C 104 10.06 28.24 9.27
C ALA C 104 9.01 28.92 10.15
N ARG C 105 8.06 29.64 9.55
CA ARG C 105 6.97 30.23 10.32
C ARG C 105 5.84 29.25 10.59
N HIS C 106 5.87 28.07 9.96
CA HIS C 106 4.88 27.01 10.17
C HIS C 106 5.63 25.71 10.45
N PRO C 107 6.24 25.60 11.64
CA PRO C 107 7.24 24.55 11.87
C PRO C 107 6.71 23.14 11.81
N ASP C 108 5.40 22.93 11.93
CA ASP C 108 4.85 21.59 11.86
C ASP C 108 3.74 21.53 10.81
N PHE C 109 4.02 22.05 9.61
CA PHE C 109 2.98 22.19 8.62
C PHE C 109 2.50 20.82 8.12
N SER C 110 1.25 20.78 7.69
CA SER C 110 0.66 19.59 7.10
C SER C 110 1.02 19.58 5.61
N LEU C 111 1.91 18.68 5.22
CA LEU C 111 2.46 18.72 3.87
C LEU C 111 1.45 18.25 2.83
N HIS C 112 0.81 17.12 3.08
CA HIS C 112 -0.13 16.54 2.13
C HIS C 112 -1.47 17.27 2.18
N SER C 113 -2.03 17.53 1.00
CA SER C 113 -3.32 18.21 0.94
C SER C 113 -4.44 17.33 1.46
N GLY C 114 -4.34 16.02 1.25
CA GLY C 114 -5.37 15.08 1.62
C GLY C 114 -6.14 14.49 0.45
N GLY C 115 -6.13 15.16 -0.68
CA GLY C 115 -6.80 14.66 -1.87
C GLY C 115 -7.25 15.82 -2.74
N SER C 116 -8.33 15.58 -3.49
CA SER C 116 -8.90 16.61 -4.35
C SER C 116 -9.36 17.82 -3.53
N ARG C 117 -9.30 18.99 -4.17
CA ARG C 117 -9.64 20.23 -3.48
C ARG C 117 -11.07 20.25 -2.98
N VAL C 118 -11.95 19.42 -3.55
CA VAL C 118 -13.36 19.42 -3.20
C VAL C 118 -13.78 18.12 -2.54
N MET C 119 -12.83 17.27 -2.17
CA MET C 119 -13.12 16.03 -1.45
C MET C 119 -11.86 15.60 -0.72
N GLY C 120 -11.59 16.26 0.41
CA GLY C 120 -10.56 15.88 1.35
C GLY C 120 -9.31 16.73 1.33
N GLY C 121 -9.10 17.51 0.26
CA GLY C 121 -7.87 18.23 0.08
C GLY C 121 -7.89 19.72 0.35
N ASN C 122 -9.01 20.28 0.80
CA ASN C 122 -9.07 21.70 1.12
C ASN C 122 -8.53 21.94 2.52
N TYR C 123 -7.84 23.07 2.69
CA TYR C 123 -7.31 23.43 4.00
C TYR C 123 -7.21 24.94 4.11
N ASP C 124 -7.15 25.42 5.37
CA ASP C 124 -7.25 26.85 5.65
C ASP C 124 -6.09 27.63 5.02
N TYR C 125 -4.89 27.07 5.02
CA TYR C 125 -3.72 27.82 4.58
C TYR C 125 -3.78 28.16 3.11
N ILE C 126 -4.36 27.29 2.27
CA ILE C 126 -4.41 27.59 0.84
C ILE C 126 -5.51 28.59 0.54
N GLU C 127 -6.65 28.50 1.25
CA GLU C 127 -7.69 29.51 1.09
C GLU C 127 -7.18 30.89 1.52
N ALA C 128 -6.44 30.94 2.63
CA ALA C 128 -5.92 32.22 3.11
C ALA C 128 -4.89 32.80 2.16
N VAL C 129 -4.01 31.96 1.60
CA VAL C 129 -3.03 32.45 0.65
C VAL C 129 -3.71 32.92 -0.63
N GLU C 130 -4.73 32.19 -1.08
CA GLU C 130 -5.51 32.61 -2.24
C GLU C 130 -6.08 34.01 -2.04
N GLN C 131 -6.62 34.27 -0.85
CA GLN C 131 -7.27 35.55 -0.60
C GLN C 131 -6.25 36.67 -0.48
N GLU C 132 -5.08 36.39 0.10
CA GLU C 132 -3.99 37.36 0.07
C GLU C 132 -3.67 37.78 -1.36
N ILE C 133 -3.64 36.82 -2.27
CA ILE C 133 -3.29 37.10 -3.66
C ILE C 133 -4.42 37.87 -4.35
N ALA C 134 -5.66 37.45 -4.13
CA ALA C 134 -6.81 38.14 -4.72
C ALA C 134 -6.85 39.60 -4.27
N ASP C 135 -6.62 39.84 -2.98
CA ASP C 135 -6.64 41.21 -2.48
C ASP C 135 -5.53 42.05 -3.12
N PHE C 136 -4.35 41.47 -3.28
CA PHE C 136 -3.22 42.22 -3.83
C PHE C 136 -3.41 42.55 -5.29
N LEU C 137 -4.12 41.70 -6.03
CA LEU C 137 -4.33 41.89 -7.46
C LEU C 137 -5.67 42.56 -7.77
N GLY C 138 -6.37 43.05 -6.75
CA GLY C 138 -7.64 43.73 -6.97
C GLY C 138 -8.75 42.84 -7.45
N ALA C 139 -8.75 41.56 -7.07
CA ALA C 139 -9.76 40.61 -7.46
C ALA C 139 -10.58 40.18 -6.25
N GLU C 140 -11.77 39.64 -6.54
CA GLU C 140 -12.68 39.22 -5.47
C GLU C 140 -12.20 37.92 -4.82
N THR C 141 -11.91 36.90 -5.63
CA THR C 141 -11.42 35.62 -5.13
C THR C 141 -10.35 35.09 -6.07
N ALA C 142 -9.55 34.16 -5.54
CA ALA C 142 -8.55 33.44 -6.33
C ALA C 142 -8.73 31.95 -6.14
N LEU C 143 -8.34 31.18 -7.15
CA LEU C 143 -8.34 29.73 -7.10
C LEU C 143 -7.02 29.21 -7.64
N MET C 144 -6.34 28.37 -6.87
CA MET C 144 -4.97 27.99 -7.15
C MET C 144 -4.90 26.68 -7.94
N PHE C 145 -3.97 26.62 -8.89
CA PHE C 145 -3.76 25.46 -9.72
C PHE C 145 -2.29 25.08 -9.74
N ASN C 146 -2.02 23.86 -10.19
CA ASN C 146 -0.65 23.40 -10.31
C ASN C 146 0.15 24.19 -11.32
N SER C 147 -0.52 24.88 -12.25
CA SER C 147 0.17 25.49 -13.37
C SER C 147 -0.77 26.46 -14.07
N GLY C 148 -0.19 27.36 -14.87
CA GLY C 148 -1.01 28.20 -15.72
C GLY C 148 -1.80 27.39 -16.73
N SER C 149 -1.16 26.37 -17.30
CA SER C 149 -1.83 25.51 -18.26
C SER C 149 -3.14 24.94 -17.71
N ASN C 150 -3.11 24.42 -16.49
CA ASN C 150 -4.31 23.80 -15.92
C ASN C 150 -5.36 24.83 -15.56
N GLY C 151 -4.94 26.07 -15.26
CA GLY C 151 -5.92 27.14 -15.11
C GLY C 151 -6.70 27.39 -16.38
N ASN C 152 -6.02 27.34 -17.53
CA ASN C 152 -6.70 27.52 -18.81
C ASN C 152 -7.59 26.33 -19.14
N ILE C 153 -7.10 25.11 -18.89
CA ILE C 153 -7.95 23.93 -19.06
C ILE C 153 -9.20 24.07 -18.21
N ALA C 154 -9.03 24.42 -16.94
CA ALA C 154 -10.18 24.60 -16.06
C ALA C 154 -11.13 25.66 -16.59
N ILE C 155 -10.59 26.80 -17.03
CA ILE C 155 -11.44 27.93 -17.40
C ILE C 155 -12.32 27.58 -18.59
N TYR C 156 -11.72 27.02 -19.64
CA TYR C 156 -12.45 26.79 -20.88
C TYR C 156 -13.20 25.48 -20.92
N THR C 157 -12.98 24.57 -19.97
CA THR C 157 -13.83 23.41 -19.83
C THR C 157 -15.01 23.66 -18.90
N ALA C 158 -14.89 24.61 -17.98
CA ALA C 158 -15.92 24.85 -16.98
C ALA C 158 -16.82 26.04 -17.30
N ILE C 159 -16.25 27.17 -17.69
CA ILE C 159 -17.00 28.42 -17.79
C ILE C 159 -17.95 28.44 -18.99
N PRO C 160 -17.50 28.17 -20.22
CA PRO C 160 -18.40 28.37 -21.37
C PRO C 160 -19.62 27.45 -21.31
N ARG C 161 -20.80 28.03 -21.58
CA ARG C 161 -22.03 27.26 -21.59
C ARG C 161 -22.41 26.86 -23.00
N PRO C 162 -23.16 25.77 -23.16
CA PRO C 162 -23.76 25.46 -24.46
C PRO C 162 -24.55 26.66 -24.94
N GLY C 163 -24.27 27.10 -26.16
CA GLY C 163 -24.84 28.30 -26.70
C GLY C 163 -23.93 29.52 -26.60
N ASP C 164 -22.93 29.48 -25.72
CA ASP C 164 -21.93 30.54 -25.68
C ASP C 164 -21.04 30.47 -26.91
N ALA C 165 -20.47 31.61 -27.27
CA ALA C 165 -19.45 31.69 -28.31
C ALA C 165 -18.17 32.21 -27.71
N ILE C 166 -17.03 31.72 -28.22
CA ILE C 166 -15.71 32.09 -27.73
C ILE C 166 -14.96 32.76 -28.87
N VAL C 167 -14.55 34.01 -28.66
CA VAL C 167 -13.79 34.78 -29.63
C VAL C 167 -12.41 35.02 -29.06
N TYR C 168 -11.38 34.51 -29.74
CA TYR C 168 -10.04 34.48 -29.17
C TYR C 168 -9.01 34.98 -30.16
N ASP C 169 -8.04 35.74 -29.65
CA ASP C 169 -6.85 36.05 -30.41
C ASP C 169 -6.20 34.76 -30.87
N GLU C 170 -5.80 34.72 -32.14
CA GLU C 170 -5.30 33.48 -32.71
C GLU C 170 -4.08 32.94 -31.98
N LEU C 171 -3.33 33.80 -31.29
CA LEU C 171 -2.08 33.41 -30.65
C LEU C 171 -2.23 33.17 -29.15
N VAL C 172 -3.42 32.80 -28.67
CA VAL C 172 -3.56 32.41 -27.27
C VAL C 172 -2.74 31.15 -27.03
N HIS C 173 -2.53 30.80 -25.77
CA HIS C 173 -1.60 29.74 -25.43
C HIS C 173 -2.17 28.37 -25.83
N PHE C 174 -1.25 27.41 -25.99
CA PHE C 174 -1.65 26.04 -26.31
C PHE C 174 -2.71 25.53 -25.35
N SER C 175 -2.58 25.85 -24.06
CA SER C 175 -3.54 25.35 -23.07
C SER C 175 -4.93 25.94 -23.30
N THR C 176 -5.00 27.19 -23.76
CA THR C 176 -6.30 27.77 -24.10
C THR C 176 -6.91 27.07 -25.31
N HIS C 177 -6.08 26.71 -26.29
CA HIS C 177 -6.58 25.96 -27.44
C HIS C 177 -7.12 24.60 -27.02
N THR C 178 -6.39 23.91 -26.14
CA THR C 178 -6.83 22.58 -25.69
C THR C 178 -8.16 22.67 -24.96
N GLY C 179 -8.29 23.63 -24.04
CA GLY C 179 -9.53 23.74 -23.29
C GLY C 179 -10.72 24.12 -24.16
N MET C 180 -10.51 25.03 -25.11
CA MET C 180 -11.60 25.43 -26.01
C MET C 180 -12.08 24.24 -26.84
N ALA C 181 -11.15 23.43 -27.34
CA ALA C 181 -11.54 22.24 -28.11
C ALA C 181 -12.40 21.31 -27.26
N ALA C 182 -12.08 21.20 -25.97
CA ALA C 182 -12.84 20.37 -25.05
C ALA C 182 -13.96 21.14 -24.36
N SER C 183 -14.30 22.32 -24.85
CA SER C 183 -15.32 23.15 -24.20
C SER C 183 -16.71 22.61 -24.49
N LEU C 184 -17.68 23.10 -23.72
CA LEU C 184 -19.09 22.89 -24.06
C LEU C 184 -19.57 23.89 -25.11
N ALA C 185 -18.80 24.94 -25.35
CA ALA C 185 -19.23 25.99 -26.28
C ALA C 185 -19.19 25.47 -27.70
N THR C 186 -20.26 25.77 -28.45
CA THR C 186 -20.41 25.27 -29.82
C THR C 186 -19.73 26.17 -30.85
N THR C 187 -19.44 27.42 -30.51
CA THR C 187 -18.90 28.40 -31.46
C THR C 187 -17.54 28.86 -30.96
N LYS C 188 -16.49 28.57 -31.73
CA LYS C 188 -15.14 29.05 -31.48
C LYS C 188 -14.67 29.85 -32.68
N VAL C 189 -14.34 31.11 -32.47
CA VAL C 189 -13.96 32.03 -33.55
C VAL C 189 -12.65 32.70 -33.18
N ALA C 190 -11.64 32.54 -34.03
CA ALA C 190 -10.37 33.23 -33.88
C ALA C 190 -10.43 34.58 -34.61
N PHE C 191 -9.49 35.46 -34.26
CA PHE C 191 -9.31 36.70 -34.99
C PHE C 191 -7.83 37.03 -35.08
N ARG C 192 -7.46 37.74 -36.14
CA ARG C 192 -6.07 38.04 -36.42
C ARG C 192 -5.43 38.74 -35.21
N HIS C 193 -4.17 38.42 -34.96
CA HIS C 193 -3.49 38.79 -33.73
C HIS C 193 -3.49 40.30 -33.50
N ASN C 194 -3.99 40.71 -32.33
CA ASN C 194 -3.99 42.10 -31.88
C ASN C 194 -4.62 43.05 -32.90
N ASP C 195 -5.48 42.52 -33.77
CA ASP C 195 -6.08 43.28 -34.85
C ASP C 195 -7.47 43.71 -34.42
N LEU C 196 -7.65 45.02 -34.18
CA LEU C 196 -8.92 45.52 -33.68
C LEU C 196 -10.00 45.45 -34.75
N ASP C 197 -9.65 45.67 -36.02
CA ASP C 197 -10.61 45.52 -37.09
C ASP C 197 -11.07 44.07 -37.21
N ALA C 198 -10.15 43.12 -37.09
CA ALA C 198 -10.52 41.72 -37.14
C ALA C 198 -11.34 41.31 -35.91
N PHE C 199 -10.97 41.82 -34.74
CA PHE C 199 -11.76 41.54 -33.54
C PHE C 199 -13.19 42.03 -33.71
N ARG C 200 -13.36 43.27 -34.17
CA ARG C 200 -14.70 43.79 -34.43
C ARG C 200 -15.43 42.90 -35.42
N GLU C 201 -14.77 42.53 -36.51
CA GLU C 201 -15.46 41.70 -37.49
C GLU C 201 -15.78 40.32 -36.92
N ALA C 202 -14.85 39.75 -36.15
CA ALA C 202 -15.15 38.49 -35.47
C ALA C 202 -16.32 38.66 -34.50
N MET C 203 -16.35 39.77 -33.77
CA MET C 203 -17.44 39.99 -32.81
C MET C 203 -18.78 40.18 -33.51
N SER C 204 -18.80 41.01 -34.56
CA SER C 204 -20.07 41.37 -35.18
C SER C 204 -20.68 40.19 -35.93
N SER C 205 -19.87 39.44 -36.69
CA SER C 205 -20.39 38.31 -37.44
C SER C 205 -20.83 37.18 -36.51
N THR C 206 -20.22 37.08 -35.33
CA THR C 206 -20.68 36.11 -34.34
C THR C 206 -22.04 36.50 -33.79
N MET C 207 -22.19 37.78 -33.41
CA MET C 207 -23.48 38.26 -32.90
C MET C 207 -24.59 38.09 -33.94
N ASP C 208 -24.32 38.47 -35.19
CA ASP C 208 -25.36 38.52 -36.19
C ASP C 208 -25.90 37.13 -36.54
N SER C 209 -25.06 36.10 -36.45
CA SER C 209 -25.45 34.77 -36.91
C SER C 209 -26.03 33.89 -35.81
N HIS C 210 -25.96 34.30 -34.55
CA HIS C 210 -26.49 33.51 -33.44
C HIS C 210 -27.66 34.25 -32.78
N PRO C 211 -28.90 33.76 -32.89
CA PRO C 211 -30.03 34.46 -32.26
C PRO C 211 -29.99 34.45 -30.74
N MET C 212 -29.29 33.49 -30.12
CA MET C 212 -29.19 33.46 -28.66
C MET C 212 -28.25 34.51 -28.11
N LEU C 213 -27.30 34.99 -28.92
CA LEU C 213 -26.50 36.14 -28.51
C LEU C 213 -27.28 37.44 -28.72
N GLN C 214 -28.07 37.49 -29.80
CA GLN C 214 -28.82 38.71 -30.11
C GLN C 214 -29.87 39.03 -29.05
N ASP C 215 -30.51 38.00 -28.47
CA ASP C 215 -31.52 38.25 -27.45
C ASP C 215 -30.94 38.28 -26.04
N GLY C 216 -29.64 38.05 -25.89
CA GLY C 216 -29.01 38.14 -24.59
C GLY C 216 -29.28 36.97 -23.66
N SER C 217 -29.50 35.77 -24.21
CA SER C 217 -29.62 34.57 -23.39
C SER C 217 -28.30 33.80 -23.28
N ARG C 218 -27.32 34.09 -24.13
CA ARG C 218 -25.99 33.51 -24.02
C ARG C 218 -24.96 34.62 -24.16
N SER C 219 -23.70 34.27 -23.95
CA SER C 219 -22.63 35.25 -23.86
C SER C 219 -21.51 34.99 -24.86
N ILE C 220 -20.74 36.04 -25.12
CA ILE C 220 -19.52 35.97 -25.91
C ILE C 220 -18.35 36.05 -24.94
N LEU C 221 -17.58 34.98 -24.83
CA LEU C 221 -16.36 34.99 -24.03
C LEU C 221 -15.19 35.37 -24.93
N VAL C 222 -14.51 36.44 -24.60
CA VAL C 222 -13.35 36.90 -25.37
C VAL C 222 -12.09 36.49 -24.63
N SER C 223 -11.16 35.88 -25.36
CA SER C 223 -9.94 35.29 -24.80
C SER C 223 -8.72 36.01 -25.37
N VAL C 224 -7.89 36.56 -24.50
CA VAL C 224 -6.69 37.30 -24.88
C VAL C 224 -5.56 36.98 -23.91
N GLU C 225 -4.35 37.35 -24.31
CA GLU C 225 -3.18 37.37 -23.44
C GLU C 225 -2.81 38.81 -23.15
N SER C 226 -2.48 39.13 -21.90
CA SER C 226 -1.99 40.46 -21.59
C SER C 226 -0.71 40.77 -22.37
N VAL C 227 0.30 39.92 -22.22
CA VAL C 227 1.53 40.01 -22.99
C VAL C 227 1.73 38.69 -23.71
N TYR C 228 2.00 38.75 -25.02
CA TYR C 228 2.02 37.56 -25.85
C TYR C 228 3.42 36.95 -25.85
N SER C 229 3.49 35.67 -25.48
CA SER C 229 4.75 35.04 -25.11
C SER C 229 5.73 34.92 -26.26
N MET C 230 5.25 34.92 -27.50
CA MET C 230 6.13 34.77 -28.66
C MET C 230 6.28 36.03 -29.48
N ASP C 231 5.53 37.09 -29.17
CA ASP C 231 5.62 38.34 -29.92
C ASP C 231 6.01 39.54 -29.08
N GLY C 232 5.80 39.50 -27.77
CA GLY C 232 6.19 40.57 -26.88
C GLY C 232 5.22 41.74 -26.79
N ASP C 233 4.20 41.78 -27.63
CA ASP C 233 3.31 42.93 -27.66
C ASP C 233 2.16 42.76 -26.66
N VAL C 234 1.38 43.83 -26.53
CA VAL C 234 0.43 44.01 -25.43
C VAL C 234 -0.99 44.04 -26.00
N CYS C 235 -1.91 43.38 -25.32
CA CYS C 235 -3.30 43.36 -25.77
C CYS C 235 -3.91 44.75 -25.66
N PRO C 236 -4.45 45.29 -26.74
CA PRO C 236 -5.16 46.58 -26.67
C PRO C 236 -6.47 46.42 -25.90
N LEU C 237 -6.39 46.39 -24.57
CA LEU C 237 -7.50 45.87 -23.78
C LEU C 237 -8.63 46.90 -23.61
N VAL C 238 -8.29 48.18 -23.49
CA VAL C 238 -9.34 49.20 -23.41
C VAL C 238 -10.09 49.28 -24.74
N GLU C 239 -9.36 49.33 -25.85
CA GLU C 239 -9.98 49.40 -27.17
C GLU C 239 -10.93 48.23 -27.39
N MET C 240 -10.56 47.04 -26.92
CA MET C 240 -11.40 45.87 -27.15
C MET C 240 -12.65 45.89 -26.28
N LEU C 241 -12.53 46.37 -25.04
CA LEU C 241 -13.69 46.47 -24.16
C LEU C 241 -14.75 47.41 -24.74
N GLU C 242 -14.32 48.47 -25.43
CA GLU C 242 -15.29 49.38 -26.02
C GLU C 242 -15.92 48.77 -27.27
N ILE C 243 -15.12 48.10 -28.08
CA ILE C 243 -15.66 47.40 -29.25
C ILE C 243 -16.69 46.36 -28.82
N ALA C 244 -16.42 45.67 -27.71
CA ALA C 244 -17.34 44.64 -27.24
C ALA C 244 -18.65 45.23 -26.74
N ARG C 245 -18.59 46.35 -26.01
CA ARG C 245 -19.80 46.96 -25.50
C ARG C 245 -20.64 47.57 -26.61
N GLU C 246 -20.00 48.04 -27.67
CA GLU C 246 -20.74 48.58 -28.82
C GLU C 246 -21.45 47.46 -29.58
N ILE C 247 -20.82 46.29 -29.65
CA ILE C 247 -21.39 45.18 -30.41
C ILE C 247 -22.43 44.40 -29.58
N CYS C 248 -22.25 44.35 -28.25
CA CYS C 248 -23.15 43.65 -27.34
C CYS C 248 -23.84 44.68 -26.43
N PRO C 249 -24.84 45.39 -26.93
CA PRO C 249 -25.51 46.40 -26.09
C PRO C 249 -26.14 45.82 -24.84
N LYS C 250 -26.56 44.55 -24.87
CA LYS C 250 -27.14 43.92 -23.70
C LYS C 250 -26.11 43.54 -22.64
N GLY C 251 -24.82 43.62 -22.97
CA GLY C 251 -23.78 43.36 -22.00
C GLY C 251 -23.45 41.90 -21.77
N ASN C 252 -23.78 41.03 -22.72
CA ASN C 252 -23.59 39.59 -22.55
C ASN C 252 -22.26 39.15 -23.17
N PHE C 253 -21.18 39.72 -22.64
CA PHE C 253 -19.83 39.30 -22.97
C PHE C 253 -19.02 39.23 -21.68
N ALA C 254 -17.90 38.51 -21.73
CA ALA C 254 -16.99 38.41 -20.59
C ALA C 254 -15.58 38.19 -21.09
N PHE C 255 -14.65 39.01 -20.63
CA PHE C 255 -13.26 38.93 -21.05
C PHE C 255 -12.48 37.98 -20.15
N ILE C 256 -11.60 37.20 -20.77
CA ILE C 256 -10.68 36.31 -20.08
C ILE C 256 -9.27 36.71 -20.48
N ALA C 257 -8.45 37.12 -19.51
CA ALA C 257 -7.15 37.69 -19.75
C ALA C 257 -6.07 36.83 -19.11
N ASP C 258 -5.23 36.23 -19.93
CA ASP C 258 -4.09 35.42 -19.49
C ASP C 258 -2.89 36.33 -19.29
N GLU C 259 -2.50 36.54 -18.03
CA GLU C 259 -1.43 37.46 -17.68
C GLU C 259 -0.09 36.77 -17.41
N ALA C 260 0.16 35.63 -18.08
CA ALA C 260 1.32 34.81 -17.74
C ALA C 260 2.61 35.62 -17.79
N HIS C 261 2.75 36.47 -18.81
CA HIS C 261 3.98 37.23 -19.01
C HIS C 261 3.86 38.69 -18.57
N ALA C 262 2.80 39.04 -17.86
CA ALA C 262 2.65 40.39 -17.32
C ALA C 262 2.85 40.45 -15.81
N THR C 263 2.44 39.40 -15.08
CA THR C 263 2.54 39.40 -13.63
C THR C 263 4.00 39.52 -13.19
N GLY C 264 4.27 40.47 -12.30
CA GLY C 264 5.61 40.71 -11.81
C GLY C 264 6.46 41.63 -12.66
N VAL C 265 6.00 41.99 -13.87
CA VAL C 265 6.81 42.75 -14.82
C VAL C 265 6.09 44.05 -15.19
N VAL C 266 4.77 44.04 -15.12
CA VAL C 266 3.95 45.17 -15.53
C VAL C 266 3.15 45.68 -14.35
N GLY C 267 3.20 46.99 -14.11
CA GLY C 267 2.33 47.63 -13.14
C GLY C 267 2.88 47.68 -11.73
N PRO C 268 2.26 48.54 -10.89
CA PRO C 268 2.76 48.78 -9.54
C PRO C 268 3.01 47.51 -8.73
N ARG C 269 4.29 47.26 -8.41
CA ARG C 269 4.69 46.08 -7.64
C ARG C 269 4.35 44.78 -8.37
N GLY C 270 4.23 44.86 -9.69
CA GLY C 270 4.02 43.68 -10.50
C GLY C 270 2.62 43.12 -10.53
N VAL C 271 1.60 43.99 -10.47
CA VAL C 271 0.22 43.52 -10.44
C VAL C 271 -0.30 43.06 -11.79
N GLY C 272 0.40 43.38 -12.87
CA GLY C 272 -0.03 42.95 -14.20
C GLY C 272 -0.77 44.05 -14.94
N LEU C 273 -1.12 43.72 -16.18
CA LEU C 273 -1.69 44.72 -17.07
C LEU C 273 -3.11 45.11 -16.66
N VAL C 274 -3.92 44.14 -16.24
CA VAL C 274 -5.33 44.40 -15.94
C VAL C 274 -5.46 45.45 -14.84
N LYS C 275 -4.71 45.30 -13.75
CA LYS C 275 -4.81 46.25 -12.67
C LYS C 275 -4.17 47.58 -13.02
N LEU C 276 -3.03 47.55 -13.72
CA LEU C 276 -2.39 48.78 -14.16
C LEU C 276 -3.34 49.66 -14.97
N LEU C 277 -4.31 49.06 -15.66
CA LEU C 277 -5.28 49.79 -16.45
C LEU C 277 -6.58 50.07 -15.70
N GLY C 278 -6.68 49.68 -14.43
CA GLY C 278 -7.89 49.88 -13.68
C GLY C 278 -9.07 49.04 -14.14
N LEU C 279 -8.81 47.94 -14.83
CA LEU C 279 -9.85 47.14 -15.46
C LEU C 279 -10.30 45.96 -14.61
N GLU C 280 -9.93 45.91 -13.33
CA GLU C 280 -10.21 44.72 -12.54
C GLU C 280 -11.70 44.48 -12.35
N ASN C 281 -12.53 45.50 -12.58
CA ASN C 281 -13.99 45.33 -12.56
C ASN C 281 -14.57 45.03 -13.94
N GLU C 282 -13.78 45.18 -15.01
CA GLU C 282 -14.27 44.98 -16.36
C GLU C 282 -13.73 43.72 -17.01
N VAL C 283 -12.88 42.95 -16.33
CA VAL C 283 -12.35 41.70 -16.84
C VAL C 283 -12.81 40.60 -15.88
N ALA C 284 -13.76 39.77 -16.33
CA ALA C 284 -14.43 38.86 -15.41
C ALA C 284 -13.49 37.76 -14.92
N ILE C 285 -12.56 37.32 -15.76
CA ILE C 285 -11.69 36.20 -15.44
C ILE C 285 -10.26 36.57 -15.82
N ARG C 286 -9.34 36.40 -14.88
CA ARG C 286 -7.92 36.66 -15.09
C ARG C 286 -7.10 35.47 -14.62
N LEU C 287 -6.09 35.12 -15.40
CA LEU C 287 -5.13 34.09 -15.02
C LEU C 287 -3.79 34.75 -14.74
N ASN C 288 -3.23 34.47 -13.57
CA ASN C 288 -1.89 34.92 -13.21
C ASN C 288 -1.06 33.71 -12.82
N THR C 289 0.11 33.57 -13.46
CA THR C 289 0.94 32.39 -13.35
C THR C 289 2.23 32.71 -12.60
N CYS C 290 2.88 31.68 -12.08
CA CYS C 290 4.07 31.84 -11.27
C CYS C 290 5.33 31.32 -11.94
N GLY C 291 5.24 30.83 -13.17
CA GLY C 291 6.35 30.17 -13.82
C GLY C 291 7.36 31.06 -14.51
N LYS C 292 7.15 32.38 -14.53
CA LYS C 292 8.07 33.29 -15.17
C LYS C 292 8.66 34.20 -14.12
N ALA C 293 8.17 35.43 -13.98
CA ALA C 293 8.77 36.39 -13.06
C ALA C 293 8.76 35.90 -11.63
N LEU C 294 7.74 35.13 -11.25
CA LEU C 294 7.62 34.66 -9.88
C LEU C 294 8.52 33.47 -9.56
N ALA C 295 9.21 32.93 -10.57
CA ALA C 295 10.34 32.03 -10.36
C ALA C 295 9.96 30.71 -9.68
N CYS C 296 8.75 30.22 -9.94
CA CYS C 296 8.37 28.89 -9.45
C CYS C 296 7.37 28.22 -10.38
N THR C 297 6.29 27.68 -9.82
CA THR C 297 5.22 27.06 -10.58
C THR C 297 3.89 27.43 -9.94
N GLY C 298 2.81 27.25 -10.68
CA GLY C 298 1.48 27.45 -10.17
C GLY C 298 0.75 28.56 -10.91
N SER C 299 -0.49 28.79 -10.48
CA SER C 299 -1.30 29.87 -11.03
C SER C 299 -2.53 30.07 -10.16
N VAL C 300 -3.11 31.26 -10.25
CA VAL C 300 -4.40 31.56 -9.65
C VAL C 300 -5.30 32.13 -10.73
N VAL C 301 -6.54 31.64 -10.77
CA VAL C 301 -7.59 32.22 -11.61
C VAL C 301 -8.38 33.20 -10.77
N LEU C 302 -8.49 34.43 -11.24
CA LEU C 302 -9.17 35.49 -10.49
C LEU C 302 -10.57 35.71 -11.05
N GLY C 303 -11.48 36.10 -10.16
CA GLY C 303 -12.86 36.30 -10.51
C GLY C 303 -13.70 36.37 -9.25
N ASN C 304 -15.00 36.54 -9.44
CA ASN C 304 -15.91 36.58 -8.31
C ASN C 304 -16.22 35.16 -7.87
N ALA C 305 -17.10 35.01 -6.87
CA ALA C 305 -17.34 33.69 -6.28
C ALA C 305 -18.12 32.77 -7.20
N THR C 306 -18.97 33.33 -8.07
CA THR C 306 -19.70 32.49 -9.01
C THR C 306 -18.75 31.82 -10.01
N VAL C 307 -17.75 32.57 -10.49
CA VAL C 307 -16.73 31.98 -11.35
C VAL C 307 -15.98 30.89 -10.60
N ARG C 308 -15.62 31.15 -9.34
CA ARG C 308 -14.78 30.23 -8.58
C ARG C 308 -15.51 28.92 -8.29
N ASN C 309 -16.80 29.01 -7.92
CA ASN C 309 -17.57 27.79 -7.70
C ASN C 309 -17.81 27.03 -9.00
N MET C 310 -17.86 27.74 -10.13
CA MET C 310 -18.05 27.09 -11.42
C MET C 310 -16.84 26.23 -11.77
N LEU C 311 -15.64 26.70 -11.42
CA LEU C 311 -14.44 25.89 -11.63
C LEU C 311 -14.42 24.67 -10.72
N LEU C 312 -14.83 24.84 -9.45
CA LEU C 312 -14.80 23.75 -8.50
C LEU C 312 -15.79 22.64 -8.83
N ASN C 313 -16.81 22.93 -9.64
CA ASN C 313 -17.88 21.98 -9.90
C ASN C 313 -17.93 21.48 -11.33
N TYR C 314 -17.43 22.24 -12.30
CA TYR C 314 -17.53 21.87 -13.70
C TYR C 314 -16.19 21.66 -14.40
N ALA C 315 -15.08 22.04 -13.79
CA ALA C 315 -13.75 21.75 -14.35
C ALA C 315 -13.34 20.38 -13.84
N GLY C 316 -13.59 19.34 -14.65
CA GLY C 316 -13.26 17.99 -14.25
C GLY C 316 -11.77 17.79 -14.00
N SER C 317 -10.93 18.58 -14.68
CA SER C 317 -9.48 18.46 -14.48
C SER C 317 -9.10 18.80 -13.04
N LEU C 318 -9.70 19.86 -12.48
CA LEU C 318 -9.44 20.21 -11.09
C LEU C 318 -10.03 19.16 -10.16
N VAL C 319 -11.27 18.76 -10.41
CA VAL C 319 -11.98 17.89 -9.47
C VAL C 319 -11.25 16.58 -9.26
N ASN C 320 -10.56 16.07 -10.28
CA ASN C 320 -9.98 14.75 -10.23
C ASN C 320 -8.47 14.75 -10.01
N THR C 321 -7.90 15.87 -9.52
CA THR C 321 -6.48 15.93 -9.24
C THR C 321 -6.24 16.35 -7.80
N THR C 322 -5.09 15.94 -7.27
CA THR C 322 -4.74 16.23 -5.89
C THR C 322 -4.47 17.71 -5.71
N ALA C 323 -4.99 18.27 -4.61
CA ALA C 323 -4.82 19.69 -4.32
C ALA C 323 -3.36 20.00 -4.00
N PRO C 324 -2.94 21.25 -4.20
CA PRO C 324 -1.52 21.59 -4.01
C PRO C 324 -1.03 21.32 -2.60
N SER C 325 0.21 20.84 -2.50
CA SER C 325 0.83 20.57 -1.21
C SER C 325 1.23 21.88 -0.52
N PHE C 326 1.42 21.79 0.79
CA PHE C 326 1.75 22.98 1.58
C PHE C 326 2.99 23.70 1.08
N PRO C 327 4.12 23.04 0.81
CA PRO C 327 5.27 23.78 0.26
C PRO C 327 4.98 24.43 -1.07
N SER C 328 4.14 23.80 -1.89
CA SER C 328 3.75 24.41 -3.16
C SER C 328 3.02 25.73 -2.93
N VAL C 329 2.03 25.73 -2.03
CA VAL C 329 1.36 26.98 -1.68
C VAL C 329 2.37 27.96 -1.08
N ALA C 330 3.31 27.46 -0.29
CA ALA C 330 4.20 28.35 0.46
C ALA C 330 5.10 29.15 -0.47
N VAL C 331 5.62 28.53 -1.52
CA VAL C 331 6.52 29.25 -2.42
C VAL C 331 5.75 30.32 -3.18
N ILE C 332 4.48 30.07 -3.52
CA ILE C 332 3.68 31.08 -4.20
C ILE C 332 3.46 32.26 -3.27
N ARG C 333 3.03 31.99 -2.03
CA ARG C 333 2.85 33.08 -1.07
C ARG C 333 4.14 33.86 -0.86
N ALA C 334 5.28 33.17 -0.89
CA ALA C 334 6.56 33.84 -0.72
C ALA C 334 6.82 34.81 -1.86
N ALA C 335 6.50 34.41 -3.10
CA ALA C 335 6.69 35.30 -4.23
C ALA C 335 5.82 36.54 -4.11
N TYR C 336 4.56 36.37 -3.71
CA TYR C 336 3.67 37.51 -3.58
C TYR C 336 4.06 38.40 -2.41
N ASN C 337 4.66 37.81 -1.37
CA ASN C 337 5.25 38.62 -0.30
C ASN C 337 6.27 39.60 -0.86
N LEU C 338 7.19 39.10 -1.68
CA LEU C 338 8.25 39.95 -2.22
C LEU C 338 7.69 41.05 -3.11
N MET C 339 6.63 40.76 -3.87
CA MET C 339 6.00 41.81 -4.68
C MET C 339 5.25 42.80 -3.80
N ARG C 340 4.46 42.28 -2.85
CA ARG C 340 3.59 43.13 -2.04
C ARG C 340 4.39 44.16 -1.27
N THR C 341 5.56 43.77 -0.78
CA THR C 341 6.40 44.64 0.05
C THR C 341 7.36 45.50 -0.75
N GLY C 342 7.28 45.47 -2.09
CA GLY C 342 8.14 46.27 -2.93
C GLY C 342 9.50 45.67 -3.23
N ALA C 343 9.80 44.48 -2.71
CA ALA C 343 11.12 43.88 -2.86
C ALA C 343 11.48 43.57 -4.31
N THR C 344 10.52 43.61 -5.24
CA THR C 344 10.77 43.34 -6.64
C THR C 344 10.68 44.58 -7.52
N GLN C 345 10.42 45.75 -6.93
CA GLN C 345 10.13 46.94 -7.75
C GLN C 345 11.38 47.47 -8.46
N LYS C 346 12.55 47.36 -7.83
CA LYS C 346 13.77 47.82 -8.51
C LYS C 346 14.17 46.87 -9.62
N ALA C 347 14.03 45.56 -9.40
CA ALA C 347 14.28 44.59 -10.46
C ALA C 347 13.30 44.78 -11.61
N GLN C 348 12.05 45.09 -11.29
CA GLN C 348 11.06 45.35 -12.34
C GLN C 348 11.43 46.59 -13.14
N ASP C 349 11.85 47.66 -12.46
CA ASP C 349 12.33 48.84 -13.16
C ASP C 349 13.55 48.53 -14.03
N ASN C 350 14.42 47.63 -13.57
CA ASN C 350 15.63 47.33 -14.32
C ASN C 350 15.33 46.63 -15.64
N ILE C 351 14.26 45.83 -15.69
CA ILE C 351 13.83 45.27 -16.97
C ILE C 351 13.46 46.39 -17.92
N GLN C 352 12.70 47.37 -17.44
CA GLN C 352 12.31 48.51 -18.27
C GLN C 352 13.54 49.25 -18.78
N HIS C 353 14.56 49.39 -17.93
CA HIS C 353 15.76 50.12 -18.33
C HIS C 353 16.60 49.32 -19.31
N LEU C 354 16.73 48.00 -19.09
CA LEU C 354 17.58 47.18 -19.94
C LEU C 354 16.97 46.97 -21.31
N VAL C 355 15.65 46.75 -21.38
CA VAL C 355 15.00 46.57 -22.67
C VAL C 355 15.12 47.84 -23.51
N LYS C 356 14.88 49.00 -22.87
CA LYS C 356 15.06 50.27 -23.55
C LYS C 356 16.52 50.51 -23.91
N TYR C 357 17.43 50.12 -23.03
CA TYR C 357 18.86 50.25 -23.34
C TYR C 357 19.21 49.44 -24.58
N PHE C 358 18.64 48.25 -24.71
CA PHE C 358 18.89 47.45 -25.90
C PHE C 358 18.27 48.09 -27.14
N PHE C 359 17.02 48.55 -27.02
CA PHE C 359 16.33 49.13 -28.16
C PHE C 359 17.09 50.34 -28.71
N GLU C 360 17.52 51.22 -27.83
CA GLU C 360 18.17 52.45 -28.29
C GLU C 360 19.54 52.15 -28.90
N SER C 361 20.26 51.18 -28.35
CA SER C 361 21.58 50.86 -28.88
C SER C 361 21.49 50.14 -30.23
N ILE C 362 20.55 49.20 -30.37
CA ILE C 362 20.50 48.41 -31.60
C ILE C 362 19.96 49.24 -32.76
N THR C 363 18.96 50.08 -32.50
CA THR C 363 18.38 50.88 -33.58
C THR C 363 19.23 52.10 -33.91
N SER C 364 20.31 52.35 -33.17
CA SER C 364 21.22 53.45 -33.47
C SER C 364 22.53 52.98 -34.07
N SER C 365 22.73 51.67 -34.25
CA SER C 365 23.93 51.17 -34.90
C SER C 365 23.93 51.57 -36.37
N ASN C 366 25.13 51.56 -36.96
CA ASN C 366 25.26 51.94 -38.37
C ASN C 366 24.43 51.04 -39.28
N ILE C 367 24.45 49.73 -38.99
CA ILE C 367 23.93 48.72 -39.92
C ILE C 367 22.44 48.51 -39.79
N TRP C 368 21.77 49.19 -38.84
CA TRP C 368 20.37 48.91 -38.54
C TRP C 368 19.45 49.34 -39.68
N ASP C 369 19.64 50.56 -40.20
CA ASP C 369 18.80 51.04 -41.30
C ASP C 369 18.82 50.08 -42.47
N LYS C 370 20.01 49.73 -42.94
CA LYS C 370 20.14 48.83 -44.07
C LYS C 370 19.61 47.43 -43.74
N ALA C 371 19.91 46.95 -42.52
CA ALA C 371 19.53 45.59 -42.14
C ALA C 371 18.02 45.41 -42.14
N THR C 372 17.28 46.42 -41.70
CA THR C 372 15.82 46.37 -41.71
C THR C 372 15.24 46.79 -43.06
N ASP C 373 16.05 47.37 -43.95
CA ASP C 373 15.63 47.58 -45.33
C ASP C 373 15.63 46.27 -46.11
N LEU C 374 16.69 45.49 -45.96
CA LEU C 374 16.85 44.23 -46.68
C LEU C 374 16.32 43.03 -45.89
N GLY C 375 15.54 43.25 -44.84
CA GLY C 375 14.93 42.16 -44.10
C GLY C 375 15.92 41.20 -43.48
N ILE C 376 17.16 41.64 -43.31
CA ILE C 376 18.16 40.77 -42.70
C ILE C 376 17.99 40.71 -41.20
N LEU C 377 17.49 41.79 -40.60
CA LEU C 377 17.08 41.82 -39.21
C LEU C 377 15.75 42.56 -39.14
N SER C 378 14.93 42.18 -38.17
CA SER C 378 13.65 42.86 -37.95
C SER C 378 13.25 42.60 -36.52
N ILE C 379 13.07 43.67 -35.74
CA ILE C 379 12.67 43.54 -34.34
C ILE C 379 11.42 44.39 -34.14
N PRO C 380 10.23 43.80 -34.25
CA PRO C 380 9.01 44.62 -34.24
C PRO C 380 8.74 45.34 -32.92
N VAL C 381 9.11 44.75 -31.80
CA VAL C 381 8.90 45.40 -30.52
C VAL C 381 9.76 46.66 -30.40
N ALA C 382 10.77 46.80 -31.25
CA ALA C 382 11.70 47.92 -31.18
C ALA C 382 11.24 49.13 -31.99
N GLU C 383 10.26 48.98 -32.87
CA GLU C 383 9.70 50.14 -33.56
C GLU C 383 8.72 50.85 -32.64
N ASP C 384 8.83 52.18 -32.58
CA ASP C 384 7.91 53.03 -31.82
C ASP C 384 7.85 52.65 -30.35
N TYR C 385 8.92 52.05 -29.82
CA TYR C 385 8.91 51.64 -28.42
C TYR C 385 8.86 52.82 -27.47
N GLU C 386 9.24 54.02 -27.92
CA GLU C 386 9.32 55.18 -27.04
C GLU C 386 7.96 55.79 -26.73
N SER C 387 6.90 55.41 -27.44
CA SER C 387 5.56 55.92 -27.22
C SER C 387 4.71 55.01 -26.34
N LEU C 388 5.31 53.95 -25.80
CA LEU C 388 4.59 53.01 -24.95
C LEU C 388 4.71 53.41 -23.48
N ASP C 389 3.66 53.13 -22.72
CA ASP C 389 3.73 53.31 -21.27
C ASP C 389 4.79 52.43 -20.65
N PHE C 390 5.16 51.33 -21.30
CA PHE C 390 6.10 50.36 -20.76
C PHE C 390 6.52 49.43 -21.89
N VAL C 391 7.71 48.88 -21.76
CA VAL C 391 8.19 47.85 -22.66
C VAL C 391 8.05 46.50 -21.97
N THR C 392 8.16 45.43 -22.75
CA THR C 392 8.11 44.08 -22.21
C THR C 392 9.49 43.43 -22.33
N HIS C 393 9.64 42.30 -21.65
CA HIS C 393 10.88 41.56 -21.58
C HIS C 393 11.12 40.67 -22.79
N ILE C 394 10.10 40.43 -23.61
CA ILE C 394 10.19 39.51 -24.72
C ILE C 394 10.65 40.28 -25.96
N VAL C 395 11.76 39.87 -26.53
CA VAL C 395 12.25 40.47 -27.76
C VAL C 395 12.41 39.38 -28.82
N PRO C 396 11.38 39.09 -29.61
CA PRO C 396 11.57 38.20 -30.76
C PRO C 396 12.37 38.90 -31.85
N ILE C 397 13.41 38.22 -32.33
CA ILE C 397 14.28 38.75 -33.37
C ILE C 397 14.11 37.90 -34.62
N TRP C 398 13.84 38.55 -35.74
CA TRP C 398 13.62 37.88 -37.01
C TRP C 398 14.76 38.15 -37.97
N THR C 399 14.91 37.24 -38.93
CA THR C 399 15.86 37.40 -40.03
C THR C 399 15.16 36.85 -41.28
N ARG C 400 15.90 36.59 -42.34
CA ARG C 400 15.31 35.86 -43.46
C ARG C 400 15.06 34.43 -43.02
N GLN C 401 13.91 33.89 -43.46
CA GLN C 401 13.47 32.59 -42.98
C GLN C 401 14.50 31.50 -43.23
N LYS C 402 15.29 31.63 -44.30
CA LYS C 402 16.36 30.68 -44.57
C LYS C 402 17.63 30.97 -43.79
N TYR C 403 17.64 31.99 -42.92
CA TYR C 403 18.79 32.29 -42.08
C TYR C 403 18.53 32.03 -40.59
N ASN C 404 17.32 31.64 -40.20
CA ASN C 404 16.97 31.65 -38.78
C ASN C 404 17.79 30.63 -37.98
N TRP C 405 18.09 29.47 -38.57
CA TRP C 405 19.02 28.57 -37.91
C TRP C 405 20.41 29.19 -37.84
N TRP C 406 20.83 29.87 -38.92
CA TRP C 406 22.13 30.53 -38.94
C TRP C 406 22.22 31.58 -37.85
N LEU C 407 21.20 32.44 -37.73
CA LEU C 407 21.17 33.43 -36.66
C LEU C 407 21.29 32.76 -35.29
N PHE C 408 20.59 31.65 -35.10
CA PHE C 408 20.64 30.94 -33.83
C PHE C 408 22.05 30.44 -33.54
N PHE C 409 22.72 29.87 -34.56
CA PHE C 409 24.07 29.36 -34.36
C PHE C 409 25.07 30.48 -34.11
N HIS C 410 24.87 31.63 -34.76
CA HIS C 410 25.77 32.76 -34.54
C HIS C 410 25.68 33.25 -33.10
N LEU C 411 24.47 33.29 -32.54
CA LEU C 411 24.30 33.65 -31.14
C LEU C 411 24.87 32.59 -30.22
N GLN C 412 24.58 31.31 -30.52
CA GLN C 412 24.98 30.23 -29.63
C GLN C 412 26.50 30.05 -29.61
N LEU C 413 27.17 30.31 -30.73
CA LEU C 413 28.62 30.21 -30.76
C LEU C 413 29.31 31.45 -30.21
N ALA C 414 28.62 32.59 -30.18
CA ALA C 414 29.09 33.76 -29.43
C ALA C 414 28.78 33.68 -27.95
N LYS C 415 28.17 32.57 -27.52
CA LYS C 415 27.88 32.28 -26.11
C LYS C 415 26.78 33.20 -25.56
N ILE C 416 25.74 33.41 -26.37
CA ILE C 416 24.52 34.09 -25.96
C ILE C 416 23.39 33.08 -26.10
N ALA C 417 22.81 32.67 -24.97
CA ALA C 417 21.76 31.67 -24.99
C ALA C 417 20.41 32.32 -25.28
N VAL C 418 19.81 31.93 -26.41
CA VAL C 418 18.45 32.35 -26.76
C VAL C 418 17.61 31.11 -26.97
N VAL C 419 16.32 31.27 -27.22
CA VAL C 419 15.42 30.16 -27.51
C VAL C 419 15.06 30.22 -29.00
N PRO C 420 15.38 29.20 -29.78
CA PRO C 420 14.91 29.17 -31.17
C PRO C 420 13.45 28.78 -31.23
N ILE C 421 12.69 29.49 -32.06
CA ILE C 421 11.26 29.30 -32.20
C ILE C 421 10.99 28.77 -33.60
N ASP C 422 10.41 27.59 -33.69
CA ASP C 422 10.26 26.92 -34.98
C ASP C 422 9.15 25.89 -34.90
N TYR C 423 8.72 25.42 -36.08
CA TYR C 423 7.75 24.34 -36.15
C TYR C 423 8.20 23.18 -35.27
N PRO C 424 7.32 22.61 -34.46
CA PRO C 424 5.87 22.80 -34.39
C PRO C 424 5.40 23.97 -33.53
N GLN C 425 6.28 24.77 -32.88
CA GLN C 425 5.77 25.77 -31.95
C GLN C 425 5.12 26.94 -32.67
N VAL C 426 5.53 27.21 -33.91
CA VAL C 426 4.89 28.21 -34.76
C VAL C 426 4.80 27.65 -36.17
N PRO C 427 3.95 28.24 -37.03
CA PRO C 427 3.82 27.73 -38.39
C PRO C 427 5.15 27.65 -39.12
N LYS C 428 5.19 26.80 -40.14
CA LYS C 428 6.44 26.38 -40.75
C LYS C 428 7.23 27.54 -41.37
N GLY C 429 6.58 28.68 -41.61
CA GLY C 429 7.24 29.83 -42.19
C GLY C 429 7.48 31.01 -41.27
N LYS C 430 7.19 30.86 -39.97
CA LYS C 430 7.23 31.98 -39.02
C LYS C 430 8.29 31.78 -37.95
N SER C 431 9.42 31.18 -38.30
CA SER C 431 10.44 30.86 -37.31
C SER C 431 11.28 32.09 -36.96
N ARG C 432 11.70 32.14 -35.70
CA ARG C 432 12.36 33.32 -35.15
C ARG C 432 13.27 32.88 -34.00
N VAL C 433 13.88 33.88 -33.35
CA VAL C 433 14.65 33.68 -32.13
C VAL C 433 14.06 34.56 -31.04
N ARG C 434 13.91 34.00 -29.84
CA ARG C 434 13.34 34.72 -28.72
C ARG C 434 14.43 35.04 -27.70
N VAL C 435 14.83 36.30 -27.65
CA VAL C 435 15.69 36.82 -26.61
C VAL C 435 14.82 37.26 -25.44
N MET C 436 15.18 36.81 -24.24
CA MET C 436 14.51 37.21 -23.01
C MET C 436 15.47 38.05 -22.19
N ILE C 437 15.01 39.25 -21.80
CA ILE C 437 15.79 40.18 -21.01
C ILE C 437 15.29 40.14 -19.58
N HIS C 438 16.20 39.88 -18.64
CA HIS C 438 15.86 39.73 -17.23
C HIS C 438 16.51 40.84 -16.42
N ALA C 439 15.94 41.10 -15.24
CA ALA C 439 16.48 42.10 -14.33
C ALA C 439 17.95 41.85 -14.01
N GLY C 440 18.35 40.58 -13.95
CA GLY C 440 19.71 40.22 -13.60
C GLY C 440 20.74 40.39 -14.69
N ASN C 441 20.32 40.67 -15.92
CA ASN C 441 21.26 40.97 -16.98
C ASN C 441 21.91 42.33 -16.73
N THR C 442 22.90 42.67 -17.56
CA THR C 442 23.62 43.92 -17.41
C THR C 442 23.60 44.69 -18.72
N GLU C 443 24.06 45.95 -18.65
CA GLU C 443 24.22 46.74 -19.86
C GLU C 443 25.37 46.21 -20.71
N GLU C 444 26.40 45.64 -20.08
CA GLU C 444 27.54 45.12 -20.83
C GLU C 444 27.16 43.90 -21.65
N GLN C 445 26.30 43.04 -21.11
CA GLN C 445 25.78 41.92 -21.89
C GLN C 445 24.90 42.40 -23.03
N VAL C 446 24.14 43.48 -22.79
CA VAL C 446 23.27 44.03 -23.83
C VAL C 446 24.10 44.62 -24.96
N ASP C 447 25.22 45.28 -24.62
CA ASP C 447 26.13 45.77 -25.65
C ASP C 447 26.68 44.61 -26.48
N TYR C 448 27.13 43.55 -25.80
CA TYR C 448 27.65 42.38 -26.50
C TYR C 448 26.58 41.71 -27.36
N LEU C 449 25.31 41.80 -26.96
CA LEU C 449 24.23 41.31 -27.80
C LEU C 449 24.04 42.19 -29.02
N VAL C 450 24.07 43.50 -28.84
CA VAL C 450 23.93 44.43 -29.96
C VAL C 450 25.10 44.25 -30.93
N ALA C 451 26.32 44.13 -30.41
CA ALA C 451 27.49 43.94 -31.27
C ALA C 451 27.41 42.62 -32.02
N THR C 452 27.11 41.54 -31.30
CA THR C 452 26.96 40.23 -31.94
C THR C 452 25.86 40.25 -33.00
N LEU C 453 24.79 40.99 -32.73
CA LEU C 453 23.72 41.12 -33.71
C LEU C 453 24.18 41.88 -34.94
N CYS C 454 24.95 42.96 -34.75
CA CYS C 454 25.43 43.74 -35.89
C CYS C 454 26.41 42.96 -36.75
N ASP C 455 27.18 42.05 -36.12
CA ASP C 455 28.07 41.19 -36.89
C ASP C 455 27.27 40.33 -37.87
N PHE C 456 26.21 39.69 -37.39
CA PHE C 456 25.38 38.82 -38.25
C PHE C 456 24.80 39.61 -39.41
N ALA C 457 24.23 40.79 -39.12
CA ALA C 457 23.66 41.64 -40.16
C ALA C 457 24.70 42.02 -41.20
N ASN C 458 25.83 42.55 -40.74
CA ASN C 458 26.92 42.91 -41.65
C ASN C 458 27.42 41.71 -42.48
N GLU C 459 27.69 40.56 -41.83
CA GLU C 459 28.03 39.36 -42.61
C GLU C 459 27.00 39.14 -43.72
N MET C 460 25.77 38.80 -43.34
CA MET C 460 24.74 38.47 -44.33
C MET C 460 24.62 39.49 -45.46
N ILE C 461 24.71 40.77 -45.13
CA ILE C 461 24.68 41.81 -46.16
C ILE C 461 25.84 41.62 -47.13
N ASP C 462 27.00 41.21 -46.60
CA ASP C 462 28.20 41.10 -47.43
C ASP C 462 28.10 39.93 -48.39
N ILE C 463 27.63 38.77 -47.92
CA ILE C 463 27.43 37.61 -48.80
C ILE C 463 26.54 37.98 -49.98
N GLU C 464 25.38 38.58 -49.68
CA GLU C 464 24.43 38.97 -50.71
C GLU C 464 25.12 39.90 -51.70
N GLU C 465 25.54 41.08 -51.24
CA GLU C 465 26.15 42.06 -52.12
C GLU C 465 27.47 41.57 -52.73
N GLY C 466 28.00 40.43 -52.31
CA GLY C 466 29.29 39.98 -52.79
C GLY C 466 29.23 38.82 -53.78
N GLY C 467 28.16 38.03 -53.72
CA GLY C 467 28.00 36.90 -54.62
C GLY C 467 27.66 37.26 -56.06
N GLY C 470 26.34 32.04 -53.72
CA GLY C 470 25.82 31.35 -52.56
C GLY C 470 26.91 30.95 -51.58
N LYS C 471 26.88 31.52 -50.39
CA LYS C 471 27.91 31.34 -49.39
C LYS C 471 27.26 31.16 -48.04
N ILE C 472 28.00 30.52 -47.15
CA ILE C 472 27.54 30.13 -45.81
C ILE C 472 28.26 30.99 -44.79
N PRO C 473 27.56 31.63 -43.86
CA PRO C 473 28.23 32.46 -42.86
C PRO C 473 29.07 31.62 -41.90
N LYS C 474 29.94 32.32 -41.16
CA LYS C 474 31.00 31.65 -40.40
C LYS C 474 30.43 30.65 -39.41
N ALA C 475 29.40 31.06 -38.64
CA ALA C 475 28.88 30.20 -37.59
C ALA C 475 28.19 28.97 -38.14
N ALA C 476 27.52 29.09 -39.30
CA ALA C 476 26.90 27.91 -39.89
C ALA C 476 27.96 26.97 -40.45
N GLN C 477 29.08 27.51 -40.94
CA GLN C 477 30.18 26.67 -41.38
C GLN C 477 30.68 25.77 -40.25
N GLU C 478 30.80 26.32 -39.04
CA GLU C 478 31.24 25.52 -37.91
C GLU C 478 30.23 24.43 -37.57
N ILE C 479 28.94 24.79 -37.54
CA ILE C 479 27.91 23.82 -37.21
C ILE C 479 27.82 22.76 -38.30
N TYR C 480 27.74 23.20 -39.55
CA TYR C 480 27.72 22.25 -40.66
C TYR C 480 28.98 21.41 -40.69
N ALA C 481 30.08 21.90 -40.13
CA ALA C 481 31.29 21.09 -40.00
C ALA C 481 31.13 20.03 -38.92
N LEU C 482 30.47 20.38 -37.81
CA LEU C 482 30.24 19.40 -36.76
C LEU C 482 29.29 18.30 -37.21
N MET C 483 28.29 18.66 -38.02
CA MET C 483 27.38 17.66 -38.55
C MET C 483 28.12 16.66 -39.44
N ALA C 484 28.97 17.17 -40.34
CA ALA C 484 29.74 16.30 -41.21
C ALA C 484 30.66 15.37 -40.44
N ALA C 485 30.95 15.68 -39.18
CA ALA C 485 31.64 14.72 -38.31
C ALA C 485 30.65 13.71 -37.74
N HIS C 486 29.73 14.19 -36.89
CA HIS C 486 28.70 13.32 -36.32
C HIS C 486 27.39 13.48 -37.09
N GLY D 22 15.75 -29.60 14.40
CA GLY D 22 17.03 -29.71 15.07
C GLY D 22 18.08 -28.85 14.39
N LYS D 23 18.90 -29.47 13.54
CA LYS D 23 19.76 -28.70 12.65
C LYS D 23 19.02 -28.19 11.44
N VAL D 24 17.88 -28.80 11.11
CA VAL D 24 17.00 -28.25 10.10
C VAL D 24 16.39 -26.93 10.56
N VAL D 25 16.04 -26.85 11.84
CA VAL D 25 15.36 -25.67 12.37
C VAL D 25 16.32 -24.56 12.74
N SER D 26 17.59 -24.87 12.95
CA SER D 26 18.57 -23.83 13.26
C SER D 26 18.95 -23.02 12.04
N GLU D 27 18.91 -23.64 10.85
CA GLU D 27 19.20 -22.93 9.61
C GLU D 27 17.97 -22.26 9.03
N MET D 28 16.77 -22.79 9.30
CA MET D 28 15.57 -22.04 8.95
C MET D 28 15.49 -20.74 9.74
N ILE D 29 15.87 -20.78 11.01
CA ILE D 29 15.85 -19.58 11.84
C ILE D 29 16.86 -18.56 11.32
N ALA D 30 18.10 -18.99 11.07
CA ALA D 30 19.10 -18.07 10.53
C ALA D 30 18.69 -17.52 9.18
N TRP D 31 17.97 -18.31 8.39
CA TRP D 31 17.47 -17.82 7.10
C TRP D 31 16.38 -16.78 7.30
N ILE D 32 15.40 -17.07 8.18
CA ILE D 32 14.35 -16.10 8.47
C ILE D 32 14.95 -14.81 8.99
N LYS D 33 15.93 -14.92 9.89
CA LYS D 33 16.54 -13.73 10.50
C LYS D 33 17.27 -12.87 9.48
N SER D 34 17.88 -13.48 8.46
CA SER D 34 18.66 -12.69 7.51
C SER D 34 17.78 -11.88 6.57
N GLN D 35 16.47 -12.09 6.57
CA GLN D 35 15.56 -11.33 5.72
C GLN D 35 14.97 -10.12 6.43
N LYS D 36 15.30 -9.91 7.69
CA LYS D 36 14.88 -8.69 8.38
C LYS D 36 15.55 -7.49 7.75
N LEU D 37 14.76 -6.49 7.37
CA LEU D 37 15.30 -5.31 6.71
C LEU D 37 16.34 -4.63 7.58
N ILE D 38 17.42 -4.17 6.96
CA ILE D 38 18.55 -3.62 7.68
C ILE D 38 18.70 -2.11 7.51
N ALA D 39 18.23 -1.55 6.38
CA ALA D 39 18.38 -0.11 6.13
C ALA D 39 17.85 0.78 7.26
N PRO D 40 16.72 0.49 7.91
CA PRO D 40 16.26 1.38 9.00
C PRO D 40 17.24 1.54 10.15
N ARG D 41 18.34 0.78 10.17
CA ARG D 41 19.37 0.93 11.19
C ARG D 41 20.61 1.64 10.67
N MET D 42 20.64 1.99 9.38
CA MET D 42 21.83 2.54 8.74
C MET D 42 21.71 4.03 8.45
N LYS D 43 20.80 4.74 9.11
CA LYS D 43 20.64 6.16 8.82
C LYS D 43 21.90 6.95 9.17
N ASP D 44 22.64 6.52 10.19
CA ASP D 44 23.88 7.18 10.59
C ASP D 44 25.11 6.60 9.91
N ALA D 45 24.98 5.43 9.27
CA ALA D 45 26.12 4.78 8.65
C ALA D 45 26.64 5.59 7.46
N PRO D 46 27.88 5.36 7.04
CA PRO D 46 28.40 6.06 5.86
C PRO D 46 27.58 5.69 4.63
N THR D 47 27.60 6.60 3.65
CA THR D 47 26.73 6.46 2.48
C THR D 47 26.99 5.14 1.74
N PHE D 48 28.24 4.68 1.75
CA PHE D 48 28.61 3.52 0.94
C PHE D 48 27.96 2.26 1.47
N TYR D 49 28.08 2.04 2.78
CA TYR D 49 27.40 0.90 3.41
C TYR D 49 25.90 1.12 3.50
N ARG D 50 25.47 2.37 3.56
CA ARG D 50 24.03 2.67 3.55
C ARG D 50 23.37 2.13 2.28
N ASN D 51 23.96 2.40 1.12
CA ASN D 51 23.34 2.03 -0.14
C ASN D 51 23.50 0.55 -0.44
N LEU D 52 24.55 -0.08 0.09
CA LEU D 52 24.70 -1.52 -0.07
C LEU D 52 23.65 -2.28 0.72
N GLU D 53 23.38 -1.87 1.96
CA GLU D 53 22.35 -2.54 2.74
C GLU D 53 20.96 -2.22 2.21
N GLU D 54 20.77 -1.08 1.55
CA GLU D 54 19.52 -0.85 0.83
C GLU D 54 19.37 -1.86 -0.30
N ALA D 55 20.46 -2.09 -1.05
CA ALA D 55 20.40 -3.03 -2.16
C ALA D 55 20.15 -4.45 -1.69
N LEU D 56 20.75 -4.83 -0.56
CA LEU D 56 20.45 -6.14 0.02
C LEU D 56 19.00 -6.23 0.46
N ASP D 57 18.44 -5.11 0.92
CA ASP D 57 17.05 -5.11 1.39
C ASP D 57 16.08 -5.40 0.24
N VAL D 58 16.42 -5.00 -0.98
CA VAL D 58 15.62 -5.36 -2.14
C VAL D 58 15.38 -6.86 -2.17
N ARG D 59 16.45 -7.64 -1.96
CA ARG D 59 16.34 -9.09 -1.95
C ARG D 59 15.64 -9.59 -0.70
N ARG D 60 15.92 -8.98 0.46
CA ARG D 60 15.25 -9.41 1.68
C ARG D 60 13.75 -9.21 1.58
N SER D 61 13.31 -8.12 0.94
CA SER D 61 11.88 -7.82 0.84
C SER D 61 11.13 -8.92 0.13
N THR D 62 11.77 -9.60 -0.82
CA THR D 62 11.18 -10.74 -1.50
C THR D 62 11.66 -12.05 -0.89
N GLN D 63 12.27 -11.99 0.30
CA GLN D 63 12.72 -13.16 1.06
C GLN D 63 13.68 -14.02 0.25
N SER D 64 14.49 -13.38 -0.60
CA SER D 64 15.44 -14.09 -1.44
C SER D 64 16.88 -13.74 -1.12
N LEU D 65 17.16 -13.24 0.08
CA LEU D 65 18.54 -12.99 0.47
C LEU D 65 19.22 -14.32 0.75
N MET D 66 20.27 -14.63 0.00
CA MET D 66 21.04 -15.84 0.19
C MET D 66 22.22 -15.58 1.09
N THR D 67 22.54 -16.53 1.96
CA THR D 67 23.63 -16.37 2.91
C THR D 67 24.54 -17.60 2.93
N ARG D 68 24.15 -18.61 3.72
CA ARG D 68 25.03 -19.75 4.00
C ARG D 68 24.58 -21.04 3.35
N GLY D 69 23.60 -20.99 2.45
CA GLY D 69 23.19 -22.18 1.72
C GLY D 69 22.42 -23.19 2.56
N GLN D 70 22.20 -24.36 1.95
CA GLN D 70 21.41 -25.43 2.56
C GLN D 70 22.24 -26.17 3.60
N SER D 71 22.94 -27.22 3.18
CA SER D 71 23.97 -27.93 3.95
C SER D 71 23.43 -28.86 5.04
N THR D 72 22.12 -28.96 5.23
CA THR D 72 21.61 -29.89 6.23
C THR D 72 21.90 -31.34 5.86
N TRP D 73 22.22 -31.62 4.60
CA TRP D 73 22.50 -32.98 4.16
C TRP D 73 23.94 -33.37 4.42
N LYS D 74 24.85 -32.40 4.48
CA LYS D 74 26.25 -32.70 4.73
C LYS D 74 26.48 -33.29 6.11
N THR D 75 25.56 -33.06 7.05
CA THR D 75 25.70 -33.50 8.42
C THR D 75 24.92 -34.76 8.75
N GLY D 76 24.09 -35.24 7.82
CA GLY D 76 23.23 -36.37 8.07
C GLY D 76 21.84 -36.02 8.52
N ASP D 77 21.57 -34.76 8.87
CA ASP D 77 20.27 -34.29 9.33
C ASP D 77 19.22 -34.27 8.23
N ALA D 78 19.50 -34.77 7.01
CA ALA D 78 18.54 -34.74 5.92
C ALA D 78 19.07 -35.59 4.77
N ILE D 79 18.14 -36.11 3.96
CA ILE D 79 18.54 -36.81 2.75
C ILE D 79 19.08 -35.81 1.74
N ASP D 80 20.02 -36.26 0.91
CA ASP D 80 20.60 -35.43 -0.14
C ASP D 80 19.84 -35.68 -1.43
N PHE D 81 18.92 -34.78 -1.75
CA PHE D 81 18.25 -34.74 -3.05
C PHE D 81 18.44 -33.37 -3.69
N CYS D 82 19.62 -32.77 -3.51
CA CYS D 82 19.81 -31.40 -3.96
C CYS D 82 21.24 -31.10 -4.43
N SER D 83 22.23 -31.83 -3.92
CA SER D 83 23.61 -31.52 -4.26
C SER D 83 23.93 -31.96 -5.70
N ASN D 84 25.09 -31.52 -6.18
CA ASN D 84 25.56 -31.85 -7.52
C ASN D 84 26.54 -33.02 -7.53
N ASP D 85 26.66 -33.74 -6.41
CA ASP D 85 27.56 -34.89 -6.31
C ASP D 85 26.87 -36.09 -6.98
N LEU D 86 26.77 -36.00 -8.31
CA LEU D 86 25.87 -36.88 -9.06
C LEU D 86 26.23 -38.34 -8.90
N LEU D 87 27.51 -38.68 -9.00
CA LEU D 87 27.96 -40.06 -8.92
C LEU D 87 28.38 -40.48 -7.52
N SER D 88 28.25 -39.58 -6.54
CA SER D 88 28.67 -39.84 -5.17
C SER D 88 30.17 -40.12 -5.08
N LEU D 89 30.95 -39.58 -6.02
CA LEU D 89 32.39 -39.69 -5.93
C LEU D 89 32.94 -38.89 -4.75
N GLY D 90 32.29 -37.78 -4.42
CA GLY D 90 32.65 -37.01 -3.25
C GLY D 90 32.21 -37.70 -1.97
N LEU D 91 30.97 -38.19 -1.96
CA LEU D 91 30.43 -38.82 -0.76
C LEU D 91 31.28 -40.02 -0.34
N THR D 92 31.60 -40.89 -1.29
CA THR D 92 32.28 -42.13 -0.98
C THR D 92 33.77 -41.95 -0.69
N GLY D 93 34.34 -40.81 -1.08
CA GLY D 93 35.78 -40.66 -1.07
C GLY D 93 36.48 -41.36 -2.22
N GLU D 94 35.73 -41.90 -3.19
CA GLU D 94 36.33 -42.61 -4.31
C GLU D 94 37.23 -41.70 -5.13
N LEU D 95 36.84 -40.43 -5.28
CA LEU D 95 37.67 -39.49 -6.03
C LEU D 95 38.88 -39.04 -5.20
N ARG D 96 38.67 -38.80 -3.89
CA ARG D 96 39.79 -38.42 -3.03
C ARG D 96 40.91 -39.46 -3.08
N ARG D 97 40.55 -40.74 -3.02
CA ARG D 97 41.57 -41.79 -3.03
C ARG D 97 42.30 -41.85 -4.36
N GLU D 98 41.58 -41.65 -5.47
CA GLU D 98 42.26 -41.60 -6.77
C GLU D 98 43.01 -40.29 -6.93
N PHE D 99 42.58 -39.23 -6.25
CA PHE D 99 43.32 -37.97 -6.27
C PHE D 99 44.66 -38.11 -5.56
N LEU D 100 44.66 -38.64 -4.33
CA LEU D 100 45.91 -38.82 -3.59
C LEU D 100 46.81 -39.82 -4.31
N ALA D 101 46.24 -40.86 -4.91
CA ALA D 101 47.05 -41.80 -5.69
C ALA D 101 47.71 -41.11 -6.87
N GLU D 102 47.05 -40.10 -7.44
CA GLU D 102 47.63 -39.40 -8.58
C GLU D 102 48.79 -38.50 -8.13
N LEU D 103 48.62 -37.78 -7.03
CA LEU D 103 49.72 -36.98 -6.50
C LEU D 103 50.92 -37.84 -6.13
N ALA D 104 50.68 -39.09 -5.72
CA ALA D 104 51.75 -39.98 -5.32
C ALA D 104 52.51 -40.55 -6.52
N ARG D 105 51.93 -40.49 -7.71
CA ARG D 105 52.66 -40.88 -8.92
C ARG D 105 53.61 -39.80 -9.40
N HIS D 106 53.53 -38.60 -8.83
CA HIS D 106 54.41 -37.49 -9.17
C HIS D 106 54.93 -36.85 -7.89
N PRO D 107 55.82 -37.54 -7.17
CA PRO D 107 56.49 -36.89 -6.06
C PRO D 107 57.38 -35.78 -6.59
N ASP D 108 57.54 -34.74 -5.77
CA ASP D 108 58.25 -33.52 -6.18
C ASP D 108 57.58 -32.84 -7.37
N PHE D 109 56.25 -32.80 -7.38
CA PHE D 109 55.57 -32.12 -8.48
C PHE D 109 55.69 -30.61 -8.31
N SER D 110 55.79 -29.92 -9.44
CA SER D 110 55.81 -28.46 -9.41
C SER D 110 54.38 -27.95 -9.22
N LEU D 111 54.10 -27.44 -8.02
CA LEU D 111 52.74 -27.02 -7.68
C LEU D 111 52.33 -25.80 -8.50
N HIS D 112 53.18 -24.79 -8.53
CA HIS D 112 52.85 -23.52 -9.17
C HIS D 112 52.94 -23.64 -10.69
N SER D 113 51.92 -23.12 -11.39
CA SER D 113 51.95 -23.12 -12.85
C SER D 113 53.03 -22.17 -13.37
N GLY D 114 53.17 -21.01 -12.75
CA GLY D 114 54.14 -20.02 -13.14
C GLY D 114 53.55 -18.73 -13.68
N GLY D 115 52.28 -18.73 -14.05
CA GLY D 115 51.65 -17.52 -14.53
C GLY D 115 50.54 -17.83 -15.51
N SER D 116 50.27 -16.87 -16.38
CA SER D 116 49.27 -17.05 -17.43
C SER D 116 49.65 -18.22 -18.32
N ARG D 117 48.63 -18.91 -18.84
CA ARG D 117 48.85 -20.09 -19.65
C ARG D 117 49.65 -19.77 -20.92
N VAL D 118 49.60 -18.53 -21.40
CA VAL D 118 50.33 -18.15 -22.60
C VAL D 118 51.59 -17.34 -22.30
N MET D 119 51.91 -17.09 -21.03
CA MET D 119 53.14 -16.37 -20.70
C MET D 119 53.67 -16.87 -19.34
N GLY D 120 54.29 -18.05 -19.37
CA GLY D 120 55.02 -18.58 -18.24
C GLY D 120 54.32 -19.68 -17.48
N GLY D 121 53.07 -20.00 -17.82
CA GLY D 121 52.28 -20.92 -17.02
C GLY D 121 52.02 -22.28 -17.65
N ASN D 122 52.44 -22.48 -18.89
CA ASN D 122 52.23 -23.77 -19.56
C ASN D 122 53.23 -24.79 -19.06
N TYR D 123 52.80 -26.04 -18.95
CA TYR D 123 53.71 -27.11 -18.56
C TYR D 123 53.21 -28.44 -19.11
N ASP D 124 54.13 -29.41 -19.15
CA ASP D 124 53.88 -30.66 -19.86
C ASP D 124 52.70 -31.43 -19.27
N TYR D 125 52.52 -31.38 -17.95
CA TYR D 125 51.51 -32.22 -17.33
C TYR D 125 50.09 -31.76 -17.65
N ILE D 126 49.88 -30.45 -17.82
CA ILE D 126 48.54 -30.00 -18.14
C ILE D 126 48.22 -30.25 -19.60
N GLU D 127 49.20 -30.12 -20.49
CA GLU D 127 48.98 -30.46 -21.89
C GLU D 127 48.69 -31.94 -22.06
N ALA D 128 49.39 -32.78 -21.29
CA ALA D 128 49.19 -34.23 -21.40
C ALA D 128 47.84 -34.65 -20.85
N VAL D 129 47.39 -34.02 -19.76
CA VAL D 129 46.08 -34.35 -19.21
C VAL D 129 44.97 -33.89 -20.16
N GLU D 130 45.15 -32.72 -20.79
CA GLU D 130 44.18 -32.24 -21.77
C GLU D 130 44.03 -33.23 -22.92
N GLN D 131 45.15 -33.63 -23.52
CA GLN D 131 45.09 -34.54 -24.66
C GLN D 131 44.52 -35.89 -24.24
N GLU D 132 44.84 -36.34 -23.03
CA GLU D 132 44.24 -37.56 -22.49
C GLU D 132 42.72 -37.44 -22.47
N ILE D 133 42.21 -36.32 -21.96
CA ILE D 133 40.77 -36.11 -21.89
C ILE D 133 40.18 -35.97 -23.28
N ALA D 134 40.85 -35.20 -24.14
CA ALA D 134 40.39 -35.02 -25.52
C ALA D 134 40.30 -36.36 -26.23
N ASP D 135 41.26 -37.25 -26.00
CA ASP D 135 41.22 -38.58 -26.60
C ASP D 135 40.04 -39.39 -26.11
N PHE D 136 39.73 -39.28 -24.81
CA PHE D 136 38.64 -40.07 -24.22
C PHE D 136 37.28 -39.60 -24.71
N LEU D 137 37.10 -38.30 -24.92
CA LEU D 137 35.82 -37.75 -25.34
C LEU D 137 35.66 -37.61 -26.85
N GLY D 138 36.63 -38.10 -27.62
CA GLY D 138 36.51 -38.08 -29.06
C GLY D 138 36.77 -36.76 -29.72
N ALA D 139 37.49 -35.85 -29.07
CA ALA D 139 37.85 -34.55 -29.64
C ALA D 139 39.32 -34.56 -30.04
N GLU D 140 39.70 -33.55 -30.83
CA GLU D 140 41.08 -33.43 -31.27
C GLU D 140 41.95 -32.77 -30.22
N THR D 141 41.48 -31.69 -29.59
CA THR D 141 42.25 -30.96 -28.59
C THR D 141 41.33 -30.57 -27.44
N ALA D 142 41.95 -30.23 -26.31
CA ALA D 142 41.24 -29.74 -25.14
C ALA D 142 42.00 -28.57 -24.54
N LEU D 143 41.27 -27.68 -23.88
CA LEU D 143 41.85 -26.56 -23.17
C LEU D 143 41.20 -26.46 -21.80
N MET D 144 42.01 -26.35 -20.76
CA MET D 144 41.52 -26.49 -19.40
C MET D 144 41.29 -25.11 -18.79
N PHE D 145 40.17 -24.97 -18.10
CA PHE D 145 39.78 -23.72 -17.44
C PHE D 145 39.55 -23.97 -15.96
N ASN D 146 39.48 -22.87 -15.21
CA ASN D 146 39.19 -22.97 -13.78
C ASN D 146 37.78 -23.45 -13.50
N SER D 147 36.87 -23.33 -14.46
CA SER D 147 35.46 -23.62 -14.22
C SER D 147 34.74 -23.66 -15.56
N GLY D 148 33.52 -24.21 -15.54
CA GLY D 148 32.68 -24.17 -16.72
C GLY D 148 32.30 -22.77 -17.10
N SER D 149 32.02 -21.93 -16.10
CA SER D 149 31.69 -20.52 -16.34
C SER D 149 32.76 -19.84 -17.17
N ASN D 150 34.01 -19.90 -16.70
CA ASN D 150 35.11 -19.28 -17.45
C ASN D 150 35.31 -19.95 -18.80
N GLY D 151 34.99 -21.24 -18.90
CA GLY D 151 34.96 -21.87 -20.22
C GLY D 151 34.00 -21.17 -21.15
N ASN D 152 32.78 -20.91 -20.67
CA ASN D 152 31.79 -20.22 -21.50
C ASN D 152 32.22 -18.78 -21.76
N ILE D 153 32.72 -18.08 -20.74
CA ILE D 153 33.19 -16.71 -20.93
C ILE D 153 34.23 -16.65 -22.04
N ALA D 154 35.14 -17.63 -22.07
CA ALA D 154 36.19 -17.63 -23.08
C ALA D 154 35.63 -17.92 -24.47
N ILE D 155 34.72 -18.90 -24.58
CA ILE D 155 34.17 -19.28 -25.88
C ILE D 155 33.51 -18.08 -26.54
N TYR D 156 32.62 -17.41 -25.81
CA TYR D 156 31.78 -16.39 -26.43
C TYR D 156 32.43 -15.02 -26.49
N THR D 157 33.57 -14.82 -25.85
CA THR D 157 34.32 -13.59 -26.06
C THR D 157 35.41 -13.73 -27.11
N ALA D 158 35.81 -14.96 -27.45
CA ALA D 158 36.89 -15.18 -28.39
C ALA D 158 36.41 -15.68 -29.75
N ILE D 159 35.50 -16.64 -29.77
CA ILE D 159 35.15 -17.36 -31.00
C ILE D 159 34.24 -16.54 -31.93
N PRO D 160 33.19 -15.88 -31.45
CA PRO D 160 32.32 -15.14 -32.38
C PRO D 160 33.06 -13.98 -33.04
N ARG D 161 33.00 -13.94 -34.37
CA ARG D 161 33.59 -12.86 -35.14
C ARG D 161 32.56 -11.78 -35.43
N PRO D 162 32.99 -10.55 -35.70
CA PRO D 162 32.03 -9.54 -36.16
C PRO D 162 31.34 -9.99 -37.44
N GLY D 163 30.02 -9.82 -37.48
CA GLY D 163 29.22 -10.31 -38.57
C GLY D 163 28.67 -11.70 -38.36
N ASP D 164 29.22 -12.45 -37.41
CA ASP D 164 28.62 -13.73 -37.04
C ASP D 164 27.28 -13.48 -36.36
N ALA D 165 26.49 -14.55 -36.26
CA ALA D 165 25.24 -14.53 -35.52
C ALA D 165 25.25 -15.67 -34.51
N ILE D 166 24.74 -15.39 -33.31
CA ILE D 166 24.64 -16.40 -32.26
C ILE D 166 23.16 -16.68 -32.04
N VAL D 167 22.75 -17.92 -32.26
CA VAL D 167 21.40 -18.37 -32.02
C VAL D 167 21.45 -19.39 -30.89
N TYR D 168 20.78 -19.09 -29.78
CA TYR D 168 20.97 -19.84 -28.54
C TYR D 168 19.63 -20.20 -27.91
N ASP D 169 19.61 -21.36 -27.26
CA ASP D 169 18.47 -21.72 -26.44
C ASP D 169 18.31 -20.68 -25.33
N GLU D 170 17.07 -20.28 -25.07
CA GLU D 170 16.83 -19.17 -24.15
C GLU D 170 17.27 -19.50 -22.73
N LEU D 171 17.44 -20.78 -22.39
CA LEU D 171 17.83 -21.21 -21.05
C LEU D 171 19.29 -21.64 -20.98
N VAL D 172 20.14 -21.13 -21.87
CA VAL D 172 21.58 -21.38 -21.71
C VAL D 172 22.06 -20.75 -20.41
N HIS D 173 23.25 -21.16 -19.99
CA HIS D 173 23.71 -20.82 -18.65
C HIS D 173 24.07 -19.34 -18.54
N PHE D 174 24.03 -18.84 -17.30
CA PHE D 174 24.36 -17.45 -17.01
C PHE D 174 25.68 -17.04 -17.63
N SER D 175 26.70 -17.88 -17.49
CA SER D 175 28.01 -17.56 -18.04
C SER D 175 27.96 -17.44 -19.56
N THR D 176 27.11 -18.25 -20.22
CA THR D 176 26.90 -18.10 -21.65
C THR D 176 26.28 -16.75 -21.97
N HIS D 177 25.28 -16.34 -21.19
CA HIS D 177 24.66 -15.03 -21.38
C HIS D 177 25.67 -13.92 -21.16
N THR D 178 26.54 -14.07 -20.15
CA THR D 178 27.56 -13.06 -19.91
C THR D 178 28.60 -13.03 -21.02
N GLY D 179 28.96 -14.20 -21.55
CA GLY D 179 29.91 -14.23 -22.66
C GLY D 179 29.34 -13.61 -23.92
N MET D 180 28.10 -13.96 -24.25
CA MET D 180 27.47 -13.42 -25.45
C MET D 180 27.29 -11.90 -25.37
N ALA D 181 26.96 -11.38 -24.19
CA ALA D 181 26.78 -9.95 -24.05
C ALA D 181 28.09 -9.21 -24.31
N ALA D 182 29.20 -9.82 -23.92
CA ALA D 182 30.52 -9.23 -24.12
C ALA D 182 31.16 -9.64 -25.45
N SER D 183 30.38 -10.23 -26.35
CA SER D 183 30.92 -10.80 -27.57
C SER D 183 31.16 -9.72 -28.63
N LEU D 184 31.92 -10.10 -29.66
CA LEU D 184 32.07 -9.24 -30.83
C LEU D 184 30.90 -9.39 -31.79
N ALA D 185 30.13 -10.47 -31.68
CA ALA D 185 28.99 -10.66 -32.56
C ALA D 185 27.91 -9.62 -32.29
N THR D 186 27.34 -9.09 -33.37
CA THR D 186 26.33 -8.04 -33.26
C THR D 186 24.91 -8.59 -33.24
N THR D 187 24.70 -9.81 -33.73
CA THR D 187 23.37 -10.41 -33.81
C THR D 187 23.32 -11.64 -32.90
N LYS D 188 22.51 -11.54 -31.83
CA LYS D 188 22.25 -12.66 -30.94
C LYS D 188 20.75 -12.79 -30.77
N VAL D 189 20.20 -13.95 -31.11
CA VAL D 189 18.76 -14.18 -31.06
C VAL D 189 18.49 -15.48 -30.32
N ALA D 190 17.66 -15.40 -29.28
CA ALA D 190 17.24 -16.57 -28.52
C ALA D 190 16.16 -17.34 -29.28
N PHE D 191 15.91 -18.57 -28.83
CA PHE D 191 14.75 -19.31 -29.30
C PHE D 191 14.11 -20.03 -28.13
N ARG D 192 12.79 -20.20 -28.22
CA ARG D 192 12.04 -20.87 -27.15
C ARG D 192 12.65 -22.23 -26.84
N HIS D 193 12.65 -22.57 -25.55
CA HIS D 193 13.45 -23.68 -25.05
C HIS D 193 13.13 -24.99 -25.76
N ASN D 194 14.18 -25.62 -26.30
CA ASN D 194 14.13 -26.96 -26.87
C ASN D 194 13.09 -27.10 -27.98
N ASP D 195 12.69 -25.97 -28.58
CA ASP D 195 11.61 -25.97 -29.57
C ASP D 195 12.23 -26.02 -30.95
N LEU D 196 12.11 -27.17 -31.62
CA LEU D 196 12.69 -27.33 -32.94
C LEU D 196 12.06 -26.39 -33.96
N ASP D 197 10.78 -26.05 -33.76
CA ASP D 197 10.13 -25.08 -34.66
C ASP D 197 10.73 -23.70 -34.49
N ALA D 198 10.76 -23.20 -33.25
CA ALA D 198 11.29 -21.86 -32.99
C ALA D 198 12.76 -21.77 -33.38
N PHE D 199 13.53 -22.85 -33.17
CA PHE D 199 14.91 -22.84 -33.61
C PHE D 199 15.02 -22.74 -35.12
N ARG D 200 14.09 -23.37 -35.84
CA ARG D 200 14.02 -23.18 -37.28
C ARG D 200 13.71 -21.72 -37.62
N GLU D 201 12.70 -21.15 -36.96
CA GLU D 201 12.33 -19.76 -37.22
C GLU D 201 13.49 -18.83 -36.89
N ALA D 202 14.22 -19.10 -35.80
CA ALA D 202 15.38 -18.27 -35.48
C ALA D 202 16.46 -18.40 -36.55
N MET D 203 16.70 -19.62 -37.04
CA MET D 203 17.75 -19.82 -38.03
C MET D 203 17.44 -19.10 -39.33
N SER D 204 16.23 -19.30 -39.87
CA SER D 204 15.95 -18.80 -41.21
C SER D 204 15.68 -17.30 -41.22
N SER D 205 15.03 -16.77 -40.18
CA SER D 205 14.85 -15.33 -40.10
C SER D 205 16.18 -14.60 -39.90
N THR D 206 17.14 -15.26 -39.26
CA THR D 206 18.47 -14.67 -39.11
C THR D 206 19.24 -14.72 -40.42
N MET D 207 19.10 -15.82 -41.17
CA MET D 207 19.76 -15.93 -42.47
C MET D 207 19.24 -14.87 -43.44
N ASP D 208 17.92 -14.71 -43.49
CA ASP D 208 17.31 -13.87 -44.53
C ASP D 208 17.69 -12.40 -44.36
N SER D 209 17.89 -11.93 -43.13
CA SER D 209 18.18 -10.51 -42.90
C SER D 209 19.66 -10.20 -42.84
N HIS D 210 20.53 -11.20 -42.98
CA HIS D 210 21.98 -10.99 -42.96
C HIS D 210 22.58 -11.46 -44.27
N PRO D 211 22.90 -10.55 -45.20
CA PRO D 211 23.48 -10.99 -46.48
C PRO D 211 24.83 -11.68 -46.32
N MET D 212 25.57 -11.35 -45.26
CA MET D 212 26.86 -12.00 -45.04
C MET D 212 26.73 -13.45 -44.60
N LEU D 213 25.60 -13.83 -44.02
CA LEU D 213 25.33 -15.24 -43.79
C LEU D 213 24.83 -15.93 -45.05
N GLN D 214 24.16 -15.18 -45.93
CA GLN D 214 23.59 -15.78 -47.14
C GLN D 214 24.68 -16.16 -48.13
N ASP D 215 25.74 -15.34 -48.24
CA ASP D 215 26.83 -15.63 -49.15
C ASP D 215 27.98 -16.36 -48.46
N GLY D 216 27.79 -16.78 -47.21
CA GLY D 216 28.76 -17.63 -46.54
C GLY D 216 30.05 -16.97 -46.14
N SER D 217 30.06 -15.65 -45.95
CA SER D 217 31.25 -14.97 -45.46
C SER D 217 31.32 -14.90 -43.94
N ARG D 218 30.21 -15.15 -43.25
CA ARG D 218 30.18 -15.27 -41.79
C ARG D 218 29.37 -16.50 -41.43
N SER D 219 29.37 -16.84 -40.14
CA SER D 219 28.80 -18.08 -39.66
C SER D 219 27.70 -17.82 -38.62
N ILE D 220 26.81 -18.79 -38.48
CA ILE D 220 25.84 -18.83 -37.38
C ILE D 220 26.35 -19.81 -36.34
N LEU D 221 26.46 -19.35 -35.11
CA LEU D 221 26.90 -20.18 -34.00
C LEU D 221 25.69 -20.55 -33.15
N VAL D 222 25.38 -21.84 -33.08
CA VAL D 222 24.24 -22.34 -32.30
C VAL D 222 24.75 -22.76 -30.93
N SER D 223 24.08 -22.27 -29.88
CA SER D 223 24.50 -22.47 -28.50
C SER D 223 23.40 -23.20 -27.74
N VAL D 224 23.72 -24.41 -27.24
CA VAL D 224 22.76 -25.23 -26.52
C VAL D 224 23.47 -25.90 -25.34
N GLU D 225 22.67 -26.37 -24.40
CA GLU D 225 23.14 -27.26 -23.35
C GLU D 225 22.72 -28.69 -23.70
N SER D 226 23.56 -29.65 -23.29
CA SER D 226 23.21 -31.05 -23.52
C SER D 226 22.09 -31.50 -22.57
N VAL D 227 22.22 -31.17 -21.30
CA VAL D 227 21.19 -31.41 -20.29
C VAL D 227 20.98 -30.10 -19.54
N TYR D 228 19.72 -29.71 -19.39
CA TYR D 228 19.41 -28.38 -18.86
C TYR D 228 19.29 -28.43 -17.34
N SER D 229 20.05 -27.58 -16.67
CA SER D 229 20.25 -27.71 -15.23
C SER D 229 18.95 -27.57 -14.47
N MET D 230 18.04 -26.71 -14.94
CA MET D 230 16.84 -26.39 -14.20
C MET D 230 15.57 -26.97 -14.81
N ASP D 231 15.67 -27.66 -15.94
CA ASP D 231 14.53 -28.33 -16.56
C ASP D 231 14.66 -29.84 -16.60
N GLY D 232 15.86 -30.36 -16.83
CA GLY D 232 16.09 -31.79 -16.84
C GLY D 232 15.85 -32.48 -18.16
N ASP D 233 15.74 -31.72 -19.25
CA ASP D 233 15.46 -32.27 -20.57
C ASP D 233 16.72 -32.23 -21.43
N VAL D 234 16.62 -32.85 -22.60
CA VAL D 234 17.77 -33.15 -23.45
C VAL D 234 17.64 -32.41 -24.77
N CYS D 235 18.71 -31.76 -25.19
CA CYS D 235 18.73 -31.08 -26.49
C CYS D 235 18.62 -32.10 -27.62
N PRO D 236 17.66 -31.95 -28.53
CA PRO D 236 17.55 -32.86 -29.69
C PRO D 236 18.58 -32.51 -30.77
N LEU D 237 19.83 -32.92 -30.51
CA LEU D 237 20.96 -32.40 -31.27
C LEU D 237 20.97 -32.89 -32.71
N VAL D 238 20.63 -34.15 -32.94
CA VAL D 238 20.59 -34.67 -34.30
C VAL D 238 19.61 -33.88 -35.14
N GLU D 239 18.44 -33.58 -34.58
CA GLU D 239 17.41 -32.85 -35.29
C GLU D 239 17.83 -31.40 -35.52
N MET D 240 18.41 -30.75 -34.50
CA MET D 240 18.91 -29.40 -34.68
C MET D 240 19.99 -29.35 -35.75
N LEU D 241 20.89 -30.34 -35.76
CA LEU D 241 21.93 -30.38 -36.78
C LEU D 241 21.33 -30.53 -38.18
N GLU D 242 20.24 -31.30 -38.30
CA GLU D 242 19.60 -31.43 -39.60
C GLU D 242 18.93 -30.12 -40.01
N ILE D 243 18.30 -29.42 -39.07
CA ILE D 243 17.71 -28.12 -39.38
C ILE D 243 18.80 -27.15 -39.82
N ALA D 244 19.92 -27.13 -39.09
CA ALA D 244 21.01 -26.22 -39.40
C ALA D 244 21.52 -26.43 -40.82
N ARG D 245 21.82 -27.69 -41.17
CA ARG D 245 22.31 -27.98 -42.52
C ARG D 245 21.30 -27.58 -43.58
N GLU D 246 20.00 -27.72 -43.28
CA GLU D 246 18.98 -27.37 -44.25
C GLU D 246 18.91 -25.86 -44.46
N ILE D 247 19.07 -25.09 -43.39
CA ILE D 247 18.95 -23.65 -43.51
C ILE D 247 20.22 -23.05 -44.12
N CYS D 248 21.39 -23.53 -43.70
CA CYS D 248 22.68 -23.01 -44.15
C CYS D 248 23.37 -24.00 -45.07
N PRO D 249 22.96 -24.10 -46.34
CA PRO D 249 23.50 -25.18 -47.19
C PRO D 249 24.97 -25.03 -47.51
N LYS D 250 25.55 -23.85 -47.31
CA LYS D 250 26.98 -23.63 -47.52
C LYS D 250 27.82 -24.07 -46.33
N GLY D 251 27.19 -24.64 -45.30
CA GLY D 251 27.91 -25.18 -44.16
C GLY D 251 28.43 -24.15 -43.18
N ASN D 252 28.04 -22.89 -43.31
CA ASN D 252 28.58 -21.82 -42.48
C ASN D 252 27.85 -21.73 -41.14
N PHE D 253 27.91 -22.83 -40.39
CA PHE D 253 27.36 -22.90 -39.06
C PHE D 253 28.30 -23.70 -38.17
N ALA D 254 28.17 -23.50 -36.85
CA ALA D 254 28.96 -24.24 -35.89
C ALA D 254 28.19 -24.33 -34.59
N PHE D 255 28.19 -25.52 -33.99
CA PHE D 255 27.47 -25.76 -32.74
C PHE D 255 28.41 -25.66 -31.54
N ILE D 256 27.84 -25.27 -30.42
CA ILE D 256 28.56 -25.16 -29.15
C ILE D 256 27.68 -25.84 -28.10
N ALA D 257 28.14 -26.96 -27.57
CA ALA D 257 27.35 -27.81 -26.68
C ALA D 257 27.94 -27.79 -25.28
N ASP D 258 27.19 -27.20 -24.35
CA ASP D 258 27.55 -27.16 -22.93
C ASP D 258 27.03 -28.45 -22.29
N GLU D 259 27.94 -29.40 -22.04
CA GLU D 259 27.60 -30.69 -21.44
C GLU D 259 27.80 -30.69 -19.93
N ALA D 260 27.56 -29.57 -19.26
CA ALA D 260 27.81 -29.46 -17.83
C ALA D 260 27.14 -30.59 -17.05
N HIS D 261 25.85 -30.82 -17.28
CA HIS D 261 25.11 -31.86 -16.57
C HIS D 261 24.99 -33.15 -17.38
N ALA D 262 25.78 -33.31 -18.43
CA ALA D 262 25.80 -34.54 -19.21
C ALA D 262 27.01 -35.42 -18.90
N THR D 263 28.17 -34.81 -18.69
CA THR D 263 29.39 -35.57 -18.44
C THR D 263 29.23 -36.45 -17.20
N GLY D 264 29.63 -37.71 -17.34
CA GLY D 264 29.54 -38.67 -16.26
C GLY D 264 28.19 -39.31 -16.07
N VAL D 265 27.13 -38.73 -16.64
CA VAL D 265 25.78 -39.25 -16.52
C VAL D 265 25.37 -40.03 -17.75
N VAL D 266 25.78 -39.56 -18.93
CA VAL D 266 25.25 -40.03 -20.21
C VAL D 266 26.38 -40.62 -21.03
N GLY D 267 26.09 -41.75 -21.68
CA GLY D 267 27.02 -42.35 -22.61
C GLY D 267 27.91 -43.40 -22.00
N PRO D 268 28.56 -44.19 -22.85
CA PRO D 268 29.45 -45.26 -22.35
C PRO D 268 30.61 -44.66 -21.56
N ARG D 269 30.68 -45.02 -20.29
CA ARG D 269 31.72 -44.54 -19.37
C ARG D 269 31.65 -43.02 -19.19
N GLY D 270 30.46 -42.46 -19.32
CA GLY D 270 30.21 -41.07 -18.95
C GLY D 270 30.67 -40.03 -19.95
N VAL D 271 30.84 -40.39 -21.22
CA VAL D 271 31.43 -39.48 -22.20
C VAL D 271 30.55 -38.30 -22.55
N GLY D 272 29.26 -38.33 -22.22
CA GLY D 272 28.37 -37.22 -22.51
C GLY D 272 27.46 -37.52 -23.70
N LEU D 273 26.61 -36.55 -24.00
CA LEU D 273 25.59 -36.73 -25.04
C LEU D 273 26.18 -36.60 -26.44
N VAL D 274 27.18 -35.74 -26.64
CA VAL D 274 27.71 -35.52 -27.98
C VAL D 274 28.39 -36.79 -28.50
N LYS D 275 29.22 -37.43 -27.67
CA LYS D 275 29.83 -38.68 -28.11
C LYS D 275 28.82 -39.82 -28.14
N LEU D 276 27.86 -39.83 -27.23
CA LEU D 276 26.82 -40.86 -27.26
C LEU D 276 26.11 -40.89 -28.60
N LEU D 277 25.87 -39.72 -29.19
CA LEU D 277 25.22 -39.62 -30.49
C LEU D 277 26.20 -39.66 -31.65
N GLY D 278 27.50 -39.79 -31.37
CA GLY D 278 28.49 -39.82 -32.43
C GLY D 278 28.61 -38.54 -33.21
N LEU D 279 28.32 -37.40 -32.58
CA LEU D 279 28.38 -36.09 -33.23
C LEU D 279 29.72 -35.40 -33.00
N GLU D 280 30.73 -36.12 -32.51
CA GLU D 280 32.00 -35.52 -32.13
C GLU D 280 32.66 -34.77 -33.28
N ASN D 281 32.36 -35.13 -34.53
CA ASN D 281 32.86 -34.40 -35.68
C ASN D 281 31.88 -33.36 -36.20
N GLU D 282 30.64 -33.36 -35.70
CA GLU D 282 29.61 -32.43 -36.17
C GLU D 282 29.44 -31.22 -35.27
N VAL D 283 29.83 -31.31 -34.00
CA VAL D 283 29.73 -30.21 -33.05
C VAL D 283 31.11 -29.58 -32.92
N ALA D 284 31.21 -28.30 -33.27
CA ALA D 284 32.52 -27.67 -33.38
C ALA D 284 33.16 -27.44 -32.02
N ILE D 285 32.36 -27.05 -31.02
CA ILE D 285 32.87 -26.68 -29.71
C ILE D 285 32.05 -27.39 -28.64
N ARG D 286 32.74 -28.02 -27.68
CA ARG D 286 32.09 -28.72 -26.58
C ARG D 286 32.73 -28.30 -25.27
N LEU D 287 31.90 -27.97 -24.28
CA LEU D 287 32.34 -27.68 -22.93
C LEU D 287 31.96 -28.85 -22.03
N ASN D 288 32.93 -29.41 -21.32
CA ASN D 288 32.69 -30.44 -20.32
C ASN D 288 33.24 -29.94 -18.99
N THR D 289 32.39 -29.95 -17.96
CA THR D 289 32.73 -29.40 -16.66
C THR D 289 32.96 -30.51 -15.65
N CYS D 290 33.68 -30.16 -14.58
CA CYS D 290 34.01 -31.11 -13.51
C CYS D 290 33.28 -30.81 -12.21
N GLY D 291 32.31 -29.91 -12.23
CA GLY D 291 31.66 -29.46 -11.02
C GLY D 291 30.49 -30.29 -10.54
N LYS D 292 30.05 -31.27 -11.32
CA LYS D 292 28.89 -32.08 -10.93
C LYS D 292 29.29 -33.54 -10.76
N ALA D 293 29.16 -34.35 -11.82
CA ALA D 293 29.46 -35.77 -11.71
C ALA D 293 30.91 -36.02 -11.36
N LEU D 294 31.83 -35.19 -11.85
CA LEU D 294 33.25 -35.41 -11.60
C LEU D 294 33.69 -34.90 -10.24
N ALA D 295 32.78 -34.27 -9.49
CA ALA D 295 32.94 -34.04 -8.06
C ALA D 295 34.16 -33.19 -7.71
N CYS D 296 34.54 -32.25 -8.57
CA CYS D 296 35.54 -31.25 -8.20
C CYS D 296 35.21 -29.90 -8.84
N THR D 297 36.21 -29.22 -9.40
CA THR D 297 36.00 -28.01 -10.17
C THR D 297 36.85 -28.07 -11.45
N GLY D 298 36.52 -27.19 -12.38
CA GLY D 298 37.24 -27.07 -13.62
C GLY D 298 36.36 -27.37 -14.81
N SER D 299 36.98 -27.26 -16.00
CA SER D 299 36.31 -27.59 -17.24
C SER D 299 37.36 -27.71 -18.34
N VAL D 300 36.96 -28.35 -19.44
CA VAL D 300 37.73 -28.38 -20.67
C VAL D 300 36.83 -27.97 -21.83
N VAL D 301 37.37 -27.19 -22.74
CA VAL D 301 36.71 -26.87 -24.00
C VAL D 301 37.33 -27.73 -25.08
N LEU D 302 36.50 -28.39 -25.87
CA LEU D 302 36.94 -29.33 -26.89
C LEU D 302 36.76 -28.73 -28.29
N GLY D 303 37.71 -29.02 -29.17
CA GLY D 303 37.66 -28.51 -30.53
C GLY D 303 38.96 -28.85 -31.22
N ASN D 304 39.08 -28.37 -32.47
CA ASN D 304 40.33 -28.58 -33.18
C ASN D 304 41.35 -27.53 -32.74
N ALA D 305 42.54 -27.59 -33.34
CA ALA D 305 43.63 -26.72 -32.92
C ALA D 305 43.37 -25.25 -33.23
N THR D 306 42.48 -24.95 -34.19
CA THR D 306 42.18 -23.57 -34.52
C THR D 306 41.30 -22.92 -33.46
N VAL D 307 40.31 -23.65 -32.94
CA VAL D 307 39.51 -23.16 -31.82
C VAL D 307 40.38 -22.93 -30.60
N ARG D 308 41.29 -23.86 -30.31
CA ARG D 308 42.11 -23.77 -29.12
C ARG D 308 43.05 -22.57 -29.18
N ASN D 309 43.66 -22.34 -30.34
CA ASN D 309 44.52 -21.17 -30.48
C ASN D 309 43.71 -19.87 -30.46
N MET D 310 42.44 -19.93 -30.86
CA MET D 310 41.60 -18.74 -30.80
C MET D 310 41.33 -18.33 -29.36
N LEU D 311 41.14 -19.31 -28.47
CA LEU D 311 40.92 -19.02 -27.06
C LEU D 311 42.18 -18.48 -26.41
N LEU D 312 43.33 -19.07 -26.71
CA LEU D 312 44.59 -18.61 -26.13
C LEU D 312 44.98 -17.21 -26.58
N ASN D 313 44.37 -16.71 -27.66
CA ASN D 313 44.77 -15.44 -28.24
C ASN D 313 43.71 -14.34 -28.13
N TYR D 314 42.43 -14.70 -28.06
CA TYR D 314 41.37 -13.70 -28.04
C TYR D 314 40.44 -13.79 -26.86
N ALA D 315 40.61 -14.78 -25.97
CA ALA D 315 39.83 -14.85 -24.73
C ALA D 315 40.66 -14.15 -23.66
N GLY D 316 40.49 -12.83 -23.55
CA GLY D 316 41.28 -12.06 -22.62
C GLY D 316 41.16 -12.52 -21.18
N SER D 317 40.02 -13.12 -20.83
CA SER D 317 39.83 -13.64 -19.48
C SER D 317 40.82 -14.76 -19.19
N LEU D 318 41.07 -15.62 -20.17
CA LEU D 318 42.09 -16.67 -20.03
C LEU D 318 43.49 -16.09 -20.05
N VAL D 319 43.72 -15.09 -20.92
CA VAL D 319 45.06 -14.54 -21.09
C VAL D 319 45.55 -13.86 -19.81
N ASN D 320 44.64 -13.30 -19.01
CA ASN D 320 45.00 -12.50 -17.85
C ASN D 320 44.69 -13.20 -16.53
N THR D 321 44.73 -14.54 -16.50
CA THR D 321 44.55 -15.27 -15.26
C THR D 321 45.62 -16.35 -15.14
N THR D 322 45.97 -16.66 -13.89
CA THR D 322 47.01 -17.65 -13.63
C THR D 322 46.56 -19.04 -14.07
N ALA D 323 47.49 -19.80 -14.63
CA ALA D 323 47.17 -21.12 -15.15
C ALA D 323 46.93 -22.11 -14.02
N PRO D 324 46.16 -23.17 -14.27
CA PRO D 324 45.85 -24.15 -13.22
C PRO D 324 47.08 -24.73 -12.55
N SER D 325 47.02 -24.86 -11.23
CA SER D 325 48.09 -25.48 -10.46
C SER D 325 48.07 -26.99 -10.66
N PHE D 326 49.18 -27.63 -10.31
CA PHE D 326 49.30 -29.07 -10.48
C PHE D 326 48.22 -29.85 -9.75
N PRO D 327 47.91 -29.59 -8.46
CA PRO D 327 46.84 -30.35 -7.82
C PRO D 327 45.50 -30.19 -8.51
N SER D 328 45.22 -28.99 -9.03
CA SER D 328 43.96 -28.76 -9.74
C SER D 328 43.84 -29.63 -10.98
N VAL D 329 44.92 -29.70 -11.77
CA VAL D 329 44.91 -30.60 -12.93
C VAL D 329 44.81 -32.04 -12.46
N ALA D 330 45.45 -32.37 -11.34
CA ALA D 330 45.55 -33.76 -10.92
C ALA D 330 44.19 -34.33 -10.53
N VAL D 331 43.35 -33.52 -9.88
CA VAL D 331 42.05 -34.03 -9.47
C VAL D 331 41.16 -34.25 -10.69
N ILE D 332 41.28 -33.39 -11.70
CA ILE D 332 40.54 -33.59 -12.93
C ILE D 332 40.94 -34.90 -13.60
N ARG D 333 42.25 -35.14 -13.69
CA ARG D 333 42.71 -36.38 -14.32
C ARG D 333 42.24 -37.59 -13.54
N ALA D 334 42.21 -37.49 -12.21
CA ALA D 334 41.75 -38.61 -11.39
C ALA D 334 40.29 -38.93 -11.67
N ALA D 335 39.47 -37.90 -11.91
CA ALA D 335 38.05 -38.13 -12.18
C ALA D 335 37.84 -38.81 -13.53
N TYR D 336 38.56 -38.37 -14.55
CA TYR D 336 38.44 -39.02 -15.86
C TYR D 336 39.01 -40.43 -15.81
N ASN D 337 40.04 -40.65 -14.99
CA ASN D 337 40.53 -42.01 -14.75
C ASN D 337 39.41 -42.91 -14.27
N LEU D 338 38.67 -42.47 -13.25
CA LEU D 338 37.55 -43.27 -12.74
C LEU D 338 36.52 -43.52 -13.82
N MET D 339 36.24 -42.52 -14.65
CA MET D 339 35.34 -42.71 -15.78
C MET D 339 35.92 -43.69 -16.80
N ARG D 340 37.12 -43.40 -17.29
CA ARG D 340 37.62 -44.12 -18.46
C ARG D 340 38.06 -45.54 -18.12
N THR D 341 38.40 -45.84 -16.86
CA THR D 341 38.65 -47.22 -16.49
C THR D 341 37.39 -47.99 -16.15
N GLY D 342 36.24 -47.32 -16.14
CA GLY D 342 34.98 -47.97 -15.88
C GLY D 342 34.54 -47.98 -14.42
N ALA D 343 35.25 -47.26 -13.55
CA ALA D 343 34.92 -47.29 -12.13
C ALA D 343 33.61 -46.59 -11.80
N THR D 344 33.09 -45.78 -12.71
CA THR D 344 31.84 -45.06 -12.49
C THR D 344 30.65 -45.74 -13.15
N GLN D 345 30.85 -46.87 -13.84
CA GLN D 345 29.78 -47.44 -14.64
C GLN D 345 28.63 -47.94 -13.77
N LYS D 346 28.94 -48.52 -12.61
CA LYS D 346 27.87 -49.01 -11.73
C LYS D 346 27.08 -47.86 -11.13
N ALA D 347 27.77 -46.81 -10.67
CA ALA D 347 27.09 -45.62 -10.18
C ALA D 347 26.27 -44.95 -11.28
N GLN D 348 26.77 -44.99 -12.52
CA GLN D 348 26.08 -44.33 -13.62
C GLN D 348 24.76 -45.02 -13.94
N ASP D 349 24.70 -46.35 -13.80
CA ASP D 349 23.45 -47.06 -14.05
C ASP D 349 22.48 -46.96 -12.89
N ASN D 350 22.99 -46.80 -11.66
CA ASN D 350 22.08 -46.68 -10.52
C ASN D 350 21.33 -45.36 -10.54
N ILE D 351 21.91 -44.31 -11.14
CA ILE D 351 21.16 -43.09 -11.39
C ILE D 351 19.96 -43.40 -12.27
N GLN D 352 20.20 -44.04 -13.42
CA GLN D 352 19.13 -44.45 -14.32
C GLN D 352 18.08 -45.26 -13.57
N HIS D 353 18.53 -46.19 -12.73
CA HIS D 353 17.61 -47.04 -11.99
C HIS D 353 16.77 -46.22 -11.01
N LEU D 354 17.42 -45.37 -10.21
CA LEU D 354 16.70 -44.63 -9.18
C LEU D 354 15.79 -43.56 -9.77
N VAL D 355 16.15 -42.98 -10.91
CA VAL D 355 15.27 -41.99 -11.54
C VAL D 355 14.04 -42.67 -12.13
N LYS D 356 14.23 -43.81 -12.81
CA LYS D 356 13.09 -44.58 -13.28
C LYS D 356 12.26 -45.07 -12.11
N TYR D 357 12.91 -45.57 -11.06
CA TYR D 357 12.20 -46.05 -9.89
C TYR D 357 11.35 -44.95 -9.26
N PHE D 358 11.87 -43.73 -9.20
CA PHE D 358 11.06 -42.61 -8.72
C PHE D 358 9.93 -42.30 -9.69
N PHE D 359 10.25 -42.25 -10.99
CA PHE D 359 9.24 -41.96 -11.99
C PHE D 359 8.10 -42.96 -11.94
N GLU D 360 8.41 -44.25 -11.78
CA GLU D 360 7.37 -45.26 -11.69
C GLU D 360 6.55 -45.10 -10.42
N SER D 361 7.19 -44.72 -9.31
CA SER D 361 6.52 -44.72 -8.02
C SER D 361 5.58 -43.54 -7.84
N ILE D 362 5.95 -42.36 -8.33
CA ILE D 362 5.10 -41.19 -8.12
C ILE D 362 3.95 -41.17 -9.12
N THR D 363 4.15 -41.72 -10.31
CA THR D 363 3.07 -41.81 -11.30
C THR D 363 2.19 -43.03 -11.08
N SER D 364 2.50 -43.87 -10.09
CA SER D 364 1.66 -45.01 -9.75
C SER D 364 0.93 -44.82 -8.42
N SER D 365 1.22 -43.75 -7.68
CA SER D 365 0.49 -43.49 -6.45
C SER D 365 -0.91 -42.98 -6.77
N ASN D 366 -1.82 -43.17 -5.80
CA ASN D 366 -3.24 -42.96 -6.05
C ASN D 366 -3.54 -41.51 -6.44
N ILE D 367 -2.83 -40.55 -5.84
CA ILE D 367 -3.22 -39.15 -5.98
C ILE D 367 -2.55 -38.43 -7.16
N TRP D 368 -1.66 -39.10 -7.89
CA TRP D 368 -0.91 -38.42 -8.94
C TRP D 368 -1.83 -37.85 -10.01
N ASP D 369 -2.94 -38.53 -10.31
CA ASP D 369 -3.81 -38.07 -11.38
C ASP D 369 -4.58 -36.81 -10.99
N LYS D 370 -5.24 -36.83 -9.83
CA LYS D 370 -5.96 -35.63 -9.39
C LYS D 370 -5.00 -34.47 -9.14
N ALA D 371 -3.81 -34.76 -8.60
CA ALA D 371 -2.85 -33.70 -8.34
C ALA D 371 -2.29 -33.11 -9.63
N THR D 372 -2.28 -33.88 -10.72
CA THR D 372 -1.76 -33.40 -11.98
C THR D 372 -2.79 -32.58 -12.76
N ASP D 373 -4.07 -32.94 -12.65
CA ASP D 373 -5.11 -32.11 -13.26
C ASP D 373 -5.27 -30.79 -12.52
N LEU D 374 -5.50 -30.85 -11.20
CA LEU D 374 -5.63 -29.65 -10.39
C LEU D 374 -4.42 -28.72 -10.51
N GLY D 375 -3.28 -29.24 -10.95
CA GLY D 375 -2.07 -28.45 -10.94
C GLY D 375 -1.42 -28.32 -9.59
N ILE D 376 -1.66 -29.30 -8.71
CA ILE D 376 -1.04 -29.30 -7.39
C ILE D 376 0.42 -29.76 -7.48
N LEU D 377 0.70 -30.74 -8.34
CA LEU D 377 2.05 -31.20 -8.61
C LEU D 377 2.22 -31.37 -10.10
N SER D 378 3.39 -30.97 -10.61
CA SER D 378 3.71 -31.14 -12.02
C SER D 378 5.18 -31.51 -12.15
N ILE D 379 5.43 -32.72 -12.63
CA ILE D 379 6.79 -33.18 -12.90
C ILE D 379 6.90 -33.53 -14.37
N PRO D 380 7.21 -32.56 -15.24
CA PRO D 380 7.15 -32.82 -16.69
C PRO D 380 8.18 -33.82 -17.17
N VAL D 381 9.34 -33.92 -16.50
CA VAL D 381 10.33 -34.91 -16.91
C VAL D 381 9.85 -36.33 -16.63
N ALA D 382 8.91 -36.51 -15.70
CA ALA D 382 8.42 -37.83 -15.34
C ALA D 382 7.42 -38.39 -16.34
N GLU D 383 6.91 -37.58 -17.26
CA GLU D 383 5.96 -38.03 -18.27
C GLU D 383 6.71 -38.39 -19.54
N ASP D 384 6.27 -39.48 -20.18
CA ASP D 384 6.89 -40.03 -21.38
C ASP D 384 8.32 -40.49 -21.14
N TYR D 385 8.70 -40.74 -19.89
CA TYR D 385 10.08 -41.09 -19.60
C TYR D 385 10.48 -42.41 -20.26
N GLU D 386 9.52 -43.33 -20.41
CA GLU D 386 9.84 -44.66 -20.91
C GLU D 386 10.21 -44.66 -22.38
N SER D 387 9.83 -43.62 -23.13
CA SER D 387 10.16 -43.55 -24.55
C SER D 387 11.54 -42.99 -24.82
N LEU D 388 12.25 -42.52 -23.79
CA LEU D 388 13.58 -41.98 -23.96
C LEU D 388 14.63 -43.08 -23.83
N ASP D 389 15.77 -42.86 -24.51
CA ASP D 389 16.88 -43.81 -24.43
C ASP D 389 17.53 -43.82 -23.05
N PHE D 390 17.29 -42.79 -22.26
CA PHE D 390 17.87 -42.65 -20.92
C PHE D 390 17.14 -41.51 -20.22
N VAL D 391 17.30 -41.45 -18.90
CA VAL D 391 16.73 -40.39 -18.08
C VAL D 391 17.87 -39.55 -17.51
N THR D 392 17.50 -38.39 -16.96
CA THR D 392 18.46 -37.48 -16.36
C THR D 392 18.23 -37.38 -14.86
N HIS D 393 19.29 -36.99 -14.15
CA HIS D 393 19.27 -36.85 -12.71
C HIS D 393 18.47 -35.66 -12.22
N ILE D 394 18.01 -34.80 -13.12
CA ILE D 394 17.40 -33.53 -12.76
C ILE D 394 15.89 -33.68 -12.82
N VAL D 395 15.23 -33.45 -11.70
CA VAL D 395 13.78 -33.61 -11.59
C VAL D 395 13.20 -32.35 -10.94
N PRO D 396 12.87 -31.30 -11.70
CA PRO D 396 12.16 -30.17 -11.12
C PRO D 396 10.71 -30.54 -10.81
N ILE D 397 10.27 -30.21 -9.61
CA ILE D 397 8.90 -30.46 -9.17
C ILE D 397 8.19 -29.12 -9.05
N TRP D 398 7.12 -28.97 -9.82
CA TRP D 398 6.33 -27.74 -9.83
C TRP D 398 5.04 -27.93 -9.04
N THR D 399 4.60 -26.84 -8.41
CA THR D 399 3.30 -26.80 -7.78
C THR D 399 2.63 -25.51 -8.23
N ARG D 400 1.63 -25.06 -7.48
CA ARG D 400 1.10 -23.72 -7.72
C ARG D 400 2.12 -22.69 -7.21
N GLN D 401 2.20 -21.57 -7.92
CA GLN D 401 3.22 -20.57 -7.60
C GLN D 401 3.05 -20.04 -6.18
N LYS D 402 1.80 -19.88 -5.73
CA LYS D 402 1.55 -19.46 -4.36
C LYS D 402 1.74 -20.60 -3.35
N TYR D 403 2.10 -21.80 -3.80
CA TYR D 403 2.39 -22.92 -2.92
C TYR D 403 3.86 -23.30 -2.89
N ASN D 404 4.72 -22.61 -3.64
CA ASN D 404 6.07 -23.10 -3.86
C ASN D 404 6.88 -23.11 -2.57
N TRP D 405 6.89 -21.99 -1.84
CA TRP D 405 7.61 -21.96 -0.57
C TRP D 405 7.03 -22.98 0.41
N TRP D 406 5.72 -23.23 0.34
CA TRP D 406 5.11 -24.23 1.20
C TRP D 406 5.62 -25.63 0.88
N LEU D 407 5.73 -25.96 -0.41
CA LEU D 407 6.30 -27.24 -0.80
C LEU D 407 7.73 -27.39 -0.31
N PHE D 408 8.51 -26.31 -0.40
CA PHE D 408 9.88 -26.37 0.09
C PHE D 408 9.92 -26.61 1.59
N PHE D 409 9.16 -25.83 2.36
CA PHE D 409 9.12 -26.02 3.80
C PHE D 409 8.62 -27.41 4.17
N HIS D 410 7.70 -27.97 3.38
CA HIS D 410 7.18 -29.30 3.68
C HIS D 410 8.27 -30.35 3.55
N LEU D 411 9.00 -30.33 2.43
CA LEU D 411 10.12 -31.25 2.24
C LEU D 411 11.21 -31.00 3.26
N GLN D 412 11.59 -29.74 3.45
CA GLN D 412 12.66 -29.39 4.38
C GLN D 412 12.34 -29.88 5.79
N LEU D 413 11.12 -29.63 6.26
CA LEU D 413 10.73 -30.11 7.58
C LEU D 413 10.57 -31.62 7.63
N ALA D 414 10.36 -32.27 6.48
CA ALA D 414 10.37 -33.72 6.40
C ALA D 414 11.79 -34.29 6.34
N LYS D 415 12.80 -33.43 6.45
CA LYS D 415 14.21 -33.83 6.43
C LYS D 415 14.64 -34.33 5.05
N ILE D 416 14.15 -33.68 4.00
CA ILE D 416 14.58 -33.92 2.63
C ILE D 416 15.12 -32.60 2.08
N ALA D 417 16.40 -32.59 1.71
CA ALA D 417 17.05 -31.39 1.22
C ALA D 417 16.86 -31.30 -0.29
N VAL D 418 16.13 -30.29 -0.73
CA VAL D 418 16.00 -29.93 -2.14
C VAL D 418 16.54 -28.51 -2.29
N VAL D 419 16.74 -28.11 -3.53
CA VAL D 419 17.15 -26.74 -3.86
C VAL D 419 15.91 -25.93 -4.22
N PRO D 420 15.64 -24.82 -3.56
CA PRO D 420 14.56 -23.93 -4.00
C PRO D 420 15.05 -23.01 -5.11
N ILE D 421 14.23 -22.87 -6.14
CA ILE D 421 14.57 -22.09 -7.32
C ILE D 421 13.56 -20.95 -7.43
N ASP D 422 14.06 -19.71 -7.48
CA ASP D 422 13.18 -18.55 -7.46
C ASP D 422 13.96 -17.34 -7.98
N TYR D 423 13.26 -16.21 -8.03
CA TYR D 423 13.87 -14.96 -8.45
C TYR D 423 15.05 -14.63 -7.53
N PRO D 424 16.20 -14.23 -8.08
CA PRO D 424 16.51 -14.00 -9.51
C PRO D 424 16.89 -15.23 -10.33
N GLN D 425 17.03 -16.42 -9.76
CA GLN D 425 17.57 -17.55 -10.53
C GLN D 425 16.68 -17.92 -11.71
N VAL D 426 15.37 -17.69 -11.61
CA VAL D 426 14.47 -17.89 -12.72
C VAL D 426 13.56 -16.67 -12.82
N PRO D 427 12.87 -16.49 -13.95
CA PRO D 427 11.87 -15.44 -14.05
C PRO D 427 10.90 -15.46 -12.88
N LYS D 428 10.32 -14.30 -12.59
CA LYS D 428 9.60 -14.01 -11.35
C LYS D 428 8.28 -14.77 -11.22
N GLY D 429 7.92 -15.60 -12.18
CA GLY D 429 6.68 -16.36 -12.09
C GLY D 429 6.89 -17.85 -12.27
N LYS D 430 8.14 -18.27 -12.44
CA LYS D 430 8.45 -19.65 -12.76
C LYS D 430 9.17 -20.34 -11.60
N SER D 431 8.65 -20.21 -10.39
CA SER D 431 9.27 -20.80 -9.22
C SER D 431 9.00 -22.30 -9.16
N ARG D 432 9.94 -23.03 -8.58
CA ARG D 432 9.86 -24.49 -8.56
C ARG D 432 10.81 -25.02 -7.50
N VAL D 433 10.80 -26.36 -7.35
CA VAL D 433 11.72 -27.09 -6.49
C VAL D 433 12.55 -28.01 -7.36
N ARG D 434 13.87 -28.01 -7.15
CA ARG D 434 14.77 -28.84 -7.95
C ARG D 434 15.28 -30.00 -7.11
N VAL D 435 14.92 -31.22 -7.53
CA VAL D 435 15.35 -32.45 -6.88
C VAL D 435 16.43 -33.10 -7.73
N MET D 436 17.51 -33.55 -7.10
CA MET D 436 18.62 -34.20 -7.78
C MET D 436 18.73 -35.63 -7.29
N ILE D 437 18.70 -36.58 -8.21
CA ILE D 437 18.86 -38.00 -7.90
C ILE D 437 20.31 -38.38 -8.10
N HIS D 438 20.94 -38.91 -7.06
CA HIS D 438 22.35 -39.26 -7.10
C HIS D 438 22.52 -40.78 -7.10
N ALA D 439 23.71 -41.22 -7.47
CA ALA D 439 24.01 -42.65 -7.52
C ALA D 439 24.03 -43.27 -6.13
N GLY D 440 24.32 -42.46 -5.11
CA GLY D 440 24.41 -42.92 -3.73
C GLY D 440 23.12 -42.83 -2.93
N ASN D 441 22.02 -42.43 -3.55
CA ASN D 441 20.72 -42.51 -2.90
C ASN D 441 20.21 -43.95 -2.94
N THR D 442 19.13 -44.20 -2.20
CA THR D 442 18.59 -45.55 -2.09
C THR D 442 17.12 -45.56 -2.44
N GLU D 443 16.60 -46.78 -2.68
CA GLU D 443 15.18 -46.94 -2.94
C GLU D 443 14.34 -46.57 -1.73
N GLU D 444 14.86 -46.81 -0.52
CA GLU D 444 14.13 -46.41 0.68
C GLU D 444 14.00 -44.90 0.77
N GLN D 445 15.05 -44.17 0.38
CA GLN D 445 14.96 -42.71 0.36
C GLN D 445 14.02 -42.23 -0.73
N VAL D 446 14.01 -42.91 -1.88
CA VAL D 446 13.09 -42.52 -2.96
C VAL D 446 11.65 -42.77 -2.53
N ASP D 447 11.39 -43.92 -1.87
CA ASP D 447 10.07 -44.18 -1.33
C ASP D 447 9.64 -43.07 -0.36
N TYR D 448 10.57 -42.59 0.45
CA TYR D 448 10.26 -41.52 1.39
C TYR D 448 9.97 -40.20 0.66
N LEU D 449 10.64 -39.95 -0.46
CA LEU D 449 10.35 -38.76 -1.24
C LEU D 449 8.98 -38.84 -1.90
N VAL D 450 8.62 -40.00 -2.43
CA VAL D 450 7.31 -40.18 -3.04
C VAL D 450 6.21 -40.02 -2.00
N ALA D 451 6.35 -40.72 -0.87
CA ALA D 451 5.36 -40.61 0.19
C ALA D 451 5.27 -39.17 0.72
N THR D 452 6.40 -38.49 0.82
CA THR D 452 6.39 -37.11 1.29
C THR D 452 5.66 -36.19 0.31
N LEU D 453 5.86 -36.41 -1.00
CA LEU D 453 5.18 -35.57 -1.99
C LEU D 453 3.68 -35.85 -2.00
N CYS D 454 3.28 -37.10 -1.81
CA CYS D 454 1.86 -37.44 -1.86
C CYS D 454 1.12 -36.89 -0.64
N ASP D 455 1.80 -36.79 0.50
CA ASP D 455 1.20 -36.13 1.65
C ASP D 455 0.94 -34.65 1.36
N PHE D 456 1.88 -34.00 0.65
CA PHE D 456 1.70 -32.60 0.31
C PHE D 456 0.56 -32.42 -0.69
N ALA D 457 0.52 -33.25 -1.72
CA ALA D 457 -0.57 -33.19 -2.68
C ALA D 457 -1.91 -33.39 -2.00
N ASN D 458 -1.96 -34.28 -0.99
CA ASN D 458 -3.17 -34.49 -0.22
C ASN D 458 -3.55 -33.24 0.57
N GLU D 459 -2.59 -32.67 1.30
CA GLU D 459 -2.87 -31.54 2.17
C GLU D 459 -3.46 -30.37 1.39
N MET D 460 -2.98 -30.13 0.17
CA MET D 460 -3.46 -28.99 -0.60
C MET D 460 -4.78 -29.29 -1.31
N ILE D 461 -5.08 -30.56 -1.57
CA ILE D 461 -6.38 -30.90 -2.15
C ILE D 461 -7.47 -30.79 -1.10
N ASP D 462 -7.16 -31.15 0.15
CA ASP D 462 -8.12 -31.00 1.23
C ASP D 462 -8.34 -29.53 1.58
N ILE D 463 -7.32 -28.70 1.44
CA ILE D 463 -7.49 -27.26 1.64
C ILE D 463 -8.27 -26.66 0.48
N GLU D 464 -8.04 -27.16 -0.73
CA GLU D 464 -8.73 -26.67 -1.91
C GLU D 464 -10.20 -27.06 -1.94
N GLU D 465 -10.60 -28.05 -1.15
CA GLU D 465 -11.99 -28.53 -1.14
C GLU D 465 -12.74 -28.17 0.13
N GLY D 466 -12.18 -27.27 0.94
CA GLY D 466 -12.86 -26.84 2.15
C GLY D 466 -13.55 -25.50 1.99
N GLY D 470 -9.50 -20.00 3.79
CA GLY D 470 -8.08 -19.68 3.60
C GLY D 470 -7.19 -20.37 4.62
N LYS D 471 -6.94 -21.65 4.38
CA LYS D 471 -6.12 -22.46 5.28
C LYS D 471 -4.67 -22.44 4.81
N ILE D 472 -3.76 -22.65 5.76
CA ILE D 472 -2.33 -22.72 5.49
C ILE D 472 -1.84 -24.08 5.95
N PRO D 473 -1.13 -24.84 5.11
CA PRO D 473 -0.81 -26.23 5.45
C PRO D 473 0.17 -26.32 6.62
N LYS D 474 0.19 -27.53 7.22
CA LYS D 474 0.93 -27.78 8.46
C LYS D 474 2.35 -27.23 8.41
N ALA D 475 3.11 -27.65 7.42
CA ALA D 475 4.53 -27.30 7.36
C ALA D 475 4.73 -25.79 7.30
N ALA D 476 3.92 -25.11 6.49
CA ALA D 476 4.04 -23.66 6.37
C ALA D 476 3.67 -22.96 7.68
N GLN D 477 2.66 -23.48 8.39
CA GLN D 477 2.28 -22.90 9.68
C GLN D 477 3.45 -22.87 10.65
N GLU D 478 4.22 -23.97 10.70
CA GLU D 478 5.36 -24.05 11.61
C GLU D 478 6.44 -23.05 11.22
N ILE D 479 6.67 -22.88 9.92
CA ILE D 479 7.67 -21.91 9.46
C ILE D 479 7.19 -20.49 9.72
N TYR D 480 5.91 -20.22 9.43
CA TYR D 480 5.36 -18.90 9.76
C TYR D 480 5.36 -18.68 11.27
N ALA D 481 5.26 -19.75 12.06
CA ALA D 481 5.34 -19.61 13.51
C ALA D 481 6.72 -19.16 13.94
N LEU D 482 7.77 -19.75 13.36
CA LEU D 482 9.13 -19.34 13.70
C LEU D 482 9.38 -17.89 13.32
N MET D 483 8.77 -17.40 12.25
CA MET D 483 8.90 -16.00 11.88
C MET D 483 8.26 -15.10 12.94
N ALA D 484 7.05 -15.46 13.38
CA ALA D 484 6.37 -14.67 14.40
C ALA D 484 7.17 -14.57 15.69
N ALA D 485 8.13 -15.47 15.91
CA ALA D 485 9.06 -15.37 17.01
C ALA D 485 10.34 -14.65 16.60
N HIS D 486 10.92 -15.03 15.47
CA HIS D 486 12.09 -14.33 14.93
C HIS D 486 11.75 -13.63 13.62
#